data_1A7K
#
_entry.id   1A7K
#
_cell.length_a   67.900
_cell.length_b   81.000
_cell.length_c   131.900
_cell.angle_alpha   90.00
_cell.angle_beta   95.00
_cell.angle_gamma   90.00
#
_symmetry.space_group_name_H-M   'P 1 21 1'
#
loop_
_entity.id
_entity.type
_entity.pdbx_description
1 polymer 'GLYCERALDEHYDE-3-PHOSPHATE DEHYDROGENASE'
2 non-polymer 'PHOSPHATE ION'
3 non-polymer NICOTINAMIDE-ADENINE-DINUCLEOTIDE
#
_entity_poly.entity_id   1
_entity_poly.type   'polypeptide(L)'
_entity_poly.pdbx_seq_one_letter_code
;APIKVGINGFGRIGRMVFQAICDQGLIGTEIDVVAVVDMSTNAEYFAYQMKHDTVHGRPKYTVEAVKSSPSVETADVLVV
NGHRIKCVKAQRNPADLPWGKLGVDYVIESTGLFTDKLKAEGHIKGGAKKVVISAPASGGAKTIVMGVNQHEYSPASHHV
VSNASCTTNCLAPIVHVLTKENFGIETGLMTTIHSYTATQKTVDGVSLKDWRGGRAAAVNIIPSTTGAAKAVGMVIPSTK
GKLTGMSFRVPTPDVSVVDLTFRATRDTSIQEIDKAIKKAAQTYMKGILGFTDEELVSADFINDNRSSVYDSKATLQNNL
PGEKRFFKVVSWYDNEWAYSHRVVDLVRYMAAKDAASSKM
;
_entity_poly.pdbx_strand_id   A,B,C,D
#
loop_
_chem_comp.id
_chem_comp.type
_chem_comp.name
_chem_comp.formula
NAD non-polymer NICOTINAMIDE-ADENINE-DINUCLEOTIDE 'C21 H27 N7 O14 P2'
PO4 non-polymer 'PHOSPHATE ION' 'O4 P -3'
#
# COMPACT_ATOMS: atom_id res chain seq x y z
N ALA A 1 -27.87 38.06 -2.31
CA ALA A 1 -27.66 37.80 -0.85
C ALA A 1 -26.84 36.53 -0.63
N PRO A 2 -26.04 36.47 0.46
CA PRO A 2 -25.23 35.27 0.74
C PRO A 2 -26.15 34.08 0.99
N ILE A 3 -25.93 33.00 0.24
CA ILE A 3 -26.73 31.79 0.37
C ILE A 3 -26.43 31.22 1.75
N LYS A 4 -27.47 30.96 2.54
CA LYS A 4 -27.25 30.41 3.88
C LYS A 4 -27.18 28.89 3.80
N VAL A 5 -26.01 28.32 4.11
CA VAL A 5 -25.83 26.88 4.08
C VAL A 5 -25.21 26.31 5.36
N GLY A 6 -25.44 25.02 5.55
CA GLY A 6 -24.91 24.32 6.71
C GLY A 6 -24.54 22.95 6.20
N ILE A 7 -23.52 22.36 6.79
CA ILE A 7 -23.09 21.03 6.35
C ILE A 7 -23.32 20.06 7.46
N ASN A 8 -23.95 18.94 7.09
CA ASN A 8 -24.22 17.88 8.04
C ASN A 8 -23.29 16.73 7.68
N GLY A 9 -22.31 16.49 8.53
CA GLY A 9 -21.37 15.44 8.24
C GLY A 9 -20.16 16.09 7.65
N PHE A 10 -19.22 16.47 8.51
CA PHE A 10 -18.00 17.12 8.08
C PHE A 10 -16.90 16.07 7.79
N GLY A 11 -17.14 15.22 6.79
CA GLY A 11 -16.16 14.19 6.48
C GLY A 11 -15.25 14.44 5.30
N ARG A 12 -15.10 13.45 4.44
CA ARG A 12 -14.27 13.64 3.28
C ARG A 12 -15.01 14.64 2.41
N ILE A 13 -16.21 14.26 1.97
CA ILE A 13 -17.06 15.11 1.13
C ILE A 13 -17.51 16.37 1.84
N GLY A 14 -17.68 16.28 3.16
CA GLY A 14 -18.09 17.46 3.90
C GLY A 14 -16.98 18.48 3.81
N ARG A 15 -15.77 18.09 4.22
CA ARG A 15 -14.61 18.98 4.20
C ARG A 15 -14.13 19.46 2.80
N MET A 16 -14.31 18.63 1.79
CA MET A 16 -13.93 19.03 0.45
C MET A 16 -14.92 20.07 -0.05
N VAL A 17 -16.19 19.93 0.30
CA VAL A 17 -17.20 20.90 -0.14
C VAL A 17 -16.90 22.26 0.46
N PHE A 18 -16.61 22.28 1.76
CA PHE A 18 -16.28 23.51 2.46
C PHE A 18 -15.06 24.13 1.87
N GLN A 19 -14.11 23.29 1.47
CA GLN A 19 -12.87 23.76 0.88
C GLN A 19 -13.12 24.38 -0.50
N ALA A 20 -14.01 23.77 -1.27
CA ALA A 20 -14.29 24.28 -2.60
C ALA A 20 -15.01 25.60 -2.46
N ILE A 21 -15.66 25.83 -1.33
CA ILE A 21 -16.35 27.08 -1.15
C ILE A 21 -15.35 28.16 -0.78
N CYS A 22 -14.35 27.82 0.03
CA CYS A 22 -13.34 28.80 0.45
C CYS A 22 -12.30 29.14 -0.60
N ASP A 23 -11.85 28.11 -1.29
CA ASP A 23 -10.84 28.30 -2.32
C ASP A 23 -11.34 29.08 -3.54
N GLN A 24 -12.58 28.86 -3.97
CA GLN A 24 -13.12 29.58 -5.11
C GLN A 24 -13.43 31.02 -4.68
N GLY A 25 -13.27 31.31 -3.39
CA GLY A 25 -13.51 32.64 -2.87
C GLY A 25 -14.95 32.95 -2.52
N LEU A 26 -15.82 31.97 -2.73
CA LEU A 26 -17.24 32.09 -2.46
C LEU A 26 -17.62 32.34 -1.00
N ILE A 27 -16.80 31.86 -0.08
CA ILE A 27 -17.05 32.02 1.37
C ILE A 27 -17.28 33.45 1.78
N GLY A 28 -18.21 33.63 2.72
CA GLY A 28 -18.52 34.95 3.24
C GLY A 28 -19.41 35.82 2.37
N THR A 29 -19.09 35.92 1.08
CA THR A 29 -19.87 36.74 0.18
C THR A 29 -20.95 35.99 -0.62
N GLU A 30 -20.58 35.31 -1.70
CA GLU A 30 -21.56 34.58 -2.49
C GLU A 30 -22.28 33.54 -1.60
N ILE A 31 -21.51 32.67 -0.95
CA ILE A 31 -22.08 31.65 -0.07
C ILE A 31 -21.70 31.96 1.37
N ASP A 32 -22.57 31.55 2.29
CA ASP A 32 -22.40 31.80 3.71
C ASP A 32 -22.55 30.53 4.54
N VAL A 33 -21.43 29.95 4.98
CA VAL A 33 -21.46 28.73 5.77
C VAL A 33 -21.77 29.11 7.20
N VAL A 34 -22.98 28.76 7.65
CA VAL A 34 -23.46 29.07 8.99
C VAL A 34 -22.90 28.17 10.09
N ALA A 35 -23.04 26.86 9.90
CA ALA A 35 -22.57 25.89 10.87
C ALA A 35 -22.20 24.53 10.24
N VAL A 36 -21.25 23.84 10.85
CA VAL A 36 -20.87 22.51 10.39
C VAL A 36 -21.27 21.54 11.51
N VAL A 37 -21.66 20.32 11.16
CA VAL A 37 -22.10 19.38 12.17
C VAL A 37 -21.41 18.01 12.13
N ASP A 38 -20.85 17.60 13.28
CA ASP A 38 -20.20 16.29 13.37
C ASP A 38 -20.24 15.74 14.81
N MET A 39 -19.70 14.54 14.99
CA MET A 39 -19.66 13.88 16.29
C MET A 39 -19.30 14.83 17.40
N SER A 40 -18.14 15.44 17.29
CA SER A 40 -17.65 16.39 18.28
C SER A 40 -18.00 17.82 17.89
N THR A 41 -17.70 18.76 18.78
CA THR A 41 -17.95 20.17 18.51
C THR A 41 -16.68 20.93 18.84
N ASN A 42 -15.57 20.19 18.92
CA ASN A 42 -14.30 20.79 19.23
C ASN A 42 -13.76 21.45 17.97
N ALA A 43 -13.91 22.77 17.89
CA ALA A 43 -13.44 23.53 16.75
C ALA A 43 -11.96 23.29 16.55
N GLU A 44 -11.26 22.94 17.62
CA GLU A 44 -9.82 22.67 17.55
C GLU A 44 -9.51 21.44 16.71
N TYR A 45 -10.27 20.37 16.90
CA TYR A 45 -10.06 19.16 16.13
C TYR A 45 -10.45 19.46 14.69
N PHE A 46 -11.54 20.21 14.51
CA PHE A 46 -12.01 20.56 13.16
C PHE A 46 -10.91 21.29 12.46
N ALA A 47 -10.33 22.28 13.13
CA ALA A 47 -9.26 23.06 12.54
C ALA A 47 -8.10 22.17 12.11
N TYR A 48 -7.80 21.15 12.91
CA TYR A 48 -6.73 20.23 12.59
C TYR A 48 -7.09 19.42 11.35
N GLN A 49 -8.31 18.90 11.30
CA GLN A 49 -8.73 18.09 10.15
C GLN A 49 -8.73 18.95 8.90
N MET A 50 -8.94 20.25 9.09
CA MET A 50 -9.01 21.18 7.97
C MET A 50 -7.67 21.59 7.41
N LYS A 51 -6.68 21.74 8.29
CA LYS A 51 -5.35 22.18 7.90
C LYS A 51 -4.39 21.13 7.35
N HIS A 52 -4.69 19.86 7.57
CA HIS A 52 -3.81 18.82 7.07
C HIS A 52 -4.59 17.70 6.43
N ASP A 53 -4.46 17.53 5.13
CA ASP A 53 -5.17 16.45 4.45
C ASP A 53 -4.15 15.53 3.80
N THR A 54 -4.27 14.22 4.05
CA THR A 54 -3.35 13.25 3.49
C THR A 54 -3.24 13.30 1.97
N VAL A 55 -4.39 13.33 1.29
CA VAL A 55 -4.49 13.32 -0.17
C VAL A 55 -4.53 14.65 -0.90
N HIS A 56 -5.11 15.68 -0.31
CA HIS A 56 -5.21 16.98 -1.00
C HIS A 56 -4.35 18.11 -0.43
N GLY A 57 -3.51 17.81 0.55
CA GLY A 57 -2.64 18.81 1.13
C GLY A 57 -3.34 19.89 1.94
N ARG A 58 -2.60 20.94 2.30
CA ARG A 58 -3.13 22.06 3.07
C ARG A 58 -3.99 22.97 2.20
N PRO A 59 -5.18 23.34 2.69
CA PRO A 59 -6.11 24.20 1.96
C PRO A 59 -5.55 25.59 1.80
N LYS A 60 -6.11 26.35 0.88
CA LYS A 60 -5.62 27.70 0.66
C LYS A 60 -6.05 28.69 1.73
N TYR A 61 -7.25 28.53 2.28
CA TYR A 61 -7.76 29.43 3.30
C TYR A 61 -7.03 29.32 4.64
N THR A 62 -7.52 30.04 5.65
CA THR A 62 -6.94 30.01 7.01
C THR A 62 -8.07 29.71 7.98
N VAL A 63 -7.83 28.83 8.95
CA VAL A 63 -8.86 28.47 9.92
C VAL A 63 -8.37 28.58 11.35
N GLU A 64 -9.28 29.00 12.24
CA GLU A 64 -8.97 29.15 13.65
C GLU A 64 -10.14 28.69 14.48
N ALA A 65 -9.82 28.17 15.66
CA ALA A 65 -10.82 27.70 16.59
C ALA A 65 -10.87 28.66 17.76
N VAL A 66 -12.06 29.21 18.01
CA VAL A 66 -12.26 30.14 19.11
C VAL A 66 -13.49 29.73 19.89
N LYS A 67 -13.41 29.80 21.22
CA LYS A 67 -14.55 29.47 22.07
C LYS A 67 -15.32 30.79 22.17
N SER A 68 -16.63 30.74 21.93
CA SER A 68 -17.46 31.94 21.99
C SER A 68 -17.43 32.58 23.39
N SER A 69 -18.30 32.12 24.30
CA SER A 69 -18.33 32.65 25.65
C SER A 69 -17.21 31.94 26.40
N PRO A 70 -16.36 32.71 27.09
CA PRO A 70 -15.24 32.19 27.88
C PRO A 70 -15.63 31.11 28.89
N SER A 71 -16.93 30.89 29.02
CA SER A 71 -17.48 29.87 29.93
C SER A 71 -17.38 28.44 29.36
N VAL A 72 -17.37 28.33 28.03
CA VAL A 72 -17.24 27.03 27.35
C VAL A 72 -15.75 26.66 27.34
N GLU A 73 -15.42 25.43 27.74
CA GLU A 73 -14.01 25.03 27.77
C GLU A 73 -13.38 24.82 26.39
N THR A 74 -13.98 23.95 25.58
CA THR A 74 -13.47 23.66 24.24
C THR A 74 -13.99 24.69 23.26
N ALA A 75 -13.15 25.06 22.30
CA ALA A 75 -13.52 26.03 21.29
C ALA A 75 -14.70 25.46 20.50
N ASP A 76 -15.57 26.33 20.00
CA ASP A 76 -16.75 25.87 19.28
C ASP A 76 -17.13 26.68 18.05
N VAL A 77 -16.21 27.50 17.59
CA VAL A 77 -16.46 28.34 16.43
C VAL A 77 -15.20 28.43 15.58
N LEU A 78 -15.33 28.02 14.31
CA LEU A 78 -14.22 28.09 13.37
C LEU A 78 -14.21 29.49 12.77
N VAL A 79 -13.02 30.04 12.54
CA VAL A 79 -12.94 31.36 11.95
C VAL A 79 -12.15 31.24 10.67
N VAL A 80 -12.85 30.94 9.58
CA VAL A 80 -12.24 30.77 8.28
C VAL A 80 -12.27 32.06 7.47
N ASN A 81 -11.08 32.55 7.11
CA ASN A 81 -10.94 33.78 6.32
C ASN A 81 -11.85 34.91 6.80
N GLY A 82 -11.84 35.15 8.12
CA GLY A 82 -12.69 36.19 8.69
C GLY A 82 -14.15 35.84 8.48
N HIS A 83 -14.65 34.92 9.29
CA HIS A 83 -16.03 34.48 9.21
C HIS A 83 -16.30 33.42 10.29
N ARG A 84 -17.21 33.72 11.21
CA ARG A 84 -17.54 32.79 12.29
C ARG A 84 -18.49 31.68 11.83
N ILE A 85 -18.04 30.44 11.99
CA ILE A 85 -18.82 29.26 11.64
C ILE A 85 -19.02 28.52 12.95
N LYS A 86 -20.25 28.09 13.20
CA LYS A 86 -20.54 27.39 14.44
C LYS A 86 -20.43 25.89 14.36
N CYS A 87 -19.99 25.27 15.46
CA CYS A 87 -19.84 23.82 15.53
C CYS A 87 -21.04 23.22 16.25
N VAL A 88 -22.00 22.78 15.48
CA VAL A 88 -23.22 22.18 16.03
C VAL A 88 -23.00 20.73 16.42
N LYS A 89 -23.65 20.29 17.49
CA LYS A 89 -23.54 18.91 17.95
C LYS A 89 -24.44 17.99 17.10
N ALA A 90 -23.90 16.85 16.70
CA ALA A 90 -24.62 15.90 15.87
C ALA A 90 -25.90 15.36 16.49
N GLN A 91 -26.93 15.18 15.65
CA GLN A 91 -28.22 14.66 16.09
C GLN A 91 -28.53 13.34 15.41
N ARG A 92 -29.17 12.42 16.13
CA ARG A 92 -29.54 11.12 15.56
C ARG A 92 -30.60 11.29 14.48
N ASN A 93 -31.33 12.40 14.55
CA ASN A 93 -32.38 12.72 13.59
C ASN A 93 -32.23 14.15 13.09
N PRO A 94 -32.26 14.33 11.77
CA PRO A 94 -32.13 15.62 11.09
C PRO A 94 -33.09 16.68 11.60
N ALA A 95 -34.34 16.29 11.86
CA ALA A 95 -35.34 17.23 12.34
C ALA A 95 -35.02 17.82 13.70
N ASP A 96 -34.04 17.25 14.37
CA ASP A 96 -33.65 17.75 15.68
C ASP A 96 -32.63 18.88 15.60
N LEU A 97 -32.06 19.08 14.42
CA LEU A 97 -31.08 20.13 14.19
C LEU A 97 -31.71 21.52 14.11
N PRO A 98 -31.12 22.50 14.83
CA PRO A 98 -31.59 23.89 14.87
C PRO A 98 -31.37 24.73 13.59
N TRP A 99 -31.72 24.18 12.43
CA TRP A 99 -31.51 24.90 11.18
C TRP A 99 -32.23 26.24 11.11
N GLY A 100 -33.55 26.19 11.19
CA GLY A 100 -34.34 27.40 11.12
C GLY A 100 -33.88 28.49 12.07
N LYS A 101 -33.52 28.10 13.29
CA LYS A 101 -33.06 29.06 14.28
C LYS A 101 -31.77 29.70 13.79
N LEU A 102 -30.77 28.87 13.52
CA LEU A 102 -29.47 29.31 13.03
C LEU A 102 -29.56 30.22 11.81
N GLY A 103 -30.57 30.00 10.98
CA GLY A 103 -30.73 30.81 9.78
C GLY A 103 -30.10 30.12 8.60
N VAL A 104 -30.32 28.82 8.50
CA VAL A 104 -29.79 28.00 7.43
C VAL A 104 -30.92 27.63 6.48
N ASP A 105 -30.77 27.96 5.20
CA ASP A 105 -31.80 27.64 4.24
C ASP A 105 -31.47 26.41 3.44
N TYR A 106 -30.19 26.25 3.11
CA TYR A 106 -29.77 25.09 2.33
C TYR A 106 -28.89 24.16 3.15
N VAL A 107 -29.39 22.95 3.35
CA VAL A 107 -28.66 21.94 4.08
C VAL A 107 -27.97 21.00 3.12
N ILE A 108 -26.70 20.71 3.40
CA ILE A 108 -25.89 19.79 2.60
C ILE A 108 -25.81 18.51 3.43
N GLU A 109 -26.53 17.47 3.00
CA GLU A 109 -26.55 16.19 3.68
C GLU A 109 -25.40 15.27 3.28
N SER A 110 -24.38 15.25 4.13
CA SER A 110 -23.20 14.42 3.85
C SER A 110 -22.68 13.55 5.01
N THR A 111 -23.59 13.03 5.84
CA THR A 111 -23.22 12.11 6.94
C THR A 111 -23.19 10.69 6.35
N GLY A 112 -24.03 10.49 5.34
CA GLY A 112 -24.13 9.21 4.67
C GLY A 112 -25.21 8.36 5.30
N LEU A 113 -25.76 8.86 6.41
CA LEU A 113 -26.79 8.17 7.18
C LEU A 113 -28.23 8.39 6.69
N PHE A 114 -28.47 9.50 6.01
CA PHE A 114 -29.83 9.83 5.58
C PHE A 114 -30.05 9.96 4.08
N THR A 115 -29.67 8.92 3.33
CA THR A 115 -29.82 8.95 1.88
C THR A 115 -31.29 8.88 1.45
N ASP A 116 -32.20 8.64 2.39
CA ASP A 116 -33.62 8.56 2.06
C ASP A 116 -34.23 9.95 2.03
N LYS A 117 -35.09 10.17 1.04
CA LYS A 117 -35.76 11.46 0.88
C LYS A 117 -36.47 11.83 2.15
N LEU A 118 -37.20 10.86 2.69
CA LEU A 118 -37.98 11.06 3.90
C LEU A 118 -37.11 11.31 5.13
N LYS A 119 -36.00 10.58 5.27
CA LYS A 119 -35.10 10.78 6.40
C LYS A 119 -34.45 12.15 6.29
N ALA A 120 -34.26 12.57 5.04
CA ALA A 120 -33.65 13.85 4.70
C ALA A 120 -34.59 15.02 4.82
N GLU A 121 -35.91 14.78 4.71
CA GLU A 121 -36.90 15.87 4.81
C GLU A 121 -36.88 16.48 6.21
N GLY A 122 -36.31 15.73 7.15
CA GLY A 122 -36.21 16.17 8.51
C GLY A 122 -35.58 17.54 8.65
N HIS A 123 -34.60 17.86 7.81
CA HIS A 123 -33.90 19.18 7.85
C HIS A 123 -34.90 20.31 7.59
N ILE A 124 -35.86 20.04 6.70
CA ILE A 124 -36.89 21.02 6.39
C ILE A 124 -37.76 21.15 7.64
N LYS A 125 -38.05 20.02 8.27
CA LYS A 125 -38.83 19.97 9.49
C LYS A 125 -38.06 20.68 10.59
N GLY A 126 -36.74 20.73 10.44
CA GLY A 126 -35.87 21.36 11.42
C GLY A 126 -35.69 22.85 11.14
N GLY A 127 -36.32 23.33 10.07
CA GLY A 127 -36.23 24.75 9.74
C GLY A 127 -35.49 25.14 8.48
N ALA A 128 -35.22 24.17 7.62
CA ALA A 128 -34.50 24.46 6.39
C ALA A 128 -35.39 24.45 5.17
N LYS A 129 -35.01 25.28 4.19
CA LYS A 129 -35.75 25.40 2.94
C LYS A 129 -35.44 24.22 1.98
N LYS A 130 -34.17 24.09 1.58
CA LYS A 130 -33.76 23.03 0.65
C LYS A 130 -32.64 22.13 1.20
N VAL A 131 -32.59 20.88 0.75
CA VAL A 131 -31.59 19.92 1.20
C VAL A 131 -30.97 19.20 0.02
N VAL A 132 -29.63 19.16 -0.04
CA VAL A 132 -28.90 18.47 -1.10
C VAL A 132 -28.16 17.27 -0.51
N ILE A 133 -28.54 16.07 -0.92
CA ILE A 133 -27.90 14.83 -0.44
C ILE A 133 -26.70 14.47 -1.32
N SER A 134 -25.53 14.42 -0.70
CA SER A 134 -24.27 14.10 -1.39
C SER A 134 -24.09 12.62 -1.72
N ALA A 135 -25.11 12.00 -2.28
CA ALA A 135 -25.06 10.60 -2.63
C ALA A 135 -26.41 10.25 -3.23
N PRO A 136 -26.53 9.07 -3.85
CA PRO A 136 -27.80 8.66 -4.44
C PRO A 136 -28.83 8.55 -3.33
N ALA A 137 -29.87 9.35 -3.43
CA ALA A 137 -30.90 9.34 -2.43
C ALA A 137 -32.03 8.41 -2.83
N SER A 138 -32.68 7.81 -1.82
CA SER A 138 -33.81 6.93 -2.05
C SER A 138 -35.07 7.67 -1.62
N GLY A 139 -36.23 7.02 -1.81
CA GLY A 139 -37.47 7.65 -1.46
C GLY A 139 -37.89 8.57 -2.59
N GLY A 140 -37.29 8.35 -3.77
CA GLY A 140 -37.60 9.14 -4.94
C GLY A 140 -37.33 10.64 -4.79
N ALA A 141 -36.08 11.00 -4.55
CA ALA A 141 -35.67 12.41 -4.45
C ALA A 141 -35.24 12.83 -5.86
N LYS A 142 -35.02 14.12 -6.08
CA LYS A 142 -34.62 14.57 -7.42
C LYS A 142 -33.16 14.39 -7.71
N THR A 143 -32.85 13.47 -8.61
CA THR A 143 -31.46 13.20 -8.96
C THR A 143 -30.98 14.12 -10.08
N ILE A 144 -29.98 14.93 -9.78
CA ILE A 144 -29.44 15.87 -10.76
C ILE A 144 -27.92 15.73 -10.94
N VAL A 145 -27.47 15.72 -12.19
CA VAL A 145 -26.04 15.63 -12.48
C VAL A 145 -25.71 16.90 -13.28
N MET A 146 -25.06 17.86 -12.62
CA MET A 146 -24.69 19.11 -13.25
C MET A 146 -24.05 18.90 -14.61
N GLY A 147 -24.56 19.63 -15.60
CA GLY A 147 -24.07 19.51 -16.95
C GLY A 147 -24.91 18.51 -17.73
N VAL A 148 -25.90 17.93 -17.08
CA VAL A 148 -26.75 16.95 -17.75
C VAL A 148 -28.25 17.24 -17.64
N ASN A 149 -28.72 17.64 -16.46
CA ASN A 149 -30.14 17.92 -16.33
C ASN A 149 -30.47 18.87 -15.21
N GLN A 150 -29.51 19.66 -14.79
CA GLN A 150 -29.78 20.60 -13.71
C GLN A 150 -30.97 21.47 -14.02
N HIS A 151 -31.19 21.73 -15.31
CA HIS A 151 -32.31 22.57 -15.77
C HIS A 151 -33.66 21.99 -15.33
N GLU A 152 -33.71 20.66 -15.16
CA GLU A 152 -34.91 19.95 -14.72
C GLU A 152 -35.30 20.26 -13.27
N TYR A 153 -34.49 21.05 -12.57
CA TYR A 153 -34.79 21.40 -11.19
C TYR A 153 -36.05 22.23 -11.13
N SER A 154 -36.91 21.94 -10.15
CA SER A 154 -38.17 22.67 -9.93
C SER A 154 -38.23 23.27 -8.52
N PRO A 155 -38.05 24.60 -8.41
CA PRO A 155 -38.08 25.34 -7.15
C PRO A 155 -39.35 25.09 -6.34
N ALA A 156 -40.41 24.69 -7.05
CA ALA A 156 -41.71 24.43 -6.43
C ALA A 156 -41.93 22.98 -5.98
N SER A 157 -41.53 22.05 -6.84
CA SER A 157 -41.67 20.63 -6.54
C SER A 157 -40.52 20.07 -5.71
N HIS A 158 -39.33 20.20 -6.27
CA HIS A 158 -38.08 19.69 -5.69
C HIS A 158 -37.46 20.42 -4.51
N HIS A 159 -37.54 19.81 -3.33
CA HIS A 159 -36.98 20.40 -2.12
C HIS A 159 -35.86 19.57 -1.54
N VAL A 160 -35.78 18.31 -1.97
CA VAL A 160 -34.73 17.39 -1.53
C VAL A 160 -34.12 16.83 -2.82
N VAL A 161 -33.02 17.43 -3.22
CA VAL A 161 -32.29 17.05 -4.43
C VAL A 161 -31.11 16.16 -4.08
N SER A 162 -30.77 15.27 -5.00
CA SER A 162 -29.65 14.36 -4.83
C SER A 162 -28.67 14.61 -5.94
N ASN A 163 -27.41 14.77 -5.57
CA ASN A 163 -26.37 15.02 -6.54
C ASN A 163 -25.73 13.75 -7.10
N ALA A 164 -26.47 12.65 -7.10
CA ALA A 164 -25.98 11.36 -7.59
C ALA A 164 -24.67 10.99 -6.92
N SER A 165 -23.90 10.07 -7.51
CA SER A 165 -22.63 9.66 -6.92
C SER A 165 -21.47 10.13 -7.76
N CYS A 166 -20.26 9.93 -7.24
CA CYS A 166 -19.08 10.32 -7.94
C CYS A 166 -18.95 9.58 -9.26
N THR A 167 -19.20 8.27 -9.28
CA THR A 167 -19.12 7.51 -10.54
C THR A 167 -20.21 7.98 -11.47
N THR A 168 -21.37 8.36 -10.92
CA THR A 168 -22.45 8.84 -11.77
C THR A 168 -22.08 10.16 -12.37
N ASN A 169 -21.42 11.04 -11.61
CA ASN A 169 -21.01 12.33 -12.15
C ASN A 169 -19.91 12.22 -13.23
N CYS A 170 -19.35 11.03 -13.39
CA CYS A 170 -18.33 10.84 -14.40
C CYS A 170 -18.86 10.09 -15.62
N LEU A 171 -19.78 9.14 -15.41
CA LEU A 171 -20.35 8.38 -16.52
C LEU A 171 -21.44 9.21 -17.20
N ALA A 172 -22.27 9.88 -16.43
CA ALA A 172 -23.36 10.68 -17.00
C ALA A 172 -22.96 11.67 -18.09
N PRO A 173 -21.93 12.52 -17.85
CA PRO A 173 -21.55 13.47 -18.88
C PRO A 173 -21.17 12.77 -20.17
N ILE A 174 -20.47 11.63 -20.06
CA ILE A 174 -20.07 10.86 -21.23
C ILE A 174 -21.31 10.33 -21.96
N VAL A 175 -22.23 9.72 -21.22
CA VAL A 175 -23.45 9.17 -21.80
C VAL A 175 -24.23 10.31 -22.46
N HIS A 176 -24.18 11.50 -21.85
CA HIS A 176 -24.87 12.66 -22.39
C HIS A 176 -24.35 13.00 -23.79
N VAL A 177 -23.04 13.23 -23.95
CA VAL A 177 -22.55 13.57 -25.27
C VAL A 177 -22.71 12.41 -26.25
N LEU A 178 -22.66 11.17 -25.79
CA LEU A 178 -22.83 10.05 -26.71
C LEU A 178 -24.22 10.05 -27.36
N THR A 179 -25.24 10.46 -26.62
CA THR A 179 -26.59 10.50 -27.16
C THR A 179 -26.79 11.80 -27.94
N LYS A 180 -26.42 12.92 -27.33
CA LYS A 180 -26.56 14.23 -27.95
C LYS A 180 -25.80 14.34 -29.27
N GLU A 181 -24.68 13.63 -29.38
CA GLU A 181 -23.90 13.65 -30.61
C GLU A 181 -24.38 12.57 -31.55
N ASN A 182 -25.54 12.00 -31.22
CA ASN A 182 -26.20 10.98 -32.03
C ASN A 182 -25.45 9.67 -32.32
N PHE A 183 -24.57 9.25 -31.42
CA PHE A 183 -23.87 7.99 -31.61
C PHE A 183 -24.75 6.90 -31.05
N GLY A 184 -25.56 7.29 -30.07
CA GLY A 184 -26.49 6.39 -29.42
C GLY A 184 -25.92 5.16 -28.75
N ILE A 185 -26.52 4.77 -27.64
CA ILE A 185 -26.06 3.59 -26.94
C ILE A 185 -27.18 2.58 -26.84
N GLU A 186 -26.99 1.45 -27.51
CA GLU A 186 -27.95 0.35 -27.54
C GLU A 186 -27.97 -0.37 -26.21
N THR A 187 -26.84 -1.00 -25.86
CA THR A 187 -26.70 -1.72 -24.60
C THR A 187 -25.30 -1.45 -24.08
N GLY A 188 -25.20 -1.13 -22.78
CA GLY A 188 -23.90 -0.86 -22.17
C GLY A 188 -23.65 -1.42 -20.78
N LEU A 189 -22.41 -1.81 -20.54
CA LEU A 189 -21.95 -2.38 -19.27
C LEU A 189 -20.67 -1.66 -18.86
N MET A 190 -20.58 -1.24 -17.61
CA MET A 190 -19.40 -0.51 -17.16
C MET A 190 -18.78 -0.96 -15.86
N THR A 191 -17.47 -0.77 -15.74
CA THR A 191 -16.71 -1.16 -14.55
C THR A 191 -15.96 0.05 -14.09
N THR A 192 -15.85 0.28 -12.79
CA THR A 192 -15.08 1.42 -12.32
C THR A 192 -14.03 0.92 -11.34
N ILE A 193 -12.73 1.14 -11.65
CA ILE A 193 -11.61 0.75 -10.79
C ILE A 193 -11.58 1.93 -9.83
N HIS A 194 -12.16 1.73 -8.65
CA HIS A 194 -12.34 2.77 -7.66
C HIS A 194 -11.46 2.75 -6.43
N SER A 195 -11.09 3.91 -5.95
CA SER A 195 -10.26 4.00 -4.76
C SER A 195 -11.14 3.57 -3.60
N TYR A 196 -10.53 3.19 -2.48
CA TYR A 196 -11.33 2.79 -1.33
C TYR A 196 -11.85 4.03 -0.59
N THR A 197 -12.86 3.84 0.25
CA THR A 197 -13.43 4.97 0.96
C THR A 197 -13.61 4.71 2.45
N ALA A 198 -14.21 5.69 3.11
CA ALA A 198 -14.43 5.59 4.53
C ALA A 198 -15.26 4.39 4.94
N THR A 199 -16.09 3.88 4.06
CA THR A 199 -16.92 2.74 4.44
C THR A 199 -16.20 1.39 4.38
N GLN A 200 -14.92 1.37 3.99
CA GLN A 200 -14.17 0.11 3.96
C GLN A 200 -13.32 -0.10 5.21
N LYS A 201 -12.79 -1.29 5.39
CA LYS A 201 -12.02 -1.59 6.59
C LYS A 201 -10.53 -1.77 6.38
N THR A 202 -9.75 -1.29 7.33
CA THR A 202 -8.31 -1.46 7.23
C THR A 202 -7.98 -2.94 7.29
N VAL A 203 -8.66 -3.67 8.19
CA VAL A 203 -8.44 -5.12 8.32
C VAL A 203 -9.77 -5.83 8.24
N ASP A 204 -9.73 -7.13 7.95
CA ASP A 204 -10.96 -7.89 7.81
C ASP A 204 -11.91 -7.68 8.98
N GLY A 205 -13.03 -7.02 8.71
CA GLY A 205 -13.98 -6.74 9.77
C GLY A 205 -15.41 -6.97 9.31
N VAL A 206 -16.35 -6.27 9.92
CA VAL A 206 -17.75 -6.43 9.59
C VAL A 206 -18.28 -5.45 8.58
N SER A 207 -19.16 -5.97 7.72
CA SER A 207 -19.86 -5.24 6.67
C SER A 207 -21.02 -6.18 6.34
N LEU A 208 -22.00 -6.22 7.23
CA LEU A 208 -23.14 -7.12 7.04
C LEU A 208 -23.88 -6.97 5.73
N LYS A 209 -23.84 -5.77 5.16
CA LYS A 209 -24.50 -5.46 3.89
C LYS A 209 -23.81 -6.12 2.71
N ASP A 210 -22.56 -5.74 2.47
CA ASP A 210 -21.78 -6.31 1.39
C ASP A 210 -20.68 -7.11 2.02
N TRP A 211 -20.68 -8.41 1.78
CA TRP A 211 -19.68 -9.28 2.38
C TRP A 211 -18.25 -9.00 2.01
N ARG A 212 -17.99 -8.90 0.72
CA ARG A 212 -16.64 -8.65 0.20
C ARG A 212 -16.17 -7.30 0.75
N GLY A 213 -17.07 -6.32 0.69
CA GLY A 213 -16.80 -4.97 1.13
C GLY A 213 -16.27 -4.78 2.53
N GLY A 214 -16.15 -5.87 3.28
CA GLY A 214 -15.64 -5.75 4.64
C GLY A 214 -14.20 -6.15 4.78
N ARG A 215 -13.61 -6.62 3.68
CA ARG A 215 -12.23 -7.08 3.66
C ARG A 215 -11.18 -5.97 3.73
N ALA A 216 -9.93 -6.35 4.00
CA ALA A 216 -8.80 -5.42 4.10
C ALA A 216 -8.74 -4.58 2.83
N ALA A 217 -9.17 -3.34 3.00
CA ALA A 217 -9.26 -2.37 1.93
C ALA A 217 -8.05 -2.22 1.08
N ALA A 218 -6.93 -1.87 1.72
CA ALA A 218 -5.65 -1.62 1.05
C ALA A 218 -4.78 -2.86 0.75
N VAL A 219 -5.41 -4.02 0.60
CA VAL A 219 -4.61 -5.19 0.38
C VAL A 219 -5.26 -6.17 -0.61
N ASN A 220 -6.47 -5.85 -1.03
CA ASN A 220 -7.17 -6.72 -1.96
C ASN A 220 -7.82 -5.92 -3.09
N ILE A 221 -8.23 -6.65 -4.14
CA ILE A 221 -8.97 -6.07 -5.24
C ILE A 221 -10.38 -6.59 -4.86
N ILE A 222 -11.22 -5.71 -4.34
CA ILE A 222 -12.54 -6.11 -3.87
C ILE A 222 -13.66 -5.80 -4.80
N PRO A 223 -14.25 -6.82 -5.40
CA PRO A 223 -15.38 -6.61 -6.32
C PRO A 223 -16.47 -6.02 -5.48
N SER A 224 -17.20 -5.06 -6.00
CA SER A 224 -18.24 -4.41 -5.23
C SER A 224 -19.25 -3.86 -6.19
N THR A 225 -19.92 -2.79 -5.79
CA THR A 225 -20.91 -2.21 -6.64
C THR A 225 -20.79 -0.69 -6.66
N THR A 226 -21.48 -0.11 -7.64
CA THR A 226 -21.49 1.32 -7.84
C THR A 226 -22.88 1.93 -7.83
N GLY A 227 -22.96 3.15 -7.30
CA GLY A 227 -24.22 3.86 -7.24
C GLY A 227 -24.67 4.20 -8.64
N ALA A 228 -23.71 4.62 -9.46
CA ALA A 228 -23.92 4.98 -10.85
C ALA A 228 -24.72 3.98 -11.64
N ALA A 229 -24.74 2.73 -11.20
CA ALA A 229 -25.49 1.69 -11.90
C ALA A 229 -26.96 2.08 -12.08
N LYS A 230 -27.59 2.51 -10.99
CA LYS A 230 -28.98 2.93 -10.98
C LYS A 230 -29.11 4.40 -11.38
N ALA A 231 -28.46 5.28 -10.60
CA ALA A 231 -28.50 6.74 -10.81
C ALA A 231 -28.38 7.26 -12.23
N VAL A 232 -27.63 6.57 -13.07
CA VAL A 232 -27.45 7.03 -14.44
C VAL A 232 -28.79 7.18 -15.15
N GLY A 233 -29.66 6.21 -14.97
CA GLY A 233 -30.96 6.24 -15.61
C GLY A 233 -31.90 7.30 -15.10
N MET A 234 -31.76 7.66 -13.83
CA MET A 234 -32.63 8.67 -13.25
C MET A 234 -32.28 10.09 -13.73
N VAL A 235 -31.21 10.20 -14.51
CA VAL A 235 -30.77 11.49 -15.03
C VAL A 235 -30.96 11.52 -16.55
N ILE A 236 -30.65 10.39 -17.17
CA ILE A 236 -30.81 10.21 -18.61
C ILE A 236 -31.76 9.02 -18.68
N PRO A 237 -33.08 9.29 -18.64
CA PRO A 237 -34.14 8.29 -18.69
C PRO A 237 -34.07 7.39 -19.92
N SER A 238 -33.48 7.92 -20.98
CA SER A 238 -33.31 7.21 -22.24
C SER A 238 -32.51 5.91 -22.08
N THR A 239 -31.63 5.86 -21.07
CA THR A 239 -30.76 4.72 -20.82
C THR A 239 -31.29 3.68 -19.86
N LYS A 240 -32.37 4.02 -19.17
CA LYS A 240 -32.96 3.14 -18.17
C LYS A 240 -33.10 1.71 -18.69
N GLY A 241 -32.49 0.78 -17.97
CA GLY A 241 -32.55 -0.62 -18.35
C GLY A 241 -31.64 -1.01 -19.49
N LYS A 242 -30.89 -0.04 -20.02
CA LYS A 242 -29.97 -0.27 -21.15
C LYS A 242 -28.51 -0.16 -20.72
N LEU A 243 -28.30 0.08 -19.44
CA LEU A 243 -26.96 0.24 -18.93
C LEU A 243 -26.87 -0.21 -17.48
N THR A 244 -25.77 -0.87 -17.13
CA THR A 244 -25.53 -1.34 -15.77
C THR A 244 -24.05 -1.63 -15.57
N GLY A 245 -23.63 -1.90 -14.34
CA GLY A 245 -22.22 -2.18 -14.13
C GLY A 245 -21.79 -2.45 -12.71
N MET A 246 -20.49 -2.66 -12.52
CA MET A 246 -19.93 -2.98 -11.22
C MET A 246 -18.70 -2.14 -10.94
N SER A 247 -18.11 -2.30 -9.75
CA SER A 247 -16.89 -1.56 -9.45
C SER A 247 -15.92 -2.44 -8.73
N PHE A 248 -14.63 -2.24 -8.97
CA PHE A 248 -13.62 -2.99 -8.26
C PHE A 248 -12.92 -1.96 -7.38
N ARG A 249 -12.94 -2.17 -6.07
CA ARG A 249 -12.28 -1.27 -5.14
C ARG A 249 -10.83 -1.72 -5.09
N VAL A 250 -9.87 -0.80 -5.23
CA VAL A 250 -8.46 -1.15 -5.19
C VAL A 250 -7.68 -0.29 -4.21
N PRO A 251 -6.49 -0.76 -3.79
CA PRO A 251 -5.62 -0.07 -2.84
C PRO A 251 -5.06 1.32 -3.12
N THR A 252 -5.91 2.27 -3.50
CA THR A 252 -5.46 3.67 -3.75
C THR A 252 -6.37 4.57 -2.93
N PRO A 253 -5.81 5.55 -2.21
CA PRO A 253 -6.66 6.42 -1.39
C PRO A 253 -7.63 7.38 -2.08
N ASP A 254 -7.38 7.69 -3.35
CA ASP A 254 -8.23 8.64 -4.08
C ASP A 254 -7.98 8.57 -5.58
N VAL A 255 -8.98 9.02 -6.33
CA VAL A 255 -8.97 9.02 -7.80
C VAL A 255 -9.37 7.65 -8.34
N SER A 256 -10.38 7.63 -9.19
CA SER A 256 -10.89 6.38 -9.78
C SER A 256 -11.04 6.57 -11.26
N VAL A 257 -11.32 5.47 -11.96
CA VAL A 257 -11.45 5.46 -13.43
C VAL A 257 -12.65 4.63 -13.92
N VAL A 258 -13.42 5.17 -14.88
CA VAL A 258 -14.57 4.47 -15.43
C VAL A 258 -14.15 3.77 -16.70
N ASP A 259 -14.58 2.53 -16.86
CA ASP A 259 -14.21 1.77 -18.02
C ASP A 259 -15.47 1.25 -18.67
N LEU A 260 -16.08 2.10 -19.51
CA LEU A 260 -17.35 1.81 -20.23
C LEU A 260 -17.21 1.05 -21.53
N THR A 261 -18.11 0.10 -21.75
CA THR A 261 -18.13 -0.68 -22.98
C THR A 261 -19.54 -0.63 -23.47
N PHE A 262 -19.74 -0.22 -24.71
CA PHE A 262 -21.09 -0.13 -25.21
C PHE A 262 -21.16 -0.45 -26.69
N ARG A 263 -22.40 -0.55 -27.17
CA ARG A 263 -22.70 -0.84 -28.57
C ARG A 263 -23.50 0.34 -29.08
N ALA A 264 -23.00 0.98 -30.13
CA ALA A 264 -23.66 2.13 -30.72
C ALA A 264 -24.90 1.76 -31.54
N THR A 265 -25.79 2.73 -31.75
CA THR A 265 -27.00 2.51 -32.54
C THR A 265 -26.65 2.53 -34.03
N ARG A 266 -25.77 3.44 -34.42
CA ARG A 266 -25.35 3.56 -35.81
C ARG A 266 -23.88 3.21 -35.98
N ASP A 267 -23.49 2.88 -37.21
CA ASP A 267 -22.11 2.54 -37.48
C ASP A 267 -21.31 3.83 -37.29
N THR A 268 -20.12 3.68 -36.71
CA THR A 268 -19.24 4.81 -36.43
C THR A 268 -17.84 4.31 -36.11
N SER A 269 -16.93 5.22 -35.76
CA SER A 269 -15.54 4.82 -35.46
C SER A 269 -15.05 5.41 -34.15
N ILE A 270 -13.94 4.88 -33.62
CA ILE A 270 -13.42 5.39 -32.36
C ILE A 270 -12.93 6.82 -32.44
N GLN A 271 -12.43 7.21 -33.60
CA GLN A 271 -11.94 8.56 -33.84
C GLN A 271 -13.09 9.54 -33.87
N GLU A 272 -14.23 9.09 -34.39
CA GLU A 272 -15.40 9.96 -34.46
C GLU A 272 -15.80 10.30 -33.03
N ILE A 273 -15.82 9.28 -32.17
CA ILE A 273 -16.19 9.43 -30.77
C ILE A 273 -15.15 10.30 -30.10
N ASP A 274 -13.88 9.96 -30.29
CA ASP A 274 -12.81 10.72 -29.70
C ASP A 274 -12.94 12.22 -30.00
N LYS A 275 -13.20 12.55 -31.27
CA LYS A 275 -13.34 13.93 -31.74
C LYS A 275 -14.53 14.64 -31.11
N ALA A 276 -15.63 13.91 -30.97
CA ALA A 276 -16.85 14.47 -30.41
C ALA A 276 -16.74 14.78 -28.91
N ILE A 277 -16.02 13.93 -28.17
CA ILE A 277 -15.85 14.13 -26.73
C ILE A 277 -14.96 15.32 -26.48
N LYS A 278 -13.91 15.49 -27.28
CA LYS A 278 -12.98 16.62 -27.13
C LYS A 278 -13.67 17.93 -27.49
N LYS A 279 -14.54 17.86 -28.50
CA LYS A 279 -15.30 19.01 -28.98
C LYS A 279 -16.28 19.39 -27.90
N ALA A 280 -16.99 18.37 -27.41
CA ALA A 280 -17.98 18.53 -26.35
C ALA A 280 -17.33 19.10 -25.09
N ALA A 281 -16.09 18.70 -24.87
CA ALA A 281 -15.30 19.16 -23.72
C ALA A 281 -14.96 20.63 -23.83
N GLN A 282 -14.76 21.09 -25.05
CA GLN A 282 -14.38 22.47 -25.27
C GLN A 282 -15.60 23.38 -25.46
N THR A 283 -16.76 22.78 -25.67
CA THR A 283 -17.96 23.57 -25.89
C THR A 283 -19.03 23.54 -24.80
N TYR A 284 -20.03 22.69 -24.94
CA TYR A 284 -21.14 22.62 -23.99
C TYR A 284 -20.95 21.86 -22.67
N MET A 285 -19.83 21.14 -22.54
CA MET A 285 -19.55 20.40 -21.31
C MET A 285 -18.36 21.00 -20.58
N LYS A 286 -17.82 22.09 -21.10
CA LYS A 286 -16.65 22.72 -20.50
C LYS A 286 -16.83 22.84 -19.01
N GLY A 287 -15.77 22.52 -18.28
CA GLY A 287 -15.79 22.59 -16.83
C GLY A 287 -16.31 21.35 -16.14
N ILE A 288 -17.04 20.52 -16.89
CA ILE A 288 -17.62 19.29 -16.39
C ILE A 288 -16.92 18.09 -17.01
N LEU A 289 -16.88 18.05 -18.33
CA LEU A 289 -16.21 16.98 -19.02
C LEU A 289 -14.94 17.62 -19.56
N GLY A 290 -13.81 16.95 -19.39
CA GLY A 290 -12.55 17.46 -19.90
C GLY A 290 -11.88 16.25 -20.50
N PHE A 291 -10.67 16.39 -21.01
CA PHE A 291 -10.00 15.22 -21.54
C PHE A 291 -8.50 15.37 -21.42
N THR A 292 -7.78 14.35 -21.87
CA THR A 292 -6.33 14.36 -21.84
C THR A 292 -5.74 13.54 -22.95
N ASP A 293 -4.65 14.06 -23.49
CA ASP A 293 -3.93 13.39 -24.56
C ASP A 293 -2.60 12.90 -24.01
N GLU A 294 -2.43 13.02 -22.70
CA GLU A 294 -1.20 12.61 -22.05
C GLU A 294 -1.24 11.21 -21.46
N GLU A 295 -0.05 10.67 -21.22
CA GLU A 295 0.11 9.35 -20.64
C GLU A 295 0.09 9.47 -19.10
N LEU A 296 -1.08 9.81 -18.56
CA LEU A 296 -1.26 10.00 -17.13
C LEU A 296 -1.68 8.77 -16.35
N VAL A 297 -1.40 8.78 -15.05
CA VAL A 297 -1.79 7.71 -14.14
C VAL A 297 -2.60 8.34 -13.03
N SER A 298 -3.25 7.51 -12.21
CA SER A 298 -4.14 8.00 -11.14
C SER A 298 -3.72 9.24 -10.36
N ALA A 299 -2.50 9.25 -9.84
CA ALA A 299 -2.04 10.38 -9.05
C ALA A 299 -2.14 11.69 -9.80
N ASP A 300 -2.04 11.61 -11.12
CA ASP A 300 -2.10 12.83 -11.90
C ASP A 300 -3.44 13.54 -11.90
N PHE A 301 -4.52 12.88 -11.46
CA PHE A 301 -5.83 13.54 -11.41
C PHE A 301 -6.23 14.09 -10.05
N ILE A 302 -5.38 13.94 -9.05
CA ILE A 302 -5.69 14.47 -7.74
C ILE A 302 -5.87 15.96 -7.82
N ASN A 303 -6.92 16.47 -7.21
CA ASN A 303 -7.26 17.88 -7.26
C ASN A 303 -7.77 18.36 -8.61
N ASP A 304 -8.29 17.45 -9.42
CA ASP A 304 -8.86 17.83 -10.72
C ASP A 304 -10.35 17.91 -10.57
N ASN A 305 -10.88 19.14 -10.65
CA ASN A 305 -12.30 19.39 -10.49
C ASN A 305 -13.27 19.09 -11.63
N ARG A 306 -12.81 18.54 -12.73
CA ARG A 306 -13.75 18.19 -13.76
C ARG A 306 -14.49 16.93 -13.29
N SER A 307 -15.80 16.86 -13.54
CA SER A 307 -16.59 15.70 -13.16
C SER A 307 -16.10 14.42 -13.78
N SER A 308 -15.53 14.54 -14.97
CA SER A 308 -15.01 13.40 -15.75
C SER A 308 -14.03 13.89 -16.78
N VAL A 309 -12.84 13.30 -16.80
CA VAL A 309 -11.81 13.67 -17.76
C VAL A 309 -11.41 12.45 -18.58
N TYR A 310 -11.94 12.44 -19.80
CA TYR A 310 -11.74 11.40 -20.80
C TYR A 310 -10.27 11.16 -21.10
N ASP A 311 -9.91 9.89 -21.26
CA ASP A 311 -8.55 9.52 -21.55
C ASP A 311 -8.43 9.16 -23.02
N SER A 312 -7.94 10.10 -23.83
CA SER A 312 -7.82 9.88 -25.27
C SER A 312 -6.89 8.73 -25.66
N LYS A 313 -5.64 8.76 -25.22
CA LYS A 313 -4.71 7.70 -25.59
C LYS A 313 -5.17 6.30 -25.18
N ALA A 314 -5.62 6.15 -23.95
CA ALA A 314 -6.08 4.85 -23.45
C ALA A 314 -7.26 4.31 -24.28
N THR A 315 -8.17 5.19 -24.68
CA THR A 315 -9.33 4.81 -25.48
C THR A 315 -8.88 4.45 -26.86
N LEU A 316 -8.30 5.40 -27.58
CA LEU A 316 -7.83 5.19 -28.95
C LEU A 316 -6.94 3.98 -29.11
N GLN A 317 -6.07 3.75 -28.14
CA GLN A 317 -5.18 2.63 -28.23
C GLN A 317 -5.76 1.27 -27.87
N ASN A 318 -6.91 1.25 -27.17
CA ASN A 318 -7.50 -0.02 -26.74
C ASN A 318 -8.86 -0.42 -27.29
N ASN A 319 -9.08 -0.15 -28.57
CA ASN A 319 -10.32 -0.51 -29.24
C ASN A 319 -9.99 -1.32 -30.47
N LEU A 320 -10.96 -2.09 -30.97
CA LEU A 320 -10.75 -2.90 -32.17
C LEU A 320 -10.56 -1.99 -33.39
N PRO A 321 -9.59 -2.31 -34.28
CA PRO A 321 -9.23 -1.57 -35.49
C PRO A 321 -10.37 -1.52 -36.51
N GLY A 322 -10.92 -2.69 -36.81
CA GLY A 322 -12.02 -2.76 -37.73
C GLY A 322 -13.25 -2.80 -36.84
N GLU A 323 -13.76 -1.62 -36.45
CA GLU A 323 -14.93 -1.60 -35.60
C GLU A 323 -15.82 -0.40 -35.70
N LYS A 324 -17.12 -0.64 -35.82
CA LYS A 324 -18.08 0.41 -35.97
C LYS A 324 -19.17 0.45 -34.93
N ARG A 325 -19.18 -0.53 -34.03
CA ARG A 325 -20.21 -0.57 -33.00
C ARG A 325 -19.72 -0.75 -31.55
N PHE A 326 -19.01 -1.84 -31.30
CA PHE A 326 -18.46 -2.24 -29.98
C PHE A 326 -17.26 -1.39 -29.49
N PHE A 327 -17.54 -0.38 -28.66
CA PHE A 327 -16.49 0.51 -28.19
C PHE A 327 -16.26 0.54 -26.70
N LYS A 328 -15.08 1.04 -26.32
CA LYS A 328 -14.63 1.21 -24.94
C LYS A 328 -14.21 2.67 -24.76
N VAL A 329 -14.58 3.27 -23.63
CA VAL A 329 -14.25 4.66 -23.34
C VAL A 329 -13.75 4.74 -21.90
N VAL A 330 -12.46 5.05 -21.73
CA VAL A 330 -11.83 5.17 -20.42
C VAL A 330 -11.89 6.63 -19.95
N SER A 331 -12.27 6.88 -18.69
CA SER A 331 -12.33 8.24 -18.16
C SER A 331 -12.01 8.26 -16.66
N TRP A 332 -11.23 9.24 -16.22
CA TRP A 332 -10.83 9.39 -14.82
C TRP A 332 -11.65 10.43 -14.08
N TYR A 333 -11.50 10.47 -12.77
CA TYR A 333 -12.18 11.45 -11.91
C TYR A 333 -11.66 11.40 -10.50
N ASP A 334 -11.53 12.56 -9.88
CA ASP A 334 -11.09 12.57 -8.49
C ASP A 334 -12.40 12.51 -7.73
N ASN A 335 -12.73 11.34 -7.20
CA ASN A 335 -13.99 11.14 -6.49
C ASN A 335 -14.34 12.03 -5.31
N GLU A 336 -13.36 12.69 -4.72
CA GLU A 336 -13.69 13.56 -3.60
C GLU A 336 -13.70 15.01 -4.02
N TRP A 337 -12.77 15.39 -4.89
CA TRP A 337 -12.64 16.75 -5.32
C TRP A 337 -13.68 17.20 -6.34
N ALA A 338 -13.74 16.56 -7.50
CA ALA A 338 -14.70 16.92 -8.54
C ALA A 338 -16.12 16.92 -8.04
N TYR A 339 -16.52 15.79 -7.47
CA TYR A 339 -17.85 15.61 -6.92
C TYR A 339 -18.20 16.73 -5.94
N SER A 340 -17.27 17.05 -5.04
CA SER A 340 -17.52 18.11 -4.08
C SER A 340 -17.75 19.44 -4.78
N HIS A 341 -17.03 19.67 -5.87
CA HIS A 341 -17.19 20.91 -6.60
C HIS A 341 -18.57 20.95 -7.25
N ARG A 342 -19.06 19.78 -7.68
CA ARG A 342 -20.38 19.72 -8.28
C ARG A 342 -21.47 20.04 -7.28
N VAL A 343 -21.30 19.62 -6.01
CA VAL A 343 -22.31 19.91 -4.96
C VAL A 343 -22.43 21.43 -4.72
N VAL A 344 -21.30 22.14 -4.69
CA VAL A 344 -21.33 23.60 -4.50
C VAL A 344 -22.02 24.23 -5.70
N ASP A 345 -21.74 23.69 -6.89
CA ASP A 345 -22.35 24.17 -8.13
C ASP A 345 -23.87 24.04 -8.01
N LEU A 346 -24.32 22.83 -7.68
CA LEU A 346 -25.76 22.56 -7.54
C LEU A 346 -26.40 23.54 -6.56
N VAL A 347 -25.79 23.73 -5.40
CA VAL A 347 -26.33 24.63 -4.41
C VAL A 347 -26.53 26.01 -5.01
N ARG A 348 -25.46 26.61 -5.52
CA ARG A 348 -25.53 27.95 -6.11
C ARG A 348 -26.51 28.10 -7.27
N TYR A 349 -26.66 27.03 -8.06
CA TYR A 349 -27.58 27.03 -9.18
C TYR A 349 -29.02 26.92 -8.67
N MET A 350 -29.22 26.09 -7.64
CA MET A 350 -30.53 25.91 -7.05
C MET A 350 -30.96 27.23 -6.45
N ALA A 351 -30.02 27.93 -5.81
CA ALA A 351 -30.30 29.22 -5.18
C ALA A 351 -30.69 30.24 -6.22
N ALA A 352 -30.19 30.08 -7.44
CA ALA A 352 -30.52 31.00 -8.52
C ALA A 352 -31.98 30.83 -8.95
N LYS A 353 -32.41 29.58 -9.14
CA LYS A 353 -33.79 29.28 -9.54
C LYS A 353 -34.76 29.54 -8.39
N ASP A 354 -34.26 29.49 -7.16
CA ASP A 354 -35.08 29.72 -5.96
C ASP A 354 -35.32 31.22 -5.78
N ALA A 355 -34.42 32.02 -6.34
CA ALA A 355 -34.53 33.49 -6.27
C ALA A 355 -35.55 33.95 -7.31
N ALA A 356 -35.64 33.19 -8.41
CA ALA A 356 -36.62 33.50 -9.43
C ALA A 356 -37.97 33.13 -8.80
N SER A 357 -38.11 31.85 -8.40
CA SER A 357 -39.32 31.35 -7.78
C SER A 357 -39.21 31.24 -6.24
N SER A 358 -39.22 30.02 -5.72
CA SER A 358 -39.15 29.78 -4.26
C SER A 358 -38.46 28.46 -3.89
N ALA B 1 -11.85 -31.98 32.82
CA ALA B 1 -13.12 -31.58 32.15
C ALA B 1 -12.89 -30.44 31.16
N PRO B 2 -13.75 -30.33 30.12
CA PRO B 2 -13.64 -29.27 29.11
C PRO B 2 -13.86 -27.90 29.75
N ILE B 3 -12.90 -27.00 29.54
CA ILE B 3 -13.00 -25.64 30.07
C ILE B 3 -14.13 -24.95 29.34
N LYS B 4 -15.06 -24.38 30.08
CA LYS B 4 -16.18 -23.70 29.45
C LYS B 4 -15.80 -22.25 29.16
N VAL B 5 -15.75 -21.91 27.88
CA VAL B 5 -15.38 -20.56 27.48
C VAL B 5 -16.31 -19.94 26.44
N GLY B 6 -16.36 -18.62 26.46
CA GLY B 6 -17.17 -17.86 25.54
C GLY B 6 -16.35 -16.68 25.06
N ILE B 7 -16.57 -16.29 23.80
CA ILE B 7 -15.86 -15.17 23.21
C ILE B 7 -16.81 -13.99 23.05
N ASN B 8 -16.38 -12.84 23.56
CA ASN B 8 -17.15 -11.61 23.42
C ASN B 8 -16.32 -10.69 22.46
N GLY B 9 -16.86 -10.42 21.28
CA GLY B 9 -16.13 -9.64 20.30
C GLY B 9 -15.37 -10.60 19.40
N PHE B 10 -16.03 -11.07 18.33
CA PHE B 10 -15.46 -12.03 17.37
C PHE B 10 -14.70 -11.33 16.23
N GLY B 11 -13.70 -10.52 16.60
CA GLY B 11 -12.94 -9.77 15.63
C GLY B 11 -11.64 -10.39 15.16
N ARG B 12 -10.59 -9.57 15.11
CA ARG B 12 -9.30 -10.05 14.68
C ARG B 12 -8.77 -10.97 15.76
N ILE B 13 -8.76 -10.48 17.00
CA ILE B 13 -8.27 -11.27 18.12
C ILE B 13 -9.30 -12.31 18.52
N GLY B 14 -10.56 -11.98 18.37
CA GLY B 14 -11.61 -12.93 18.69
C GLY B 14 -11.43 -14.18 17.86
N ARG B 15 -11.48 -14.04 16.54
CA ARG B 15 -11.34 -15.17 15.64
C ARG B 15 -9.98 -15.86 15.66
N MET B 16 -8.91 -15.11 15.96
CA MET B 16 -7.58 -15.72 15.99
C MET B 16 -7.44 -16.62 17.21
N VAL B 17 -8.09 -16.23 18.32
CA VAL B 17 -8.08 -17.02 19.54
C VAL B 17 -8.82 -18.34 19.29
N PHE B 18 -10.01 -18.25 18.72
CA PHE B 18 -10.81 -19.41 18.40
C PHE B 18 -10.08 -20.32 17.43
N GLN B 19 -9.25 -19.72 16.59
CA GLN B 19 -8.51 -20.50 15.62
C GLN B 19 -7.37 -21.24 16.27
N ALA B 20 -6.73 -20.61 17.24
CA ALA B 20 -5.61 -21.22 17.96
C ALA B 20 -6.18 -22.42 18.75
N ILE B 21 -7.43 -22.29 19.16
CA ILE B 21 -8.12 -23.33 19.91
C ILE B 21 -8.43 -24.52 19.00
N CYS B 22 -9.00 -24.26 17.82
CA CYS B 22 -9.33 -25.35 16.90
C CYS B 22 -8.10 -26.00 16.26
N ASP B 23 -7.08 -25.20 15.99
CA ASP B 23 -5.89 -25.73 15.35
C ASP B 23 -4.98 -26.52 16.28
N GLN B 24 -4.85 -26.10 17.53
CA GLN B 24 -4.03 -26.83 18.46
C GLN B 24 -4.74 -28.12 18.87
N GLY B 25 -5.95 -28.33 18.33
CA GLY B 25 -6.75 -29.51 18.63
C GLY B 25 -7.56 -29.45 19.91
N LEU B 26 -7.35 -28.40 20.72
CA LEU B 26 -8.03 -28.19 21.99
C LEU B 26 -9.55 -28.13 21.93
N ILE B 27 -10.10 -27.71 20.79
CA ILE B 27 -11.55 -27.59 20.65
C ILE B 27 -12.27 -28.89 20.97
N GLY B 28 -13.39 -28.75 21.69
CA GLY B 28 -14.20 -29.90 22.06
C GLY B 28 -13.80 -30.69 23.29
N THR B 29 -12.52 -31.04 23.40
CA THR B 29 -12.04 -31.81 24.52
C THR B 29 -11.41 -30.95 25.60
N GLU B 30 -10.18 -30.51 25.38
CA GLU B 30 -9.51 -29.70 26.38
C GLU B 30 -10.32 -28.44 26.66
N ILE B 31 -10.61 -27.67 25.61
CA ILE B 31 -11.40 -26.43 25.74
C ILE B 31 -12.73 -26.59 25.03
N ASP B 32 -13.72 -25.90 25.55
CA ASP B 32 -15.06 -25.98 25.02
C ASP B 32 -15.65 -24.60 24.81
N VAL B 33 -15.71 -24.20 23.55
CA VAL B 33 -16.25 -22.89 23.19
C VAL B 33 -17.77 -23.05 23.12
N VAL B 34 -18.46 -22.40 24.06
CA VAL B 34 -19.91 -22.46 24.14
C VAL B 34 -20.65 -21.53 23.17
N ALA B 35 -20.22 -20.28 23.14
CA ALA B 35 -20.85 -19.30 22.25
C ALA B 35 -19.91 -18.15 21.90
N VAL B 36 -20.14 -17.55 20.73
CA VAL B 36 -19.36 -16.41 20.27
C VAL B 36 -20.33 -15.24 20.14
N VAL B 37 -19.85 -14.05 20.49
CA VAL B 37 -20.70 -12.86 20.49
C VAL B 37 -20.21 -11.69 19.61
N ASP B 38 -21.09 -11.21 18.74
CA ASP B 38 -20.78 -10.07 17.88
C ASP B 38 -22.05 -9.37 17.45
N MET B 39 -21.88 -8.27 16.71
CA MET B 39 -22.97 -7.46 16.19
C MET B 39 -24.16 -8.26 15.66
N SER B 40 -23.87 -9.16 14.72
CA SER B 40 -24.89 -10.02 14.13
C SER B 40 -24.87 -11.41 14.79
N THR B 41 -25.82 -12.26 14.44
CA THR B 41 -25.87 -13.61 14.97
C THR B 41 -26.04 -14.54 13.78
N ASN B 42 -25.69 -14.05 12.58
CA ASN B 42 -25.80 -14.84 11.36
C ASN B 42 -24.59 -15.76 11.28
N ALA B 43 -24.79 -17.03 11.62
CA ALA B 43 -23.70 -17.99 11.59
C ALA B 43 -23.10 -18.10 10.21
N GLU B 44 -23.89 -17.78 9.19
CA GLU B 44 -23.39 -17.82 7.81
C GLU B 44 -22.27 -16.78 7.61
N TYR B 45 -22.51 -15.55 8.04
CA TYR B 45 -21.51 -14.49 7.92
C TYR B 45 -20.27 -14.88 8.71
N PHE B 46 -20.50 -15.47 9.88
CA PHE B 46 -19.42 -15.94 10.75
C PHE B 46 -18.63 -17.00 10.02
N ALA B 47 -19.35 -17.92 9.39
CA ALA B 47 -18.72 -18.98 8.65
C ALA B 47 -17.72 -18.37 7.68
N TYR B 48 -18.21 -17.36 6.96
CA TYR B 48 -17.42 -16.61 5.96
C TYR B 48 -16.19 -15.90 6.54
N GLN B 49 -16.35 -15.21 7.66
CA GLN B 49 -15.22 -14.53 8.28
C GLN B 49 -14.19 -15.55 8.77
N MET B 50 -14.64 -16.76 9.00
CA MET B 50 -13.75 -17.80 9.50
C MET B 50 -12.99 -18.54 8.41
N LYS B 51 -13.65 -18.76 7.27
CA LYS B 51 -13.05 -19.49 6.15
C LYS B 51 -12.01 -18.78 5.30
N HIS B 52 -12.10 -17.46 5.18
CA HIS B 52 -11.15 -16.67 4.38
C HIS B 52 -10.61 -15.49 5.14
N ASP B 53 -9.31 -15.52 5.44
CA ASP B 53 -8.67 -14.42 6.17
C ASP B 53 -7.59 -13.82 5.27
N THR B 54 -7.65 -12.52 5.02
CA THR B 54 -6.65 -11.85 4.17
C THR B 54 -5.20 -12.19 4.57
N VAL B 55 -4.87 -11.99 5.84
CA VAL B 55 -3.51 -12.22 6.33
C VAL B 55 -3.08 -13.62 6.73
N HIS B 56 -4.01 -14.42 7.25
CA HIS B 56 -3.61 -15.75 7.73
C HIS B 56 -4.05 -16.95 6.89
N GLY B 57 -4.81 -16.69 5.85
CA GLY B 57 -5.27 -17.78 5.00
C GLY B 57 -6.38 -18.56 5.65
N ARG B 58 -6.81 -19.63 4.96
CA ARG B 58 -7.88 -20.51 5.42
C ARG B 58 -7.46 -21.35 6.63
N PRO B 59 -8.29 -21.37 7.68
CA PRO B 59 -8.02 -22.14 8.91
C PRO B 59 -8.00 -23.63 8.62
N LYS B 60 -7.33 -24.38 9.49
CA LYS B 60 -7.24 -25.81 9.28
C LYS B 60 -8.54 -26.58 9.56
N TYR B 61 -9.36 -26.08 10.49
CA TYR B 61 -10.63 -26.73 10.84
C TYR B 61 -11.69 -26.67 9.74
N THR B 62 -12.94 -27.01 10.08
CA THR B 62 -14.07 -26.97 9.13
C THR B 62 -15.25 -26.31 9.85
N VAL B 63 -15.84 -25.30 9.22
CA VAL B 63 -16.95 -24.58 9.85
C VAL B 63 -18.23 -24.64 9.03
N GLU B 64 -19.37 -24.70 9.74
CA GLU B 64 -20.70 -24.74 9.14
C GLU B 64 -21.71 -23.94 9.92
N ALA B 65 -22.67 -23.36 9.21
CA ALA B 65 -23.71 -22.57 9.85
C ALA B 65 -25.01 -23.34 9.72
N VAL B 66 -25.64 -23.59 10.86
CA VAL B 66 -26.89 -24.33 10.89
C VAL B 66 -27.88 -23.62 11.78
N LYS B 67 -29.13 -23.54 11.33
CA LYS B 67 -30.17 -22.91 12.12
C LYS B 67 -30.71 -23.99 13.03
N SER B 68 -30.75 -23.73 14.32
CA SER B 68 -31.26 -24.69 15.29
C SER B 68 -32.72 -25.07 14.96
N SER B 69 -33.68 -24.33 15.51
CA SER B 69 -35.08 -24.63 15.22
C SER B 69 -35.39 -24.05 13.86
N PRO B 70 -35.95 -24.87 12.97
CA PRO B 70 -36.32 -24.50 11.60
C PRO B 70 -37.16 -23.23 11.52
N SER B 71 -37.56 -22.72 12.68
CA SER B 71 -38.36 -21.50 12.77
C SER B 71 -37.54 -20.21 12.58
N VAL B 72 -36.27 -20.27 13.00
CA VAL B 72 -35.37 -19.14 12.85
C VAL B 72 -34.96 -19.10 11.38
N GLU B 73 -34.94 -17.91 10.80
CA GLU B 73 -34.56 -17.76 9.39
C GLU B 73 -33.05 -17.88 9.13
N THR B 74 -32.27 -17.05 9.80
CA THR B 74 -30.82 -17.05 9.63
C THR B 74 -30.20 -18.06 10.56
N ALA B 75 -29.17 -18.73 10.06
CA ALA B 75 -28.48 -19.74 10.84
C ALA B 75 -27.99 -19.04 12.10
N ASP B 76 -27.83 -19.80 13.18
CA ASP B 76 -27.37 -19.22 14.44
C ASP B 76 -26.45 -20.15 15.22
N VAL B 77 -25.94 -21.19 14.57
CA VAL B 77 -25.04 -22.14 15.22
C VAL B 77 -23.89 -22.57 14.31
N LEU B 78 -22.66 -22.35 14.79
CA LEU B 78 -21.47 -22.75 14.04
C LEU B 78 -21.13 -24.18 14.43
N VAL B 79 -20.77 -24.98 13.44
CA VAL B 79 -20.42 -26.36 13.67
C VAL B 79 -18.97 -26.59 13.28
N VAL B 80 -18.06 -26.23 14.16
CA VAL B 80 -16.63 -26.38 13.91
C VAL B 80 -16.14 -27.75 14.35
N ASN B 81 -15.65 -28.54 13.40
CA ASN B 81 -15.13 -29.89 13.66
C ASN B 81 -15.98 -30.78 14.61
N GLY B 82 -17.29 -30.81 14.37
CA GLY B 82 -18.19 -31.58 15.22
C GLY B 82 -18.27 -30.95 16.59
N HIS B 83 -19.07 -29.89 16.67
CA HIS B 83 -19.25 -29.16 17.91
C HIS B 83 -20.14 -27.94 17.66
N ARG B 84 -21.29 -27.89 18.33
CA ARG B 84 -22.23 -26.78 18.19
C ARG B 84 -21.88 -25.57 19.06
N ILE B 85 -21.63 -24.44 18.40
CA ILE B 85 -21.29 -23.18 19.05
C ILE B 85 -22.45 -22.25 18.76
N LYS B 86 -22.88 -21.51 19.78
CA LYS B 86 -23.99 -20.58 19.67
C LYS B 86 -23.60 -19.15 19.30
N CYS B 87 -24.45 -18.51 18.49
CA CYS B 87 -24.23 -17.14 18.08
C CYS B 87 -25.17 -16.27 18.91
N VAL B 88 -24.63 -15.71 19.98
CA VAL B 88 -25.38 -14.86 20.89
C VAL B 88 -25.36 -13.43 20.38
N LYS B 89 -26.43 -12.69 20.64
CA LYS B 89 -26.52 -11.29 20.22
C LYS B 89 -25.74 -10.37 21.16
N ALA B 90 -25.04 -9.41 20.57
CA ALA B 90 -24.22 -8.45 21.32
C ALA B 90 -25.02 -7.59 22.31
N GLN B 91 -24.47 -7.37 23.50
CA GLN B 91 -25.12 -6.56 24.52
C GLN B 91 -24.27 -5.34 24.83
N ARG B 92 -24.95 -4.22 25.05
CA ARG B 92 -24.28 -2.95 25.36
C ARG B 92 -23.55 -3.04 26.71
N ASN B 93 -24.05 -3.94 27.57
CA ASN B 93 -23.49 -4.12 28.88
C ASN B 93 -23.17 -5.61 29.04
N PRO B 94 -21.96 -5.93 29.53
CA PRO B 94 -21.50 -7.30 29.75
C PRO B 94 -22.41 -8.11 30.66
N ALA B 95 -22.87 -7.49 31.73
CA ALA B 95 -23.73 -8.12 32.71
C ALA B 95 -25.10 -8.56 32.16
N ASP B 96 -25.35 -8.23 30.89
CA ASP B 96 -26.62 -8.60 30.27
C ASP B 96 -26.50 -9.89 29.46
N LEU B 97 -25.27 -10.35 29.26
CA LEU B 97 -25.02 -11.59 28.53
C LEU B 97 -25.45 -12.81 29.36
N PRO B 98 -25.99 -13.85 28.70
CA PRO B 98 -26.44 -15.09 29.35
C PRO B 98 -25.33 -16.13 29.64
N TRP B 99 -24.21 -15.66 30.20
CA TRP B 99 -23.08 -16.55 30.52
C TRP B 99 -23.45 -17.67 31.46
N GLY B 100 -23.91 -17.29 32.66
CA GLY B 100 -24.32 -18.25 33.66
C GLY B 100 -25.29 -19.27 33.11
N LYS B 101 -26.30 -18.82 32.35
CA LYS B 101 -27.27 -19.73 31.78
C LYS B 101 -26.54 -20.68 30.83
N LEU B 102 -25.91 -20.10 29.81
CA LEU B 102 -25.16 -20.86 28.80
C LEU B 102 -24.26 -21.94 29.40
N GLY B 103 -23.65 -21.63 30.52
CA GLY B 103 -22.76 -22.57 31.17
C GLY B 103 -21.34 -22.20 30.82
N VAL B 104 -21.07 -20.90 30.84
CA VAL B 104 -19.76 -20.37 30.51
C VAL B 104 -19.06 -19.92 31.79
N ASP B 105 -17.86 -20.43 32.01
CA ASP B 105 -17.09 -20.08 33.22
C ASP B 105 -15.99 -19.04 32.98
N TYR B 106 -15.38 -19.13 31.81
CA TYR B 106 -14.33 -18.19 31.45
C TYR B 106 -14.72 -17.38 30.22
N VAL B 107 -14.88 -16.07 30.42
CA VAL B 107 -15.23 -15.17 29.33
C VAL B 107 -13.97 -14.49 28.83
N ILE B 108 -13.81 -14.49 27.51
CA ILE B 108 -12.67 -13.83 26.84
C ILE B 108 -13.25 -12.53 26.32
N GLU B 109 -12.84 -11.44 26.97
CA GLU B 109 -13.29 -10.11 26.61
C GLU B 109 -12.41 -9.54 25.49
N SER B 110 -12.93 -9.58 24.25
CA SER B 110 -12.21 -9.08 23.07
C SER B 110 -12.98 -8.14 22.11
N THR B 111 -13.90 -7.35 22.67
CA THR B 111 -14.64 -6.41 21.85
C THR B 111 -13.85 -5.11 21.88
N GLY B 112 -13.00 -4.98 22.90
CA GLY B 112 -12.17 -3.80 23.04
C GLY B 112 -12.91 -2.67 23.73
N LEU B 113 -14.20 -2.86 24.00
CA LEU B 113 -15.00 -1.81 24.63
C LEU B 113 -14.99 -1.83 26.13
N PHE B 114 -14.53 -2.93 26.71
CA PHE B 114 -14.56 -3.05 28.14
C PHE B 114 -13.20 -3.34 28.77
N THR B 115 -12.22 -2.48 28.52
CA THR B 115 -10.89 -2.70 29.09
C THR B 115 -10.86 -2.44 30.59
N ASP B 116 -11.92 -1.84 31.13
CA ASP B 116 -12.00 -1.52 32.56
C ASP B 116 -12.40 -2.73 33.39
N LYS B 117 -11.71 -2.92 34.52
CA LYS B 117 -11.94 -4.05 35.41
C LYS B 117 -13.38 -4.11 35.85
N LEU B 118 -13.92 -2.94 36.15
CA LEU B 118 -15.29 -2.81 36.59
C LEU B 118 -16.32 -3.06 35.48
N LYS B 119 -16.03 -2.56 34.27
CA LYS B 119 -16.93 -2.77 33.13
C LYS B 119 -16.93 -4.24 32.74
N ALA B 120 -15.78 -4.89 32.94
CA ALA B 120 -15.60 -6.30 32.62
C ALA B 120 -16.10 -7.25 33.71
N GLU B 121 -16.27 -6.74 34.94
CA GLU B 121 -16.79 -7.55 36.05
C GLU B 121 -18.23 -7.96 35.75
N GLY B 122 -18.86 -7.20 34.86
CA GLY B 122 -20.23 -7.48 34.46
C GLY B 122 -20.42 -8.88 33.94
N HIS B 123 -19.35 -9.48 33.40
CA HIS B 123 -19.44 -10.85 32.90
C HIS B 123 -19.70 -11.81 34.06
N ILE B 124 -19.03 -11.56 35.18
CA ILE B 124 -19.19 -12.37 36.36
C ILE B 124 -20.63 -12.17 36.83
N LYS B 125 -21.07 -10.91 36.82
CA LYS B 125 -22.43 -10.55 37.22
C LYS B 125 -23.43 -11.15 36.23
N GLY B 126 -22.93 -11.59 35.08
CA GLY B 126 -23.77 -12.18 34.08
C GLY B 126 -23.78 -13.69 34.24
N GLY B 127 -23.03 -14.17 35.21
CA GLY B 127 -22.96 -15.59 35.49
C GLY B 127 -21.66 -16.30 35.16
N ALA B 128 -20.57 -15.55 35.01
CA ALA B 128 -19.28 -16.13 34.67
C ALA B 128 -18.29 -16.10 35.82
N LYS B 129 -17.46 -17.14 35.89
CA LYS B 129 -16.47 -17.26 36.94
C LYS B 129 -15.32 -16.29 36.72
N LYS B 130 -14.52 -16.55 35.69
CA LYS B 130 -13.37 -15.70 35.36
C LYS B 130 -13.48 -15.01 33.99
N VAL B 131 -12.77 -13.89 33.88
CA VAL B 131 -12.74 -13.08 32.66
C VAL B 131 -11.29 -12.70 32.31
N VAL B 132 -10.92 -12.89 31.02
CA VAL B 132 -9.59 -12.52 30.51
C VAL B 132 -9.73 -11.44 29.40
N ILE B 133 -9.25 -10.25 29.72
CA ILE B 133 -9.30 -9.12 28.82
C ILE B 133 -8.10 -9.17 27.87
N SER B 134 -8.38 -9.24 26.56
CA SER B 134 -7.35 -9.28 25.50
C SER B 134 -6.76 -7.91 25.22
N ALA B 135 -6.32 -7.22 26.26
CA ALA B 135 -5.78 -5.88 26.13
C ALA B 135 -5.50 -5.32 27.52
N PRO B 136 -4.60 -4.33 27.62
CA PRO B 136 -4.32 -3.75 28.93
C PRO B 136 -5.62 -3.23 29.55
N ALA B 137 -5.95 -3.82 30.69
CA ALA B 137 -7.15 -3.49 31.45
C ALA B 137 -6.90 -2.37 32.45
N SER B 138 -7.92 -1.53 32.63
CA SER B 138 -7.85 -0.43 33.58
C SER B 138 -8.67 -0.83 34.80
N GLY B 139 -8.63 0.01 35.84
CA GLY B 139 -9.37 -0.31 37.05
C GLY B 139 -8.60 -1.27 37.93
N GLY B 140 -7.30 -1.37 37.66
CA GLY B 140 -6.44 -2.26 38.43
C GLY B 140 -6.75 -3.75 38.40
N ALA B 141 -6.81 -4.35 37.21
CA ALA B 141 -7.06 -5.79 37.14
C ALA B 141 -5.67 -6.42 37.19
N LYS B 142 -5.59 -7.74 37.12
CA LYS B 142 -4.29 -8.42 37.18
C LYS B 142 -3.64 -8.58 35.81
N THR B 143 -2.52 -7.89 35.59
CA THR B 143 -1.79 -7.95 34.32
C THR B 143 -0.78 -9.09 34.33
N ILE B 144 -1.01 -10.07 33.46
CA ILE B 144 -0.12 -11.24 33.37
C ILE B 144 0.43 -11.48 31.94
N VAL B 145 1.76 -11.63 31.83
CA VAL B 145 2.45 -11.90 30.56
C VAL B 145 3.08 -13.30 30.60
N MET B 146 2.42 -14.28 30.00
CA MET B 146 2.91 -15.68 29.98
C MET B 146 4.40 -15.77 29.71
N GLY B 147 5.09 -16.50 30.58
CA GLY B 147 6.52 -16.65 30.47
C GLY B 147 7.27 -15.67 31.35
N VAL B 148 6.53 -14.73 31.94
CA VAL B 148 7.15 -13.74 32.82
C VAL B 148 6.62 -13.74 34.27
N ASN B 149 5.29 -13.86 34.46
CA ASN B 149 4.69 -13.84 35.79
C ASN B 149 3.33 -14.53 35.90
N GLN B 150 3.02 -15.47 35.03
CA GLN B 150 1.73 -16.14 35.13
C GLN B 150 1.57 -16.81 36.48
N HIS B 151 2.69 -17.22 37.07
CA HIS B 151 2.67 -17.86 38.37
C HIS B 151 2.01 -16.96 39.42
N GLU B 152 2.15 -15.64 39.28
CA GLU B 152 1.56 -14.64 40.20
C GLU B 152 0.03 -14.64 40.25
N TYR B 153 -0.61 -15.45 39.41
CA TYR B 153 -2.06 -15.52 39.38
C TYR B 153 -2.61 -16.08 40.70
N SER B 154 -3.72 -15.51 41.16
CA SER B 154 -4.33 -15.95 42.40
C SER B 154 -5.79 -16.36 42.18
N PRO B 155 -6.06 -17.67 42.15
CA PRO B 155 -7.42 -18.18 41.94
C PRO B 155 -8.44 -17.59 42.89
N ALA B 156 -7.97 -16.97 43.95
CA ALA B 156 -8.85 -16.39 44.94
C ALA B 156 -9.06 -14.90 44.78
N SER B 157 -7.97 -14.17 44.59
CA SER B 157 -8.04 -12.71 44.46
C SER B 157 -8.43 -12.31 43.04
N HIS B 158 -7.62 -12.76 42.10
CA HIS B 158 -7.77 -12.45 40.68
C HIS B 158 -8.90 -13.13 39.91
N HIS B 159 -9.90 -12.33 39.51
CA HIS B 159 -11.04 -12.84 38.75
C HIS B 159 -11.21 -12.16 37.39
N VAL B 160 -10.48 -11.06 37.20
CA VAL B 160 -10.50 -10.29 35.97
C VAL B 160 -9.03 -10.05 35.61
N VAL B 161 -8.49 -10.94 34.80
CA VAL B 161 -7.10 -10.91 34.36
C VAL B 161 -6.92 -10.27 32.98
N SER B 162 -5.82 -9.56 32.81
CA SER B 162 -5.50 -8.89 31.55
C SER B 162 -4.23 -9.48 30.95
N ASN B 163 -4.31 -9.90 29.69
CA ASN B 163 -3.18 -10.50 28.98
C ASN B 163 -2.23 -9.48 28.35
N ALA B 164 -2.27 -8.26 28.87
CA ALA B 164 -1.43 -7.19 28.35
C ALA B 164 -1.71 -6.91 26.86
N SER B 165 -0.73 -6.30 26.18
CA SER B 165 -0.85 -5.98 24.77
C SER B 165 0.14 -6.73 23.91
N CYS B 166 -0.06 -6.71 22.60
CA CYS B 166 0.84 -7.41 21.67
C CYS B 166 2.29 -6.96 21.83
N THR B 167 2.51 -5.66 21.88
CA THR B 167 3.85 -5.14 22.05
C THR B 167 4.38 -5.57 23.42
N THR B 168 3.52 -5.57 24.44
CA THR B 168 3.91 -5.97 25.79
C THR B 168 4.32 -7.44 25.80
N ASN B 169 3.55 -8.30 25.17
CA ASN B 169 3.94 -9.70 25.13
C ASN B 169 5.27 -9.88 24.37
N CYS B 170 5.75 -8.82 23.73
CA CYS B 170 7.00 -8.88 22.97
C CYS B 170 8.15 -8.28 23.74
N LEU B 171 7.91 -7.14 24.37
CA LEU B 171 8.96 -6.49 25.16
C LEU B 171 9.23 -7.19 26.49
N ALA B 172 8.19 -7.58 27.23
CA ALA B 172 8.36 -8.25 28.55
C ALA B 172 9.32 -9.47 28.55
N PRO B 173 9.10 -10.47 27.68
CA PRO B 173 10.02 -11.62 27.68
C PRO B 173 11.46 -11.16 27.54
N ILE B 174 11.68 -10.13 26.73
CA ILE B 174 13.02 -9.57 26.52
C ILE B 174 13.56 -8.89 27.80
N VAL B 175 12.71 -8.08 28.45
CA VAL B 175 13.12 -7.40 29.68
C VAL B 175 13.33 -8.46 30.75
N HIS B 176 12.60 -9.56 30.66
CA HIS B 176 12.74 -10.63 31.64
C HIS B 176 14.14 -11.23 31.61
N VAL B 177 14.53 -11.86 30.50
CA VAL B 177 15.86 -12.45 30.48
C VAL B 177 16.95 -11.41 30.69
N LEU B 178 16.69 -10.16 30.36
CA LEU B 178 17.70 -9.12 30.56
C LEU B 178 18.02 -8.95 32.05
N THR B 179 17.00 -9.03 32.89
CA THR B 179 17.24 -8.89 34.31
C THR B 179 17.63 -10.22 34.91
N LYS B 180 16.93 -11.29 34.51
CA LYS B 180 17.21 -12.62 35.04
C LYS B 180 18.64 -13.07 34.78
N GLU B 181 19.21 -12.65 33.65
CA GLU B 181 20.59 -13.01 33.30
C GLU B 181 21.59 -11.97 33.84
N ASN B 182 21.12 -11.11 34.73
CA ASN B 182 21.94 -10.09 35.37
C ASN B 182 22.60 -9.03 34.52
N PHE B 183 21.97 -8.66 33.40
CA PHE B 183 22.51 -7.59 32.56
C PHE B 183 21.98 -6.27 33.07
N GLY B 184 20.80 -6.33 33.69
CA GLY B 184 20.16 -5.18 34.29
C GLY B 184 19.90 -3.98 33.41
N ILE B 185 18.73 -3.39 33.55
CA ILE B 185 18.42 -2.23 32.75
C ILE B 185 18.23 -0.97 33.58
N GLU B 186 19.18 -0.06 33.42
CA GLU B 186 19.15 1.20 34.13
C GLU B 186 17.96 2.04 33.69
N THR B 187 18.04 2.57 32.48
CA THR B 187 17.01 3.41 31.91
C THR B 187 16.78 2.98 30.48
N GLY B 188 15.52 2.87 30.07
CA GLY B 188 15.27 2.44 28.71
C GLY B 188 14.14 3.13 27.97
N LEU B 189 14.36 3.31 26.67
CA LEU B 189 13.38 3.92 25.77
C LEU B 189 13.17 3.00 24.56
N MET B 190 11.93 2.68 24.23
CA MET B 190 11.65 1.81 23.09
C MET B 190 10.61 2.35 22.08
N THR B 191 10.74 1.85 20.85
CA THR B 191 9.86 2.21 19.75
C THR B 191 9.43 0.93 19.05
N THR B 192 8.18 0.88 18.61
CA THR B 192 7.72 -0.29 17.90
C THR B 192 7.13 0.13 16.54
N ILE B 193 7.74 -0.35 15.45
CA ILE B 193 7.24 -0.05 14.11
C ILE B 193 6.09 -1.08 14.03
N HIS B 194 4.86 -0.57 14.15
CA HIS B 194 3.65 -1.40 14.20
C HIS B 194 2.72 -1.39 13.01
N SER B 195 2.19 -2.56 12.69
CA SER B 195 1.23 -2.70 11.61
C SER B 195 0.00 -1.91 12.04
N TYR B 196 -0.87 -1.53 11.11
CA TYR B 196 -2.08 -0.79 11.45
C TYR B 196 -3.14 -1.77 11.95
N THR B 197 -4.16 -1.26 12.63
CA THR B 197 -5.19 -2.14 13.19
C THR B 197 -6.61 -1.72 12.90
N ALA B 198 -7.55 -2.47 13.46
CA ALA B 198 -8.95 -2.21 13.23
C ALA B 198 -9.40 -0.88 13.78
N THR B 199 -8.58 -0.25 14.61
CA THR B 199 -8.94 1.05 15.16
C THR B 199 -8.48 2.23 14.31
N GLN B 200 -7.76 1.96 13.23
CA GLN B 200 -7.31 3.02 12.34
C GLN B 200 -8.27 3.16 11.15
N LYS B 201 -8.18 4.29 10.42
CA LYS B 201 -9.09 4.54 9.29
C LYS B 201 -8.45 4.34 7.92
N THR B 202 -9.26 3.97 6.94
CA THR B 202 -8.73 3.80 5.60
C THR B 202 -8.41 5.20 5.06
N VAL B 203 -9.25 6.17 5.40
CA VAL B 203 -9.04 7.53 4.93
C VAL B 203 -9.21 8.49 6.07
N ASP B 204 -8.61 9.68 5.95
CA ASP B 204 -8.65 10.71 6.99
C ASP B 204 -10.05 10.86 7.60
N GLY B 205 -10.22 10.33 8.80
CA GLY B 205 -11.51 10.41 9.45
C GLY B 205 -11.37 10.92 10.87
N VAL B 206 -12.37 10.65 11.71
CA VAL B 206 -12.40 11.09 13.11
C VAL B 206 -11.78 10.10 14.09
N SER B 207 -11.04 10.65 15.03
CA SER B 207 -10.41 9.89 16.09
C SER B 207 -10.13 10.98 17.10
N LEU B 208 -11.17 11.27 17.89
CA LEU B 208 -11.12 12.31 18.91
C LEU B 208 -10.05 12.11 19.96
N LYS B 209 -9.75 10.85 20.28
CA LYS B 209 -8.74 10.54 21.28
C LYS B 209 -7.31 10.85 20.83
N ASP B 210 -6.85 10.15 19.80
CA ASP B 210 -5.51 10.37 19.26
C ASP B 210 -5.69 11.06 17.92
N TRP B 211 -5.25 12.30 17.84
CA TRP B 211 -5.40 13.07 16.61
C TRP B 211 -4.75 12.46 15.38
N ARG B 212 -3.49 12.06 15.53
CA ARG B 212 -2.71 11.46 14.44
C ARG B 212 -3.30 10.13 13.98
N GLY B 213 -3.74 9.33 14.95
CA GLY B 213 -4.33 8.01 14.67
C GLY B 213 -5.52 7.92 13.74
N GLY B 214 -6.12 9.06 13.39
CA GLY B 214 -7.27 9.04 12.50
C GLY B 214 -6.94 9.26 11.04
N ARG B 215 -5.66 9.50 10.74
CA ARG B 215 -5.20 9.73 9.38
C ARG B 215 -5.17 8.44 8.60
N ALA B 216 -5.18 8.55 7.26
CA ALA B 216 -5.16 7.40 6.34
C ALA B 216 -4.11 6.39 6.76
N ALA B 217 -4.59 5.27 7.24
CA ALA B 217 -3.75 4.20 7.74
C ALA B 217 -2.65 3.71 6.83
N ALA B 218 -3.06 3.27 5.65
CA ALA B 218 -2.17 2.67 4.68
C ALA B 218 -1.41 3.62 3.77
N VAL B 219 -1.27 4.87 4.17
CA VAL B 219 -0.62 5.84 3.32
C VAL B 219 0.35 6.71 4.10
N ASN B 220 0.37 6.58 5.42
CA ASN B 220 1.24 7.39 6.25
C ASN B 220 2.01 6.61 7.28
N ILE B 221 3.02 7.27 7.84
CA ILE B 221 3.80 6.74 8.95
C ILE B 221 3.16 7.60 10.06
N ILE B 222 2.36 6.97 10.90
CA ILE B 222 1.63 7.66 11.97
C ILE B 222 2.23 7.46 13.34
N PRO B 223 2.86 8.50 13.94
CA PRO B 223 3.44 8.32 15.27
C PRO B 223 2.24 8.16 16.16
N SER B 224 2.26 7.16 17.05
CA SER B 224 1.12 6.91 17.94
C SER B 224 1.68 6.46 19.27
N THR B 225 0.88 5.65 19.96
CA THR B 225 1.32 5.14 21.22
C THR B 225 1.15 3.65 21.42
N THR B 226 1.81 3.13 22.43
CA THR B 226 1.75 1.70 22.66
C THR B 226 1.30 1.33 24.09
N GLY B 227 0.51 0.26 24.18
CA GLY B 227 0.03 -0.22 25.47
C GLY B 227 1.20 -0.65 26.35
N ALA B 228 2.15 -1.34 25.73
CA ALA B 228 3.34 -1.84 26.41
C ALA B 228 4.07 -0.80 27.22
N ALA B 229 3.81 0.49 26.92
CA ALA B 229 4.43 1.60 27.65
C ALA B 229 4.25 1.48 29.15
N LYS B 230 2.99 1.35 29.56
CA LYS B 230 2.65 1.24 30.97
C LYS B 230 2.71 -0.23 31.40
N ALA B 231 1.91 -1.08 30.75
CA ALA B 231 1.83 -2.51 31.05
C ALA B 231 3.12 -3.22 31.42
N VAL B 232 4.24 -2.84 30.82
CA VAL B 232 5.52 -3.50 31.11
C VAL B 232 5.84 -3.52 32.60
N GLY B 233 5.64 -2.38 33.25
CA GLY B 233 5.91 -2.25 34.67
C GLY B 233 5.00 -3.07 35.56
N MET B 234 3.76 -3.25 35.13
CA MET B 234 2.83 -3.99 35.93
C MET B 234 3.12 -5.47 35.90
N VAL B 235 4.15 -5.89 35.18
CA VAL B 235 4.51 -7.29 35.10
C VAL B 235 5.89 -7.48 35.71
N ILE B 236 6.76 -6.51 35.45
CA ILE B 236 8.13 -6.50 35.99
C ILE B 236 8.20 -5.15 36.71
N PRO B 237 7.75 -5.12 37.96
CA PRO B 237 7.71 -3.90 38.79
C PRO B 237 9.08 -3.27 38.92
N SER B 238 10.10 -4.09 38.71
CA SER B 238 11.49 -3.66 38.79
C SER B 238 11.82 -2.57 37.74
N THR B 239 11.03 -2.53 36.67
CA THR B 239 11.20 -1.59 35.56
C THR B 239 10.31 -0.34 35.60
N LYS B 240 9.36 -0.30 36.52
CA LYS B 240 8.44 0.82 36.66
C LYS B 240 9.17 2.16 36.71
N GLY B 241 8.79 3.08 35.83
CA GLY B 241 9.42 4.40 35.79
C GLY B 241 10.81 4.42 35.19
N LYS B 242 11.30 3.25 34.78
CA LYS B 242 12.63 3.10 34.19
C LYS B 242 12.56 2.73 32.70
N LEU B 243 11.35 2.68 32.17
CA LEU B 243 11.14 2.28 30.78
C LEU B 243 9.85 2.89 30.23
N THR B 244 9.94 3.44 29.02
CA THR B 244 8.79 4.05 28.37
C THR B 244 9.07 4.08 26.87
N GLY B 245 8.03 4.30 26.07
CA GLY B 245 8.19 4.34 24.63
C GLY B 245 7.00 4.74 23.78
N MET B 246 7.21 4.69 22.47
CA MET B 246 6.21 5.06 21.50
C MET B 246 6.15 4.05 20.36
N SER B 247 5.13 4.20 19.50
CA SER B 247 4.96 3.30 18.35
C SER B 247 4.67 4.12 17.11
N PHE B 248 5.26 3.68 16.00
CA PHE B 248 5.05 4.29 14.70
C PHE B 248 4.22 3.30 13.87
N ARG B 249 2.99 3.67 13.55
CA ARG B 249 2.14 2.80 12.77
C ARG B 249 2.49 3.00 11.29
N VAL B 250 2.72 1.88 10.59
CA VAL B 250 3.09 1.90 9.17
C VAL B 250 2.17 1.02 8.32
N PRO B 251 2.09 1.31 7.01
CA PRO B 251 1.26 0.61 6.03
C PRO B 251 1.42 -0.89 5.81
N THR B 252 1.28 -1.67 6.87
CA THR B 252 1.36 -3.13 6.78
C THR B 252 0.16 -3.70 7.55
N PRO B 253 -0.53 -4.71 7.01
CA PRO B 253 -1.69 -5.28 7.71
C PRO B 253 -1.40 -6.18 8.93
N ASP B 254 -0.16 -6.67 9.05
CA ASP B 254 0.20 -7.54 10.19
C ASP B 254 1.70 -7.74 10.36
N VAL B 255 2.09 -8.10 11.58
CA VAL B 255 3.48 -8.34 11.99
C VAL B 255 4.13 -7.03 12.37
N SER B 256 4.70 -6.96 13.56
CA SER B 256 5.35 -5.73 13.99
C SER B 256 6.73 -6.01 14.53
N VAL B 257 7.42 -4.96 14.94
CA VAL B 257 8.77 -5.15 15.42
C VAL B 257 9.10 -4.14 16.51
N VAL B 258 9.76 -4.62 17.57
CA VAL B 258 10.16 -3.81 18.70
C VAL B 258 11.59 -3.41 18.55
N ASP B 259 11.87 -2.14 18.83
CA ASP B 259 13.20 -1.59 18.72
C ASP B 259 13.65 -0.92 20.03
N LEU B 260 14.11 -1.77 20.95
CA LEU B 260 14.57 -1.36 22.28
C LEU B 260 16.01 -0.91 22.41
N THR B 261 16.18 0.23 23.08
CA THR B 261 17.49 0.81 23.35
C THR B 261 17.57 1.10 24.85
N PHE B 262 18.57 0.50 25.50
CA PHE B 262 18.71 0.66 26.93
C PHE B 262 20.14 0.76 27.37
N ARG B 263 20.29 1.07 28.66
CA ARG B 263 21.59 1.21 29.28
C ARG B 263 21.68 0.17 30.37
N ALA B 264 22.71 -0.65 30.29
CA ALA B 264 22.91 -1.72 31.28
C ALA B 264 23.46 -1.22 32.63
N THR B 265 23.23 -2.01 33.68
CA THR B 265 23.72 -1.69 35.02
C THR B 265 25.21 -2.01 35.11
N ARG B 266 25.61 -3.11 34.47
CA ARG B 266 27.00 -3.52 34.48
C ARG B 266 27.63 -3.52 33.10
N ASP B 267 28.95 -3.47 33.05
CA ASP B 267 29.66 -3.51 31.79
C ASP B 267 29.37 -4.88 31.16
N THR B 268 29.14 -4.88 29.86
CA THR B 268 28.84 -6.10 29.13
C THR B 268 28.96 -5.83 27.62
N SER B 269 28.75 -6.86 26.79
CA SER B 269 28.85 -6.72 25.34
C SER B 269 27.60 -7.19 24.59
N ILE B 270 27.48 -6.83 23.32
CA ILE B 270 26.32 -7.25 22.55
C ILE B 270 26.30 -8.77 22.31
N GLN B 271 27.49 -9.37 22.21
CA GLN B 271 27.61 -10.80 21.98
C GLN B 271 27.13 -11.52 23.22
N GLU B 272 27.44 -10.95 24.38
CA GLU B 272 27.03 -11.54 25.65
C GLU B 272 25.52 -11.63 25.65
N ILE B 273 24.90 -10.50 25.33
CA ILE B 273 23.46 -10.41 25.31
C ILE B 273 22.91 -11.35 24.27
N ASP B 274 23.47 -11.29 23.08
CA ASP B 274 23.01 -12.16 21.99
C ASP B 274 22.98 -13.61 22.45
N LYS B 275 24.03 -14.00 23.20
CA LYS B 275 24.21 -15.36 23.72
C LYS B 275 23.14 -15.75 24.74
N ALA B 276 22.87 -14.81 25.65
CA ALA B 276 21.90 -15.00 26.72
C ALA B 276 20.45 -15.10 26.25
N ILE B 277 20.13 -14.46 25.13
CA ILE B 277 18.78 -14.47 24.58
C ILE B 277 18.51 -15.75 23.78
N LYS B 278 19.52 -16.23 23.09
CA LYS B 278 19.39 -17.48 22.33
C LYS B 278 19.29 -18.61 23.34
N LYS B 279 20.13 -18.54 24.36
CA LYS B 279 20.18 -19.53 25.42
C LYS B 279 18.81 -19.58 26.09
N ALA B 280 18.36 -18.42 26.56
CA ALA B 280 17.07 -18.28 27.23
C ALA B 280 15.96 -18.80 26.33
N ALA B 281 16.13 -18.59 25.03
CA ALA B 281 15.15 -19.01 24.05
C ALA B 281 15.09 -20.53 23.96
N GLN B 282 16.21 -21.17 24.23
CA GLN B 282 16.28 -22.62 24.15
C GLN B 282 15.98 -23.31 25.46
N THR B 283 15.91 -22.54 26.53
CA THR B 283 15.65 -23.09 27.86
C THR B 283 14.36 -22.69 28.56
N TYR B 284 14.40 -21.64 29.38
CA TYR B 284 13.23 -21.22 30.15
C TYR B 284 12.18 -20.37 29.48
N MET B 285 12.46 -19.90 28.28
CA MET B 285 11.50 -19.09 27.57
C MET B 285 10.99 -19.77 26.33
N LYS B 286 11.47 -20.98 26.08
CA LYS B 286 11.07 -21.75 24.91
C LYS B 286 9.58 -21.64 24.68
N GLY B 287 9.20 -21.45 23.41
CA GLY B 287 7.78 -21.33 23.07
C GLY B 287 7.23 -19.91 23.24
N ILE B 288 7.96 -19.07 23.97
CA ILE B 288 7.53 -17.70 24.21
C ILE B 288 8.49 -16.75 23.52
N LEU B 289 9.77 -16.92 23.80
CA LEU B 289 10.79 -16.10 23.19
C LEU B 289 11.60 -17.02 22.23
N GLY B 290 11.64 -16.62 20.97
CA GLY B 290 12.37 -17.40 19.97
C GLY B 290 13.36 -16.43 19.40
N PHE B 291 14.10 -16.86 18.39
CA PHE B 291 15.07 -15.94 17.78
C PHE B 291 15.34 -16.36 16.35
N THR B 292 16.15 -15.58 15.64
CA THR B 292 16.46 -15.92 14.27
C THR B 292 17.79 -15.38 13.87
N ASP B 293 18.49 -16.17 13.08
CA ASP B 293 19.80 -15.80 12.57
C ASP B 293 19.73 -15.48 11.07
N GLU B 294 18.51 -15.50 10.52
CA GLU B 294 18.27 -15.24 9.12
C GLU B 294 17.96 -13.79 8.79
N GLU B 295 18.10 -13.45 7.50
CA GLU B 295 17.83 -12.10 6.99
C GLU B 295 16.34 -12.00 6.64
N LEU B 296 15.49 -11.99 7.67
CA LEU B 296 14.05 -11.93 7.51
C LEU B 296 13.44 -10.51 7.45
N VAL B 297 12.28 -10.43 6.82
CA VAL B 297 11.54 -9.19 6.69
C VAL B 297 10.13 -9.54 7.23
N SER B 298 9.34 -8.51 7.57
CA SER B 298 8.01 -8.66 8.15
C SER B 298 7.14 -9.85 7.77
N ALA B 299 6.92 -10.04 6.47
CA ALA B 299 6.08 -11.13 6.01
C ALA B 299 6.56 -12.52 6.45
N ASP B 300 7.83 -12.62 6.80
CA ASP B 300 8.36 -13.90 7.20
C ASP B 300 7.83 -14.37 8.53
N PHE B 301 7.38 -13.41 9.33
CA PHE B 301 6.88 -13.71 10.66
C PHE B 301 5.38 -13.99 10.78
N ILE B 302 4.65 -13.84 9.68
CA ILE B 302 3.22 -14.11 9.69
C ILE B 302 3.01 -15.54 10.09
N ASN B 303 2.03 -15.76 10.97
CA ASN B 303 1.71 -17.08 11.49
C ASN B 303 2.72 -17.70 12.47
N ASP B 304 3.62 -16.86 13.00
CA ASP B 304 4.63 -17.27 13.98
C ASP B 304 4.11 -17.04 15.39
N ASN B 305 3.76 -18.12 16.09
CA ASN B 305 3.22 -18.03 17.45
C ASN B 305 4.11 -17.60 18.61
N ARG B 306 5.41 -17.43 18.42
CA ARG B 306 6.24 -16.97 19.55
C ARG B 306 5.90 -15.52 19.95
N SER B 307 5.73 -15.28 21.24
CA SER B 307 5.41 -13.94 21.71
C SER B 307 6.41 -12.89 21.25
N SER B 308 7.66 -13.29 21.13
CA SER B 308 8.72 -12.38 20.72
C SER B 308 9.86 -13.16 20.11
N VAL B 309 10.23 -12.81 18.87
CA VAL B 309 11.30 -13.48 18.18
C VAL B 309 12.45 -12.53 17.85
N TYR B 310 13.48 -12.60 18.71
CA TYR B 310 14.70 -11.81 18.63
C TYR B 310 15.41 -11.91 17.29
N ASP B 311 15.89 -10.78 16.80
CA ASP B 311 16.60 -10.74 15.52
C ASP B 311 18.08 -10.65 15.80
N SER B 312 18.78 -11.78 15.62
CA SER B 312 20.21 -11.82 15.87
C SER B 312 21.05 -10.92 14.93
N LYS B 313 20.85 -11.07 13.64
CA LYS B 313 21.62 -10.28 12.69
C LYS B 313 21.38 -8.77 12.82
N ALA B 314 20.13 -8.36 12.84
CA ALA B 314 19.81 -6.93 12.95
C ALA B 314 20.41 -6.26 14.18
N THR B 315 20.46 -6.98 15.30
CA THR B 315 21.01 -6.46 16.55
C THR B 315 22.54 -6.47 16.56
N LEU B 316 23.13 -7.61 16.24
CA LEU B 316 24.58 -7.72 16.22
C LEU B 316 25.17 -6.67 15.30
N GLN B 317 24.58 -6.54 14.12
CA GLN B 317 25.05 -5.60 13.12
C GLN B 317 24.83 -4.10 13.42
N ASN B 318 23.87 -3.78 14.28
CA ASN B 318 23.59 -2.36 14.52
C ASN B 318 23.82 -1.82 15.91
N ASN B 319 24.92 -2.23 16.52
CA ASN B 319 25.32 -1.75 17.84
C ASN B 319 26.74 -1.22 17.78
N LEU B 320 27.06 -0.28 18.65
CA LEU B 320 28.41 0.31 18.68
C LEU B 320 29.44 -0.77 18.94
N PRO B 321 30.55 -0.76 18.18
CA PRO B 321 31.62 -1.75 18.34
C PRO B 321 32.26 -1.65 19.73
N GLY B 322 32.69 -0.45 20.11
CA GLY B 322 33.28 -0.28 21.41
C GLY B 322 32.16 0.12 22.35
N GLU B 323 31.49 -0.86 22.94
CA GLU B 323 30.40 -0.56 23.85
C GLU B 323 30.07 -1.63 24.88
N LYS B 324 29.88 -1.18 26.11
CA LYS B 324 29.59 -2.08 27.23
C LYS B 324 28.29 -1.75 27.98
N ARG B 325 27.65 -0.65 27.61
CA ARG B 325 26.42 -0.23 28.26
C ARG B 325 25.22 0.07 27.36
N PHE B 326 25.40 1.03 26.43
CA PHE B 326 24.36 1.49 25.51
C PHE B 326 24.09 0.51 24.37
N PHE B 327 22.96 -0.18 24.45
CA PHE B 327 22.62 -1.17 23.42
C PHE B 327 21.25 -1.05 22.78
N LYS B 328 21.05 -1.88 21.75
CA LYS B 328 19.81 -1.95 20.98
C LYS B 328 19.48 -3.41 20.71
N VAL B 329 18.22 -3.78 20.90
CA VAL B 329 17.80 -5.15 20.67
C VAL B 329 16.55 -5.08 19.77
N VAL B 330 16.59 -5.74 18.63
CA VAL B 330 15.46 -5.76 17.69
C VAL B 330 14.70 -7.10 17.80
N SER B 331 13.36 -7.06 17.85
CA SER B 331 12.56 -8.29 17.94
C SER B 331 11.18 -8.17 17.29
N TRP B 332 10.82 -9.19 16.53
CA TRP B 332 9.56 -9.23 15.81
C TRP B 332 8.48 -9.94 16.58
N TYR B 333 7.28 -9.98 16.01
CA TYR B 333 6.14 -10.68 16.59
C TYR B 333 4.92 -10.52 15.71
N ASP B 334 4.13 -11.58 15.56
CA ASP B 334 2.92 -11.45 14.78
C ASP B 334 1.89 -11.01 15.80
N ASN B 335 1.53 -9.73 15.76
CA ASN B 335 0.59 -9.13 16.73
C ASN B 335 -0.81 -9.73 16.84
N GLU B 336 -1.21 -10.53 15.86
CA GLU B 336 -2.53 -11.12 15.92
C GLU B 336 -2.50 -12.59 16.30
N TRP B 337 -1.48 -13.28 15.78
CA TRP B 337 -1.30 -14.71 16.00
C TRP B 337 -0.72 -15.01 17.38
N ALA B 338 0.55 -14.67 17.60
CA ALA B 338 1.21 -14.91 18.87
C ALA B 338 0.31 -14.51 20.03
N TYR B 339 -0.04 -13.22 20.10
CA TYR B 339 -0.87 -12.75 21.20
C TYR B 339 -2.08 -13.59 21.41
N SER B 340 -2.75 -13.98 20.34
CA SER B 340 -3.91 -14.84 20.51
C SER B 340 -3.51 -16.16 21.13
N HIS B 341 -2.36 -16.72 20.73
CA HIS B 341 -1.92 -17.98 21.32
C HIS B 341 -1.59 -17.82 22.80
N ARG B 342 -1.24 -16.61 23.22
CA ARG B 342 -0.97 -16.35 24.62
C ARG B 342 -2.28 -16.31 25.38
N VAL B 343 -3.35 -15.81 24.77
CA VAL B 343 -4.65 -15.75 25.45
C VAL B 343 -5.14 -17.16 25.79
N VAL B 344 -5.07 -18.08 24.82
CA VAL B 344 -5.49 -19.45 25.04
C VAL B 344 -4.65 -20.07 26.16
N ASP B 345 -3.34 -19.82 26.12
CA ASP B 345 -2.43 -20.32 27.13
C ASP B 345 -2.85 -19.85 28.52
N LEU B 346 -3.09 -18.55 28.66
CA LEU B 346 -3.50 -17.97 29.93
C LEU B 346 -4.76 -18.64 30.44
N VAL B 347 -5.76 -18.77 29.57
CA VAL B 347 -7.02 -19.41 29.95
C VAL B 347 -6.75 -20.77 30.57
N ARG B 348 -6.21 -21.69 29.77
CA ARG B 348 -5.92 -23.05 30.23
C ARG B 348 -5.09 -23.14 31.53
N TYR B 349 -4.13 -22.23 31.69
CA TYR B 349 -3.31 -22.21 32.90
C TYR B 349 -4.15 -21.65 34.04
N MET B 350 -5.02 -20.69 33.74
CA MET B 350 -5.90 -20.13 34.78
C MET B 350 -6.81 -21.26 35.23
N ALA B 351 -7.22 -22.09 34.29
CA ALA B 351 -8.10 -23.21 34.56
C ALA B 351 -7.41 -24.22 35.47
N ALA B 352 -6.10 -24.36 35.30
CA ALA B 352 -5.32 -25.30 36.07
C ALA B 352 -5.28 -24.87 37.52
N LYS B 353 -4.99 -23.60 37.75
CA LYS B 353 -4.92 -23.05 39.11
C LYS B 353 -6.31 -22.96 39.75
N ASP B 354 -7.33 -22.96 38.92
CA ASP B 354 -8.71 -22.88 39.40
C ASP B 354 -9.24 -24.25 39.80
N ALA B 355 -8.65 -25.31 39.26
CA ALA B 355 -9.05 -26.67 39.60
C ALA B 355 -8.36 -27.05 40.92
N ALA B 356 -7.21 -26.43 41.17
CA ALA B 356 -6.48 -26.66 42.41
C ALA B 356 -7.33 -25.96 43.49
N SER B 357 -7.49 -24.64 43.35
CA SER B 357 -8.27 -23.86 44.30
C SER B 357 -9.68 -23.53 43.77
N SER B 358 -9.94 -22.28 43.40
CA SER B 358 -11.24 -21.86 42.88
C SER B 358 -11.13 -20.66 41.92
N ALA C 1 27.79 36.07 -12.14
CA ALA C 1 27.60 35.28 -13.39
C ALA C 1 26.81 33.99 -13.16
N PRO C 2 26.03 33.55 -14.16
CA PRO C 2 25.27 32.33 -14.01
C PRO C 2 26.23 31.15 -13.75
N ILE C 3 25.94 30.39 -12.68
CA ILE C 3 26.72 29.22 -12.30
C ILE C 3 26.41 28.14 -13.35
N LYS C 4 27.44 27.68 -14.04
CA LYS C 4 27.24 26.68 -15.08
C LYS C 4 27.13 25.30 -14.44
N VAL C 5 25.95 24.68 -14.49
CA VAL C 5 25.76 23.35 -13.92
C VAL C 5 25.20 22.29 -14.89
N GLY C 6 25.48 21.04 -14.56
CA GLY C 6 25.02 19.92 -15.35
C GLY C 6 24.53 18.85 -14.39
N ILE C 7 23.52 18.10 -14.78
CA ILE C 7 22.99 17.05 -13.92
C ILE C 7 23.29 15.73 -14.57
N ASN C 8 23.96 14.86 -13.85
CA ASN C 8 24.29 13.53 -14.35
C ASN C 8 23.32 12.61 -13.58
N GLY C 9 22.38 11.99 -14.29
CA GLY C 9 21.42 11.12 -13.64
C GLY C 9 20.20 11.94 -13.30
N PHE C 10 19.21 11.91 -14.18
CA PHE C 10 17.98 12.67 -14.02
C PHE C 10 16.89 11.78 -13.34
N GLY C 11 17.17 11.34 -12.11
CA GLY C 11 16.22 10.51 -11.36
C GLY C 11 15.30 11.23 -10.37
N ARG C 12 15.12 10.67 -9.19
CA ARG C 12 14.27 11.34 -8.22
C ARG C 12 15.04 12.56 -7.75
N ILE C 13 16.28 12.36 -7.30
CA ILE C 13 17.11 13.44 -6.82
C ILE C 13 17.52 14.34 -7.97
N GLY C 14 17.75 13.74 -9.13
CA GLY C 14 18.11 14.55 -10.27
C GLY C 14 17.01 15.57 -10.59
N ARG C 15 15.78 15.11 -10.77
CA ARG C 15 14.67 15.98 -11.10
C ARG C 15 14.22 16.90 -9.98
N MET C 16 14.41 16.47 -8.75
CA MET C 16 14.00 17.30 -7.64
C MET C 16 14.97 18.47 -7.48
N VAL C 17 16.24 18.25 -7.83
CA VAL C 17 17.24 19.33 -7.74
C VAL C 17 16.90 20.37 -8.80
N PHE C 18 16.67 19.90 -10.02
CA PHE C 18 16.33 20.80 -11.11
C PHE C 18 15.10 21.58 -10.72
N GLN C 19 14.16 20.90 -10.09
CA GLN C 19 12.91 21.56 -9.71
C GLN C 19 13.13 22.61 -8.63
N ALA C 20 14.05 22.36 -7.71
CA ALA C 20 14.32 23.33 -6.67
C ALA C 20 14.95 24.54 -7.31
N ILE C 21 15.67 24.33 -8.40
CA ILE C 21 16.33 25.41 -9.10
C ILE C 21 15.31 26.28 -9.80
N CYS C 22 14.40 25.67 -10.54
CA CYS C 22 13.38 26.42 -11.27
C CYS C 22 12.34 27.09 -10.39
N ASP C 23 11.96 26.42 -9.31
CA ASP C 23 10.96 26.97 -8.42
C ASP C 23 11.45 28.12 -7.54
N GLN C 24 12.74 28.10 -7.17
CA GLN C 24 13.29 29.21 -6.36
C GLN C 24 13.60 30.40 -7.26
N GLY C 25 13.35 30.25 -8.56
CA GLY C 25 13.56 31.29 -9.55
C GLY C 25 15.00 31.46 -10.01
N LEU C 26 15.89 30.62 -9.48
CA LEU C 26 17.33 30.64 -9.79
C LEU C 26 17.67 30.31 -11.23
N ILE C 27 16.86 29.47 -11.87
CA ILE C 27 17.10 29.05 -13.24
C ILE C 27 17.24 30.25 -14.20
N GLY C 28 18.19 30.14 -15.12
CA GLY C 28 18.42 31.20 -16.08
C GLY C 28 19.39 32.28 -15.63
N THR C 29 19.14 32.86 -14.46
CA THR C 29 19.99 33.91 -13.95
C THR C 29 21.03 33.47 -12.94
N GLU C 30 20.61 33.21 -11.69
CA GLU C 30 21.57 32.80 -10.67
C GLU C 30 22.30 31.52 -11.07
N ILE C 31 21.53 30.49 -11.43
CA ILE C 31 22.10 29.21 -11.84
C ILE C 31 21.71 28.96 -13.29
N ASP C 32 22.55 28.22 -14.00
CA ASP C 32 22.33 27.95 -15.40
C ASP C 32 22.50 26.46 -15.70
N VAL C 33 21.39 25.78 -15.92
CA VAL C 33 21.45 24.35 -16.19
C VAL C 33 21.76 24.14 -17.67
N VAL C 34 22.96 23.68 -17.95
CA VAL C 34 23.40 23.48 -19.32
C VAL C 34 22.91 22.19 -19.96
N ALA C 35 23.09 21.09 -19.27
CA ALA C 35 22.67 19.80 -19.82
C ALA C 35 22.31 18.75 -18.76
N VAL C 36 21.28 17.94 -19.02
CA VAL C 36 20.91 16.87 -18.08
C VAL C 36 21.28 15.59 -18.81
N VAL C 37 21.62 14.55 -18.06
CA VAL C 37 22.03 13.31 -18.69
C VAL C 37 21.36 12.06 -18.09
N ASP C 38 20.87 11.17 -18.95
CA ASP C 38 20.25 9.93 -18.48
C ASP C 38 20.28 8.92 -19.60
N MET C 39 19.66 7.77 -19.37
CA MET C 39 19.61 6.68 -20.36
C MET C 39 19.21 7.12 -21.75
N SER C 40 18.09 7.83 -21.85
CA SER C 40 17.61 8.30 -23.14
C SER C 40 17.95 9.77 -23.34
N THR C 41 17.71 10.26 -24.55
CA THR C 41 17.96 11.66 -24.82
C THR C 41 16.66 12.26 -25.37
N ASN C 42 15.56 11.55 -25.19
CA ASN C 42 14.27 12.00 -25.67
C ASN C 42 13.75 13.10 -24.76
N ALA C 43 13.91 14.34 -25.19
CA ALA C 43 13.46 15.45 -24.41
C ALA C 43 11.98 15.31 -24.15
N GLU C 44 11.28 14.58 -25.00
CA GLU C 44 9.84 14.37 -24.83
C GLU C 44 9.56 13.54 -23.56
N TYR C 45 10.32 12.46 -23.39
CA TYR C 45 10.16 11.62 -22.22
C TYR C 45 10.52 12.42 -20.98
N PHE C 46 11.59 13.20 -21.06
CA PHE C 46 12.01 14.03 -19.94
C PHE C 46 10.93 15.04 -19.58
N ALA C 47 10.32 15.62 -20.61
CA ALA C 47 9.28 16.62 -20.42
C ALA C 47 8.16 16.00 -19.63
N TYR C 48 7.81 14.75 -19.94
CA TYR C 48 6.73 14.03 -19.25
C TYR C 48 7.07 13.70 -17.80
N GLN C 49 8.29 13.23 -17.58
CA GLN C 49 8.76 12.90 -16.23
C GLN C 49 8.77 14.14 -15.36
N MET C 50 8.89 15.29 -15.99
CA MET C 50 8.97 16.53 -15.23
C MET C 50 7.61 17.12 -14.90
N LYS C 51 6.69 17.03 -15.84
CA LYS C 51 5.35 17.59 -15.65
C LYS C 51 4.47 16.85 -14.69
N HIS C 52 4.61 15.53 -14.58
CA HIS C 52 3.79 14.76 -13.68
C HIS C 52 4.57 13.93 -12.72
N ASP C 53 4.44 14.22 -11.43
CA ASP C 53 5.14 13.45 -10.42
C ASP C 53 4.11 12.90 -9.42
N THR C 54 4.21 11.60 -9.14
CA THR C 54 3.30 10.93 -8.23
C THR C 54 3.23 11.57 -6.85
N VAL C 55 4.39 11.77 -6.23
CA VAL C 55 4.50 12.32 -4.88
C VAL C 55 4.55 13.84 -4.71
N HIS C 56 5.08 14.58 -5.68
CA HIS C 56 5.20 16.02 -5.53
C HIS C 56 4.29 16.88 -6.39
N GLY C 57 3.56 16.25 -7.30
CA GLY C 57 2.65 16.95 -8.18
C GLY C 57 3.37 17.67 -9.30
N ARG C 58 2.61 18.40 -10.10
CA ARG C 58 3.17 19.16 -11.23
C ARG C 58 4.05 20.33 -10.77
N PRO C 59 5.23 20.49 -11.38
CA PRO C 59 6.18 21.56 -11.05
C PRO C 59 5.64 22.92 -11.44
N LYS C 60 6.07 23.97 -10.75
CA LYS C 60 5.57 25.32 -11.02
C LYS C 60 6.01 25.91 -12.37
N TYR C 61 7.17 25.47 -12.86
CA TYR C 61 7.70 25.95 -14.13
C TYR C 61 6.97 25.39 -15.34
N THR C 62 7.47 25.70 -16.53
CA THR C 62 6.91 25.21 -17.81
C THR C 62 8.01 24.56 -18.66
N VAL C 63 7.78 23.33 -19.14
CA VAL C 63 8.79 22.62 -19.90
C VAL C 63 8.33 22.19 -21.27
N GLU C 64 9.24 22.20 -22.23
CA GLU C 64 8.92 21.80 -23.60
C GLU C 64 10.07 21.05 -24.22
N ALA C 65 9.74 20.16 -25.15
CA ALA C 65 10.73 19.38 -25.84
C ALA C 65 10.79 19.85 -27.28
N VAL C 66 11.98 20.25 -27.71
CA VAL C 66 12.20 20.72 -29.07
C VAL C 66 13.43 20.05 -29.65
N LYS C 67 13.35 19.70 -30.93
CA LYS C 67 14.48 19.10 -31.59
C LYS C 67 15.24 20.29 -32.14
N SER C 68 16.55 20.29 -31.90
CA SER C 68 17.42 21.36 -32.38
C SER C 68 17.39 21.45 -33.92
N SER C 69 18.27 20.71 -34.60
CA SER C 69 18.28 20.69 -36.06
C SER C 69 17.17 19.72 -36.48
N PRO C 70 16.26 20.18 -37.35
CA PRO C 70 15.14 19.39 -37.85
C PRO C 70 15.52 18.02 -38.40
N SER C 71 16.82 17.77 -38.50
CA SER C 71 17.33 16.49 -38.99
C SER C 71 17.25 15.35 -37.97
N VAL C 72 17.35 15.71 -36.69
CA VAL C 72 17.26 14.73 -35.61
C VAL C 72 15.78 14.42 -35.45
N GLU C 73 15.45 13.14 -35.29
CA GLU C 73 14.05 12.72 -35.15
C GLU C 73 13.42 13.03 -33.80
N THR C 74 14.03 12.55 -32.72
CA THR C 74 13.52 12.77 -31.37
C THR C 74 14.00 14.11 -30.83
N ALA C 75 13.12 14.83 -30.13
CA ALA C 75 13.46 16.13 -29.56
C ALA C 75 14.64 15.91 -28.67
N ASP C 76 15.50 16.92 -28.53
CA ASP C 76 16.69 16.76 -27.71
C ASP C 76 17.10 18.00 -26.92
N VAL C 77 16.16 18.89 -26.70
CA VAL C 77 16.42 20.12 -25.95
C VAL C 77 15.20 20.46 -25.10
N LEU C 78 15.37 20.60 -23.79
CA LEU C 78 14.25 20.99 -22.94
C LEU C 78 14.24 22.50 -22.93
N VAL C 79 13.06 23.10 -22.92
CA VAL C 79 12.96 24.56 -22.88
C VAL C 79 12.17 24.93 -21.64
N VAL C 80 12.87 25.04 -20.52
CA VAL C 80 12.24 25.36 -19.24
C VAL C 80 12.30 26.86 -18.98
N ASN C 81 11.11 27.46 -18.85
CA ASN C 81 10.98 28.90 -18.58
C ASN C 81 11.92 29.77 -19.42
N GLY C 82 11.90 29.56 -20.74
CA GLY C 82 12.77 30.32 -21.64
C GLY C 82 14.22 30.06 -21.32
N HIS C 83 14.72 28.90 -21.75
CA HIS C 83 16.09 28.51 -21.50
C HIS C 83 16.33 27.12 -22.07
N ARG C 84 17.22 27.02 -23.05
CA ARG C 84 17.49 25.74 -23.67
C ARG C 84 18.46 24.87 -22.84
N ILE C 85 18.02 23.67 -22.53
CA ILE C 85 18.82 22.72 -21.78
C ILE C 85 19.04 21.56 -22.73
N LYS C 86 20.26 21.04 -22.77
CA LYS C 86 20.56 19.94 -23.68
C LYS C 86 20.38 18.57 -23.06
N CYS C 87 20.01 17.59 -23.87
CA CYS C 87 19.86 16.24 -23.38
C CYS C 87 21.01 15.40 -23.88
N VAL C 88 22.00 15.23 -23.00
CA VAL C 88 23.20 14.46 -23.30
C VAL C 88 23.00 12.98 -23.03
N LYS C 89 23.64 12.14 -23.86
CA LYS C 89 23.55 10.68 -23.72
C LYS C 89 24.42 10.19 -22.59
N ALA C 90 23.89 9.21 -21.87
CA ALA C 90 24.56 8.60 -20.73
C ALA C 90 25.84 7.86 -21.11
N GLN C 91 26.90 8.07 -20.30
CA GLN C 91 28.20 7.43 -20.50
C GLN C 91 28.49 6.52 -19.32
N ARG C 92 29.13 5.39 -19.61
CA ARG C 92 29.51 4.41 -18.59
C ARG C 92 30.64 4.95 -17.72
N ASN C 93 31.36 5.94 -18.25
CA ASN C 93 32.45 6.57 -17.52
C ASN C 93 32.24 8.07 -17.52
N PRO C 94 32.33 8.70 -16.33
CA PRO C 94 32.15 10.15 -16.15
C PRO C 94 33.07 11.01 -17.04
N ALA C 95 34.32 10.57 -17.17
CA ALA C 95 35.31 11.27 -17.96
C ALA C 95 34.98 11.31 -19.46
N ASP C 96 33.98 10.55 -19.89
CA ASP C 96 33.58 10.54 -21.29
C ASP C 96 32.65 11.67 -21.62
N LEU C 97 32.03 12.24 -20.58
CA LEU C 97 31.09 13.34 -20.73
C LEU C 97 31.71 14.63 -21.27
N PRO C 98 31.06 15.29 -22.24
CA PRO C 98 31.58 16.53 -22.83
C PRO C 98 31.34 17.76 -21.96
N TRP C 99 31.69 17.69 -20.67
CA TRP C 99 31.48 18.82 -19.76
C TRP C 99 32.22 20.05 -20.17
N GLY C 100 33.54 19.94 -20.26
CA GLY C 100 34.36 21.08 -20.65
C GLY C 100 33.93 21.76 -21.93
N LYS C 101 33.55 20.97 -22.93
CA LYS C 101 33.10 21.55 -24.18
C LYS C 101 31.81 22.29 -23.90
N LEU C 102 30.82 21.59 -23.35
CA LEU C 102 29.52 22.15 -23.03
C LEU C 102 29.62 23.46 -22.26
N GLY C 103 30.66 23.57 -21.44
CA GLY C 103 30.84 24.79 -20.66
C GLY C 103 30.24 24.65 -19.28
N VAL C 104 30.38 23.45 -18.73
CA VAL C 104 29.85 23.09 -17.41
C VAL C 104 30.95 23.10 -16.37
N ASP C 105 30.77 23.93 -15.34
CA ASP C 105 31.75 24.03 -14.25
C ASP C 105 31.43 23.11 -13.09
N TYR C 106 30.18 23.12 -12.65
CA TYR C 106 29.73 22.29 -11.53
C TYR C 106 28.86 21.13 -11.98
N VAL C 107 29.37 19.91 -11.84
CA VAL C 107 28.60 18.72 -12.21
C VAL C 107 27.95 18.14 -10.97
N ILE C 108 26.66 17.85 -11.05
CA ILE C 108 25.93 17.25 -9.94
C ILE C 108 25.78 15.77 -10.28
N GLU C 109 26.47 14.94 -9.49
CA GLU C 109 26.48 13.50 -9.71
C GLU C 109 25.35 12.83 -8.94
N SER C 110 24.33 12.41 -9.65
CA SER C 110 23.20 11.76 -9.02
C SER C 110 22.69 10.52 -9.70
N THR C 111 23.58 9.78 -10.34
CA THR C 111 23.17 8.56 -11.00
C THR C 111 23.21 7.48 -9.93
N GLY C 112 24.03 7.75 -8.91
CA GLY C 112 24.22 6.83 -7.81
C GLY C 112 25.27 5.77 -8.12
N LEU C 113 25.75 5.73 -9.35
CA LEU C 113 26.73 4.74 -9.75
C LEU C 113 28.17 5.12 -9.46
N PHE C 114 28.43 6.40 -9.20
CA PHE C 114 29.80 6.87 -8.95
C PHE C 114 29.99 7.53 -7.58
N THR C 115 29.68 6.82 -6.51
CA THR C 115 29.84 7.41 -5.17
C THR C 115 31.30 7.56 -4.77
N ASP C 116 32.18 6.91 -5.51
CA ASP C 116 33.60 6.96 -5.21
C ASP C 116 34.19 8.29 -5.65
N LYS C 117 35.12 8.81 -4.86
CA LYS C 117 35.77 10.08 -5.17
C LYS C 117 36.50 9.99 -6.48
N LEU C 118 37.20 8.86 -6.66
CA LEU C 118 37.97 8.61 -7.87
C LEU C 118 37.12 8.40 -9.11
N LYS C 119 36.02 7.67 -8.96
CA LYS C 119 35.10 7.44 -10.07
C LYS C 119 34.43 8.75 -10.48
N ALA C 120 34.26 9.64 -9.50
CA ALA C 120 33.62 10.93 -9.70
C ALA C 120 34.58 12.03 -10.13
N GLU C 121 35.88 11.76 -10.06
CA GLU C 121 36.90 12.72 -10.49
C GLU C 121 36.90 12.81 -12.02
N GLY C 122 36.38 11.75 -12.64
CA GLY C 122 36.30 11.69 -14.08
C GLY C 122 35.64 12.92 -14.70
N HIS C 123 34.66 13.48 -14.00
CA HIS C 123 33.94 14.68 -14.49
C HIS C 123 34.94 15.81 -14.67
N ILE C 124 35.92 15.87 -13.78
CA ILE C 124 36.92 16.91 -13.86
C ILE C 124 37.78 16.62 -15.07
N LYS C 125 38.09 15.34 -15.27
CA LYS C 125 38.87 14.88 -16.40
C LYS C 125 38.08 15.03 -17.68
N GLY C 126 36.77 15.20 -17.53
CA GLY C 126 35.90 15.38 -18.68
C GLY C 126 35.77 16.87 -18.98
N GLY C 127 36.41 17.70 -18.17
CA GLY C 127 36.39 19.13 -18.38
C GLY C 127 35.66 19.99 -17.37
N ALA C 128 35.33 19.42 -16.22
CA ALA C 128 34.59 20.14 -15.20
C ALA C 128 35.44 20.59 -14.03
N LYS C 129 35.07 21.74 -13.46
CA LYS C 129 35.76 22.30 -12.32
C LYS C 129 35.42 21.48 -11.05
N LYS C 130 34.20 21.63 -10.54
CA LYS C 130 33.78 20.94 -9.33
C LYS C 130 32.68 19.88 -9.51
N VAL C 131 32.58 18.96 -8.56
CA VAL C 131 31.59 17.89 -8.59
C VAL C 131 30.93 17.68 -7.23
N VAL C 132 29.60 17.68 -7.19
CA VAL C 132 28.83 17.47 -5.96
C VAL C 132 28.08 16.15 -6.03
N ILE C 133 28.54 15.17 -5.26
CA ILE C 133 27.91 13.85 -5.22
C ILE C 133 26.69 13.88 -4.29
N SER C 134 25.54 13.52 -4.83
CA SER C 134 24.26 13.48 -4.12
C SER C 134 24.09 12.25 -3.22
N ALA C 135 25.17 11.85 -2.54
CA ALA C 135 25.15 10.69 -1.67
C ALA C 135 26.48 10.55 -0.92
N PRO C 136 26.52 9.71 0.12
CA PRO C 136 27.77 9.54 0.84
C PRO C 136 28.80 9.01 -0.13
N ALA C 137 29.83 9.82 -0.32
CA ALA C 137 30.92 9.53 -1.22
C ALA C 137 32.09 8.77 -0.54
N SER C 138 32.64 7.79 -1.24
CA SER C 138 33.77 7.02 -0.75
C SER C 138 35.05 7.52 -1.42
N GLY C 139 36.19 6.97 -1.02
CA GLY C 139 37.46 7.40 -1.59
C GLY C 139 37.88 8.69 -0.94
N GLY C 140 37.33 8.94 0.26
CA GLY C 140 37.66 10.15 1.00
C GLY C 140 37.42 11.49 0.34
N ALA C 141 36.18 11.76 -0.07
CA ALA C 141 35.87 13.06 -0.66
C ALA C 141 35.43 13.93 0.50
N LYS C 142 35.12 15.19 0.27
CA LYS C 142 34.70 16.07 1.36
C LYS C 142 33.21 16.01 1.61
N THR C 143 32.83 15.56 2.81
CA THR C 143 31.42 15.46 3.18
C THR C 143 31.00 16.70 3.93
N ILE C 144 30.00 17.38 3.38
CA ILE C 144 29.49 18.61 3.95
C ILE C 144 27.98 18.56 4.15
N VAL C 145 27.51 18.98 5.32
CA VAL C 145 26.08 19.01 5.61
C VAL C 145 25.68 20.47 5.89
N MET C 146 25.06 21.12 4.93
CA MET C 146 24.67 22.52 5.09
C MET C 146 24.03 22.83 6.42
N GLY C 147 24.53 23.87 7.06
CA GLY C 147 24.04 24.29 8.36
C GLY C 147 24.90 23.70 9.47
N VAL C 148 25.89 22.90 9.10
CA VAL C 148 26.76 22.27 10.07
C VAL C 148 28.26 22.51 9.83
N ASN C 149 28.72 22.36 8.61
CA ASN C 149 30.14 22.56 8.36
C ASN C 149 30.46 22.98 6.94
N GLN C 150 29.52 23.68 6.29
CA GLN C 150 29.76 24.13 4.93
C GLN C 150 30.99 25.04 4.89
N HIS C 151 31.21 25.76 5.99
CA HIS C 151 32.35 26.67 6.11
C HIS C 151 33.68 25.95 5.87
N GLU C 152 33.75 24.70 6.29
CA GLU C 152 34.95 23.87 6.11
C GLU C 152 35.32 23.62 4.65
N TYR C 153 34.49 24.03 3.72
CA TYR C 153 34.79 23.82 2.30
C TYR C 153 36.06 24.55 1.90
N SER C 154 36.90 23.89 1.11
CA SER C 154 38.15 24.49 0.66
C SER C 154 38.19 24.55 -0.87
N PRO C 155 38.04 25.77 -1.43
CA PRO C 155 38.07 26.01 -2.88
C PRO C 155 39.32 25.43 -3.53
N ALA C 156 40.39 25.33 -2.76
CA ALA C 156 41.65 24.81 -3.26
C ALA C 156 41.85 23.31 -3.11
N SER C 157 41.52 22.79 -1.92
CA SER C 157 41.68 21.37 -1.63
C SER C 157 40.54 20.54 -2.20
N HIS C 158 39.32 20.88 -1.78
CA HIS C 158 38.11 20.16 -2.19
C HIS C 158 37.48 20.45 -3.56
N HIS C 159 37.51 19.46 -4.43
CA HIS C 159 36.93 19.61 -5.76
C HIS C 159 35.83 18.60 -5.99
N VAL C 160 35.77 17.59 -5.13
CA VAL C 160 34.77 16.53 -5.21
C VAL C 160 34.11 16.46 -3.83
N VAL C 161 33.03 17.22 -3.67
CA VAL C 161 32.28 17.29 -2.40
C VAL C 161 31.12 16.30 -2.40
N SER C 162 30.68 15.91 -1.20
CA SER C 162 29.55 14.99 -1.06
C SER C 162 28.57 15.65 -0.09
N ASN C 163 27.29 15.69 -0.47
CA ASN C 163 26.28 16.31 0.38
C ASN C 163 25.66 15.31 1.35
N ALA C 164 26.40 14.24 1.66
CA ALA C 164 25.97 13.20 2.58
C ALA C 164 24.64 12.58 2.15
N SER C 165 23.91 11.97 3.08
CA SER C 165 22.64 11.35 2.73
C SER C 165 21.45 12.12 3.31
N CYS C 166 20.24 11.69 2.96
CA CYS C 166 19.02 12.34 3.46
C CYS C 166 18.91 12.22 4.97
N THR C 167 19.14 11.01 5.48
CA THR C 167 19.11 10.78 6.92
C THR C 167 20.18 11.61 7.60
N THR C 168 21.35 11.73 6.97
CA THR C 168 22.44 12.51 7.53
C THR C 168 22.05 13.98 7.60
N ASN C 169 21.45 14.51 6.55
CA ASN C 169 21.04 15.90 6.59
C ASN C 169 19.94 16.17 7.60
N CYS C 170 19.43 15.10 8.22
CA CYS C 170 18.37 15.24 9.21
C CYS C 170 18.94 15.13 10.63
N LEU C 171 19.79 14.12 10.84
CA LEU C 171 20.42 13.84 12.13
C LEU C 171 21.50 14.86 12.47
N ALA C 172 22.41 15.10 11.54
CA ALA C 172 23.50 16.05 11.79
C ALA C 172 23.03 17.42 12.31
N PRO C 173 22.00 18.01 11.71
CA PRO C 173 21.60 19.31 12.25
C PRO C 173 21.25 19.23 13.73
N ILE C 174 20.57 18.14 14.11
CA ILE C 174 20.16 17.91 15.52
C ILE C 174 21.39 17.70 16.39
N VAL C 175 22.27 16.81 15.95
CA VAL C 175 23.50 16.52 16.70
C VAL C 175 24.27 17.81 16.86
N HIS C 176 24.15 18.72 15.91
CA HIS C 176 24.86 19.97 16.00
C HIS C 176 24.37 20.81 17.16
N VAL C 177 23.08 21.13 17.19
CA VAL C 177 22.58 21.95 18.30
C VAL C 177 22.78 21.28 19.63
N LEU C 178 22.72 19.95 19.66
CA LEU C 178 22.91 19.23 20.93
C LEU C 178 24.29 19.46 21.53
N THR C 179 25.32 19.47 20.71
CA THR C 179 26.65 19.70 21.23
C THR C 179 26.86 21.18 21.46
N LYS C 180 26.51 22.01 20.47
CA LYS C 180 26.66 23.47 20.55
C LYS C 180 25.92 24.08 21.74
N GLU C 181 24.79 23.49 22.12
CA GLU C 181 24.00 23.97 23.25
C GLU C 181 24.46 23.32 24.56
N ASN C 182 25.59 22.64 24.49
CA ASN C 182 26.21 22.00 25.64
C ASN C 182 25.45 20.88 26.34
N PHE C 183 24.58 20.17 25.62
CA PHE C 183 23.87 19.04 26.24
C PHE C 183 24.72 17.81 26.07
N GLY C 184 25.54 17.85 25.03
CA GLY C 184 26.48 16.78 24.72
C GLY C 184 25.93 15.38 24.59
N ILE C 185 26.61 14.60 23.76
CA ILE C 185 26.22 13.22 23.53
C ILE C 185 27.34 12.26 23.82
N GLU C 186 27.12 11.44 24.85
CA GLU C 186 28.08 10.44 25.30
C GLU C 186 28.09 9.30 24.30
N THR C 187 26.96 8.60 24.18
CA THR C 187 26.81 7.48 23.27
C THR C 187 25.39 7.49 22.74
N GLY C 188 25.23 7.27 21.44
CA GLY C 188 23.88 7.30 20.88
C GLY C 188 23.61 6.26 19.82
N LEU C 189 22.36 5.83 19.75
CA LEU C 189 21.95 4.85 18.76
C LEU C 189 20.68 5.38 18.12
N MET C 190 20.61 5.35 16.79
CA MET C 190 19.41 5.85 16.10
C MET C 190 18.79 4.90 15.04
N THR C 191 17.49 5.08 14.83
CA THR C 191 16.74 4.29 13.88
C THR C 191 15.99 5.27 13.01
N THR C 192 15.86 4.95 11.73
CA THR C 192 15.11 5.82 10.85
C THR C 192 14.03 4.98 10.14
N ILE C 193 12.76 5.32 10.36
CA ILE C 193 11.64 4.63 9.70
C ILE C 193 11.61 5.35 8.33
N HIS C 194 12.12 4.65 7.32
CA HIS C 194 12.30 5.21 5.99
C HIS C 194 11.39 4.81 4.84
N SER C 195 11.01 5.77 4.01
CA SER C 195 10.18 5.46 2.85
C SER C 195 11.05 4.63 1.93
N TYR C 196 10.45 3.82 1.07
CA TYR C 196 11.25 3.02 0.15
C TYR C 196 11.78 3.89 -0.99
N THR C 197 12.77 3.37 -1.73
CA THR C 197 13.38 4.13 -2.80
C THR C 197 13.56 3.36 -4.09
N ALA C 198 14.16 4.03 -5.07
CA ALA C 198 14.36 3.41 -6.37
C ALA C 198 15.16 2.13 -6.33
N THR C 199 15.99 1.96 -5.32
CA THR C 199 16.80 0.74 -5.27
C THR C 199 16.09 -0.49 -4.75
N GLN C 200 14.87 -0.34 -4.25
CA GLN C 200 14.13 -1.48 -3.74
C GLN C 200 13.30 -2.12 -4.82
N LYS C 201 12.78 -3.31 -4.58
CA LYS C 201 11.98 -4.02 -5.59
C LYS C 201 10.49 -4.08 -5.34
N THR C 202 9.70 -4.02 -6.41
CA THR C 202 8.25 -4.09 -6.26
C THR C 202 7.89 -5.48 -5.77
N VAL C 203 8.62 -6.47 -6.26
CA VAL C 203 8.39 -7.83 -5.84
C VAL C 203 9.72 -8.48 -5.53
N ASP C 204 9.67 -9.56 -4.78
CA ASP C 204 10.86 -10.28 -4.36
C ASP C 204 11.79 -10.56 -5.55
N GLY C 205 12.90 -9.82 -5.59
CA GLY C 205 13.86 -9.99 -6.67
C GLY C 205 15.29 -10.10 -6.15
N VAL C 206 16.27 -9.73 -6.98
CA VAL C 206 17.68 -9.81 -6.59
C VAL C 206 18.27 -8.53 -6.04
N SER C 207 19.06 -8.69 -5.00
CA SER C 207 19.77 -7.59 -4.34
C SER C 207 20.92 -8.30 -3.64
N LEU C 208 21.96 -8.63 -4.41
CA LEU C 208 23.11 -9.37 -3.89
C LEU C 208 23.85 -8.70 -2.74
N LYS C 209 23.80 -7.37 -2.70
CA LYS C 209 24.46 -6.60 -1.65
C LYS C 209 23.76 -6.77 -0.30
N ASP C 210 22.51 -6.31 -0.22
CA ASP C 210 21.70 -6.43 1.00
C ASP C 210 20.57 -7.43 0.73
N TRP C 211 20.63 -8.57 1.40
CA TRP C 211 19.63 -9.62 1.20
C TRP C 211 18.20 -9.23 1.45
N ARG C 212 17.98 -8.54 2.55
CA ARG C 212 16.64 -8.11 2.92
C ARG C 212 16.09 -7.08 1.94
N GLY C 213 16.93 -6.12 1.57
CA GLY C 213 16.52 -5.07 0.66
C GLY C 213 15.92 -5.50 -0.68
N GLY C 214 16.06 -6.76 -1.02
CA GLY C 214 15.54 -7.19 -2.30
C GLY C 214 14.10 -7.62 -2.27
N ARG C 215 13.51 -7.61 -1.08
CA ARG C 215 12.13 -8.04 -0.88
C ARG C 215 11.09 -7.01 -1.29
N ALA C 216 9.86 -7.48 -1.54
CA ALA C 216 8.74 -6.64 -1.98
C ALA C 216 8.65 -5.40 -1.07
N ALA C 217 9.19 -4.30 -1.56
CA ALA C 217 9.26 -3.05 -0.82
C ALA C 217 8.01 -2.54 -0.14
N ALA C 218 6.91 -2.49 -0.89
CA ALA C 218 5.64 -1.96 -0.39
C ALA C 218 4.77 -2.93 0.37
N VAL C 219 5.35 -4.04 0.77
CA VAL C 219 4.57 -5.06 1.44
C VAL C 219 5.22 -5.58 2.74
N ASN C 220 6.43 -5.14 3.05
CA ASN C 220 7.09 -5.63 4.24
C ASN C 220 7.74 -4.47 4.99
N ILE C 221 8.19 -4.79 6.21
CA ILE C 221 8.94 -3.87 7.07
C ILE C 221 10.32 -4.54 6.86
N ILE C 222 11.18 -3.83 6.12
CA ILE C 222 12.50 -4.32 5.77
C ILE C 222 13.61 -3.65 6.55
N PRO C 223 14.24 -4.37 7.53
CA PRO C 223 15.34 -3.77 8.31
C PRO C 223 16.44 -3.59 7.27
N SER C 224 17.12 -2.46 7.31
CA SER C 224 18.15 -2.19 6.32
C SER C 224 19.19 -1.37 7.02
N THR C 225 19.86 -0.54 6.26
CA THR C 225 20.88 0.31 6.84
C THR C 225 20.83 1.74 6.30
N THR C 226 21.51 2.61 7.01
CA THR C 226 21.53 4.02 6.68
C THR C 226 22.92 4.61 6.46
N GLY C 227 22.98 5.53 5.50
CA GLY C 227 24.24 6.19 5.20
C GLY C 227 24.64 7.01 6.40
N ALA C 228 23.67 7.74 6.95
CA ALA C 228 23.87 8.60 8.11
C ALA C 228 24.71 7.96 9.19
N ALA C 229 24.73 6.63 9.24
CA ALA C 229 25.50 5.92 10.24
C ALA C 229 26.96 6.35 10.20
N LYS C 230 27.54 6.28 9.02
CA LYS C 230 28.94 6.65 8.84
C LYS C 230 29.07 8.16 8.69
N ALA C 231 28.44 8.68 7.65
CA ALA C 231 28.46 10.10 7.33
C ALA C 231 28.35 11.12 8.46
N VAL C 232 27.65 10.79 9.54
CA VAL C 232 27.49 11.72 10.66
C VAL C 232 28.80 12.15 11.30
N GLY C 233 29.70 11.20 11.50
CA GLY C 233 30.99 11.49 12.10
C GLY C 233 31.94 12.29 11.21
N MET C 234 31.79 12.14 9.90
CA MET C 234 32.64 12.84 8.96
C MET C 234 32.26 14.31 8.83
N VAL C 235 31.18 14.70 9.50
CA VAL C 235 30.71 16.08 9.49
C VAL C 235 30.99 16.64 10.87
N ILE C 236 30.70 15.83 11.87
CA ILE C 236 30.92 16.19 13.25
C ILE C 236 31.84 15.08 13.78
N PRO C 237 33.18 15.25 13.66
CA PRO C 237 34.21 14.29 14.09
C PRO C 237 34.10 13.98 15.58
N SER C 238 33.59 14.94 16.33
CA SER C 238 33.41 14.81 17.76
C SER C 238 32.62 13.54 18.11
N THR C 239 31.67 13.17 17.25
CA THR C 239 30.80 12.01 17.47
C THR C 239 31.29 10.71 16.89
N LYS C 240 32.44 10.74 16.24
CA LYS C 240 33.00 9.56 15.62
C LYS C 240 33.11 8.41 16.63
N GLY C 241 32.54 7.26 16.28
CA GLY C 241 32.60 6.09 17.14
C GLY C 241 31.65 6.15 18.33
N LYS C 242 30.96 7.28 18.49
CA LYS C 242 30.04 7.47 19.59
C LYS C 242 28.57 7.45 19.15
N LEU C 243 28.35 7.19 17.86
CA LEU C 243 27.02 7.18 17.27
C LEU C 243 26.92 6.16 16.15
N THR C 244 25.81 5.44 16.12
CA THR C 244 25.55 4.44 15.09
C THR C 244 24.06 4.14 15.01
N GLY C 245 23.62 3.49 13.93
CA GLY C 245 22.21 3.18 13.78
C GLY C 245 21.79 2.35 12.57
N MET C 246 20.47 2.14 12.48
CA MET C 246 19.86 1.36 11.40
C MET C 246 18.61 2.04 10.81
N SER C 247 18.00 1.40 9.82
CA SER C 247 16.80 1.94 9.19
C SER C 247 15.86 0.82 8.88
N PHE C 248 14.58 1.11 9.02
CA PHE C 248 13.52 0.16 8.72
C PHE C 248 12.80 0.76 7.52
N ARG C 249 12.90 0.10 6.37
CA ARG C 249 12.21 0.57 5.16
C ARG C 249 10.74 0.11 5.25
N VAL C 250 9.81 1.04 5.13
CA VAL C 250 8.39 0.73 5.22
C VAL C 250 7.58 1.19 3.99
N PRO C 251 6.40 0.59 3.76
CA PRO C 251 5.50 0.90 2.64
C PRO C 251 4.99 2.35 2.42
N THR C 252 5.89 3.33 2.34
CA THR C 252 5.49 4.71 2.04
C THR C 252 6.46 5.23 0.97
N PRO C 253 5.93 5.82 -0.12
CA PRO C 253 6.75 6.34 -1.24
C PRO C 253 7.68 7.55 -0.96
N ASP C 254 7.42 8.29 0.11
CA ASP C 254 8.28 9.43 0.41
C ASP C 254 7.99 9.94 1.83
N VAL C 255 8.96 10.64 2.40
CA VAL C 255 8.92 11.20 3.75
C VAL C 255 9.36 10.13 4.76
N SER C 256 10.36 10.49 5.57
CA SER C 256 10.88 9.60 6.59
C SER C 256 10.99 10.28 7.95
N VAL C 257 11.25 9.49 8.97
CA VAL C 257 11.37 10.03 10.32
C VAL C 257 12.57 9.43 11.14
N VAL C 258 13.41 10.30 11.71
CA VAL C 258 14.55 9.85 12.51
C VAL C 258 14.12 9.68 13.94
N ASP C 259 14.50 8.57 14.54
CA ASP C 259 14.15 8.26 15.94
C ASP C 259 15.44 8.09 16.77
N LEU C 260 16.04 9.21 17.16
CA LEU C 260 17.28 9.21 17.95
C LEU C 260 17.17 9.03 19.48
N THR C 261 18.02 8.15 20.02
CA THR C 261 18.08 7.88 21.45
C THR C 261 19.53 8.09 21.88
N PHE C 262 19.75 8.95 22.86
CA PHE C 262 21.10 9.22 23.30
C PHE C 262 21.21 9.51 24.78
N ARG C 263 22.46 9.49 25.26
CA ARG C 263 22.75 9.77 26.64
C ARG C 263 23.56 11.07 26.69
N ALA C 264 23.07 12.05 27.45
CA ALA C 264 23.75 13.35 27.57
C ALA C 264 24.99 13.29 28.45
N THR C 265 25.86 14.28 28.32
CA THR C 265 27.08 14.34 29.13
C THR C 265 26.75 14.90 30.50
N ARG C 266 25.83 15.85 30.53
CA ARG C 266 25.42 16.48 31.79
C ARG C 266 23.93 16.26 32.08
N ASP C 267 23.54 16.43 33.35
CA ASP C 267 22.15 16.27 33.74
C ASP C 267 21.38 17.38 33.06
N THR C 268 20.22 17.03 32.54
CA THR C 268 19.38 17.99 31.85
C THR C 268 17.98 17.43 31.74
N SER C 269 17.08 18.15 31.08
CA SER C 269 15.69 17.69 30.93
C SER C 269 15.19 17.74 29.47
N ILE C 270 14.09 17.04 29.18
CA ILE C 270 13.51 17.01 27.84
C ILE C 270 12.91 18.36 27.42
N GLN C 271 12.49 19.14 28.41
CA GLN C 271 11.95 20.47 28.17
C GLN C 271 13.12 21.35 27.79
N GLU C 272 14.24 21.15 28.48
CA GLU C 272 15.44 21.93 28.22
C GLU C 272 15.84 21.78 26.76
N ILE C 273 15.87 20.53 26.32
CA ILE C 273 16.24 20.19 24.96
C ILE C 273 15.21 20.75 23.98
N ASP C 274 13.95 20.46 24.24
CA ASP C 274 12.85 20.94 23.40
C ASP C 274 12.97 22.44 23.18
N LYS C 275 13.29 23.17 24.25
CA LYS C 275 13.43 24.63 24.21
C LYS C 275 14.62 25.06 23.37
N ALA C 276 15.74 24.33 23.49
CA ALA C 276 16.96 24.64 22.75
C ALA C 276 16.90 24.34 21.25
N ILE C 277 16.08 23.36 20.87
CA ILE C 277 15.93 22.98 19.47
C ILE C 277 15.04 24.00 18.79
N LYS C 278 13.98 24.41 19.48
CA LYS C 278 13.05 25.40 18.93
C LYS C 278 13.76 26.72 18.74
N LYS C 279 14.59 27.07 19.72
CA LYS C 279 15.38 28.29 19.74
C LYS C 279 16.37 28.23 18.60
N ALA C 280 17.12 27.13 18.53
CA ALA C 280 18.10 26.92 17.48
C ALA C 280 17.42 27.01 16.12
N ALA C 281 16.20 26.48 16.02
CA ALA C 281 15.43 26.49 14.78
C ALA C 281 15.03 27.89 14.33
N GLN C 282 14.85 28.81 15.28
CA GLN C 282 14.47 30.18 14.96
C GLN C 282 15.66 31.13 14.81
N THR C 283 16.83 30.64 15.21
CA THR C 283 18.06 31.44 15.16
C THR C 283 19.09 31.03 14.11
N TYR C 284 20.10 30.27 14.53
CA TYR C 284 21.18 29.85 13.67
C TYR C 284 20.99 28.66 12.76
N MET C 285 19.89 27.95 12.89
CA MET C 285 19.67 26.81 12.03
C MET C 285 18.47 27.06 11.12
N LYS C 286 17.90 28.26 11.24
CA LYS C 286 16.73 28.65 10.46
C LYS C 286 16.88 28.22 9.00
N GLY C 287 15.82 27.64 8.47
CA GLY C 287 15.83 27.18 7.10
C GLY C 287 16.39 25.79 6.95
N ILE C 288 17.15 25.32 7.95
CA ILE C 288 17.73 24.00 7.92
C ILE C 288 17.03 23.07 8.89
N LEU C 289 16.89 23.54 10.13
CA LEU C 289 16.21 22.77 11.17
C LEU C 289 14.95 23.55 11.52
N GLY C 290 13.82 22.87 11.50
CA GLY C 290 12.56 23.49 11.82
C GLY C 290 11.90 22.56 12.81
N PHE C 291 10.73 22.92 13.33
CA PHE C 291 10.08 22.02 14.28
C PHE C 291 8.58 22.08 14.13
N THR C 292 7.88 21.27 14.91
CA THR C 292 6.44 21.27 14.83
C THR C 292 5.75 20.99 16.17
N ASP C 293 4.72 21.78 16.44
CA ASP C 293 3.93 21.65 17.65
C ASP C 293 2.62 20.95 17.37
N GLU C 294 2.41 20.52 16.12
CA GLU C 294 1.18 19.85 15.72
C GLU C 294 1.23 18.32 15.67
N GLU C 295 0.05 17.72 15.63
CA GLU C 295 -0.05 16.26 15.60
C GLU C 295 0.03 15.83 14.15
N LEU C 296 1.21 15.95 13.54
CA LEU C 296 1.36 15.60 12.14
C LEU C 296 1.71 14.14 11.84
N VAL C 297 1.40 13.68 10.63
CA VAL C 297 1.69 12.32 10.15
C VAL C 297 2.59 12.49 8.91
N SER C 298 3.22 11.41 8.43
CA SER C 298 4.14 11.48 7.30
C SER C 298 3.72 12.35 6.13
N ALA C 299 2.51 12.15 5.61
CA ALA C 299 2.03 12.93 4.49
C ALA C 299 2.13 14.43 4.66
N ASP C 300 2.07 14.89 5.90
CA ASP C 300 2.12 16.32 6.16
C ASP C 300 3.48 16.96 5.94
N PHE C 301 4.51 16.17 5.69
CA PHE C 301 5.83 16.73 5.49
C PHE C 301 6.31 16.74 4.02
N ILE C 302 5.45 16.25 3.11
CA ILE C 302 5.75 16.23 1.68
C ILE C 302 5.90 17.67 1.19
N ASN C 303 6.95 17.94 0.42
CA ASN C 303 7.29 19.27 -0.11
C ASN C 303 7.80 20.27 0.94
N ASP C 304 8.25 19.76 2.09
CA ASP C 304 8.81 20.58 3.16
C ASP C 304 10.32 20.60 3.00
N ASN C 305 10.86 21.74 2.56
CA ASN C 305 12.30 21.89 2.33
C ASN C 305 13.29 21.92 3.50
N ARG C 306 12.81 21.87 4.74
CA ARG C 306 13.73 21.86 5.89
C ARG C 306 14.46 20.52 6.00
N SER C 307 15.77 20.58 6.20
CA SER C 307 16.59 19.38 6.31
C SER C 307 16.12 18.42 7.38
N SER C 308 15.52 18.96 8.42
CA SER C 308 15.03 18.16 9.54
C SER C 308 14.06 18.99 10.36
N VAL C 309 12.83 18.50 10.47
CA VAL C 309 11.84 19.23 11.24
C VAL C 309 11.40 18.42 12.47
N TYR C 310 11.97 18.80 13.61
CA TYR C 310 11.75 18.19 14.92
C TYR C 310 10.28 18.12 15.32
N ASP C 311 9.90 17.02 15.98
CA ASP C 311 8.52 16.81 16.42
C ASP C 311 8.41 17.11 17.91
N SER C 312 7.88 18.28 18.26
CA SER C 312 7.72 18.67 19.67
C SER C 312 6.90 17.64 20.49
N LYS C 313 5.62 17.51 20.16
CA LYS C 313 4.71 16.60 20.85
C LYS C 313 5.27 15.19 20.94
N ALA C 314 5.63 14.62 19.80
CA ALA C 314 6.16 13.26 19.78
C ALA C 314 7.29 13.04 20.76
N THR C 315 8.18 14.01 20.87
CA THR C 315 9.33 13.90 21.77
C THR C 315 8.95 14.08 23.22
N LEU C 316 8.35 15.23 23.55
CA LEU C 316 7.93 15.50 24.93
C LEU C 316 7.08 14.37 25.50
N GLN C 317 6.11 13.90 24.72
CA GLN C 317 5.22 12.85 25.20
C GLN C 317 5.78 11.46 25.32
N ASN C 318 6.95 11.21 24.76
CA ASN C 318 7.50 9.87 24.85
C ASN C 318 8.89 9.71 25.48
N ASN C 319 9.12 10.48 26.54
CA ASN C 319 10.36 10.42 27.29
C ASN C 319 10.01 10.12 28.75
N LEU C 320 10.95 9.51 29.47
CA LEU C 320 10.76 9.17 30.88
C LEU C 320 10.57 10.47 31.65
N PRO C 321 9.55 10.53 32.51
CA PRO C 321 9.27 11.72 33.32
C PRO C 321 10.46 12.10 34.22
N GLY C 322 10.95 11.12 34.97
CA GLY C 322 12.09 11.36 35.84
C GLY C 322 13.34 11.01 35.07
N GLU C 323 13.86 11.98 34.33
CA GLU C 323 15.04 11.72 33.54
C GLU C 323 15.89 12.92 33.22
N LYS C 324 17.19 12.74 33.36
CA LYS C 324 18.16 13.79 33.12
C LYS C 324 19.25 13.41 32.14
N ARG C 325 19.24 12.17 31.65
CA ARG C 325 20.26 11.69 30.70
C ARG C 325 19.78 10.97 29.43
N PHE C 326 19.05 9.88 29.61
CA PHE C 326 18.55 9.02 28.54
C PHE C 326 17.37 9.64 27.81
N PHE C 327 17.63 10.18 26.63
CA PHE C 327 16.57 10.83 25.87
C PHE C 327 16.33 10.33 24.46
N LYS C 328 15.17 10.71 23.93
CA LYS C 328 14.70 10.37 22.59
C LYS C 328 14.25 11.65 21.90
N VAL C 329 14.66 11.79 20.65
CA VAL C 329 14.28 12.95 19.85
C VAL C 329 13.76 12.48 18.48
N VAL C 330 12.49 12.77 18.19
CA VAL C 330 11.85 12.40 16.91
C VAL C 330 11.88 13.59 15.94
N SER C 331 12.27 13.31 14.70
CA SER C 331 12.37 14.34 13.68
C SER C 331 12.08 13.78 12.29
N TRP C 332 11.27 14.51 11.53
CA TRP C 332 10.88 14.10 10.18
C TRP C 332 11.67 14.82 9.10
N TYR C 333 11.51 14.35 7.87
CA TYR C 333 12.17 14.97 6.74
C TYR C 333 11.62 14.42 5.44
N ASP C 334 11.44 15.27 4.44
CA ASP C 334 10.99 14.75 3.16
C ASP C 334 12.32 14.42 2.46
N ASN C 335 12.67 13.14 2.38
CA ASN C 335 13.93 12.70 1.80
C ASN C 335 14.32 13.08 0.35
N GLU C 336 13.36 13.47 -0.47
CA GLU C 336 13.66 13.83 -1.84
C GLU C 336 13.68 15.33 -2.00
N TRP C 337 12.76 16.01 -1.34
CA TRP C 337 12.65 17.46 -1.43
C TRP C 337 13.73 18.24 -0.65
N ALA C 338 13.78 18.08 0.66
CA ALA C 338 14.75 18.75 1.51
C ALA C 338 16.16 18.51 1.01
N TYR C 339 16.54 17.24 0.94
CA TYR C 339 17.86 16.88 0.47
C TYR C 339 18.22 17.58 -0.85
N SER C 340 17.28 17.59 -1.80
CA SER C 340 17.50 18.24 -3.09
C SER C 340 17.74 19.72 -2.93
N HIS C 341 16.97 20.36 -2.06
CA HIS C 341 17.18 21.78 -1.85
C HIS C 341 18.52 22.01 -1.18
N ARG C 342 19.03 21.06 -0.40
CA ARG C 342 20.33 21.23 0.21
C ARG C 342 21.44 21.17 -0.85
N VAL C 343 21.25 20.33 -1.89
CA VAL C 343 22.24 20.21 -2.98
C VAL C 343 22.40 21.53 -3.75
N VAL C 344 21.28 22.18 -4.05
CA VAL C 344 21.31 23.48 -4.75
C VAL C 344 22.03 24.52 -3.88
N ASP C 345 21.78 24.48 -2.57
CA ASP C 345 22.42 25.39 -1.61
C ASP C 345 23.94 25.19 -1.66
N LEU C 346 24.38 23.94 -1.56
CA LEU C 346 25.80 23.61 -1.56
C LEU C 346 26.44 24.15 -2.81
N VAL C 347 25.78 23.95 -3.95
CA VAL C 347 26.33 24.42 -5.22
C VAL C 347 26.56 25.92 -5.13
N ARG C 348 25.49 26.67 -4.92
CA ARG C 348 25.56 28.12 -4.82
C ARG C 348 26.62 28.61 -3.83
N TYR C 349 26.74 27.90 -2.72
CA TYR C 349 27.72 28.28 -1.71
C TYR C 349 29.12 27.97 -2.20
N MET C 350 29.29 26.78 -2.77
CA MET C 350 30.58 26.41 -3.29
C MET C 350 31.00 27.44 -4.35
N ALA C 351 30.02 27.94 -5.11
CA ALA C 351 30.28 28.93 -6.16
C ALA C 351 30.71 30.25 -5.58
N ALA C 352 30.22 30.57 -4.38
CA ALA C 352 30.59 31.82 -3.74
C ALA C 352 32.06 31.78 -3.30
N LYS C 353 32.44 30.69 -2.64
CA LYS C 353 33.82 30.52 -2.18
C LYS C 353 34.76 30.34 -3.36
N ASP C 354 34.22 29.87 -4.49
CA ASP C 354 35.00 29.65 -5.71
C ASP C 354 35.28 30.95 -6.43
N ALA C 355 34.43 31.94 -6.18
CA ALA C 355 34.57 33.26 -6.79
C ALA C 355 35.64 34.04 -6.04
N ALA C 356 35.74 33.75 -4.75
CA ALA C 356 36.74 34.37 -3.90
C ALA C 356 38.08 33.81 -4.36
N SER C 357 38.23 32.50 -4.21
CA SER C 357 39.46 31.81 -4.62
C SER C 357 39.35 31.13 -5.98
N SER C 358 39.34 29.79 -6.01
CA SER C 358 39.27 29.03 -7.27
C SER C 358 38.54 27.68 -7.15
N ALA D 1 11.79 -42.05 -18.04
CA ALA D 1 13.08 -41.44 -17.62
C ALA D 1 12.87 -40.01 -17.09
N PRO D 2 13.74 -39.56 -16.16
CA PRO D 2 13.60 -38.21 -15.60
C PRO D 2 13.85 -37.17 -16.69
N ILE D 3 12.88 -36.29 -16.89
CA ILE D 3 13.00 -35.24 -17.89
C ILE D 3 14.13 -34.32 -17.42
N LYS D 4 15.06 -34.03 -18.31
CA LYS D 4 16.19 -33.18 -17.98
C LYS D 4 15.83 -31.74 -18.30
N VAL D 5 15.70 -30.93 -17.25
CA VAL D 5 15.37 -29.52 -17.41
C VAL D 5 16.35 -28.59 -16.70
N GLY D 6 16.30 -27.33 -17.10
CA GLY D 6 17.13 -26.31 -16.50
C GLY D 6 16.28 -25.05 -16.52
N ILE D 7 16.54 -24.16 -15.58
CA ILE D 7 15.77 -22.91 -15.52
C ILE D 7 16.71 -21.75 -15.81
N ASN D 8 16.35 -20.93 -16.79
CA ASN D 8 17.14 -19.74 -17.13
C ASN D 8 16.34 -18.55 -16.59
N GLY D 9 16.87 -17.92 -15.54
CA GLY D 9 16.14 -16.81 -14.92
C GLY D 9 15.32 -17.37 -13.76
N PHE D 10 15.94 -17.40 -12.59
CA PHE D 10 15.33 -17.90 -11.37
C PHE D 10 14.60 -16.76 -10.62
N GLY D 11 13.57 -16.17 -11.25
CA GLY D 11 12.85 -15.08 -10.63
C GLY D 11 11.55 -15.47 -9.98
N ARG D 12 10.51 -14.69 -10.22
CA ARG D 12 9.20 -14.97 -9.67
C ARG D 12 8.70 -16.24 -10.36
N ILE D 13 8.56 -16.19 -11.68
CA ILE D 13 8.11 -17.36 -12.43
C ILE D 13 9.18 -18.48 -12.42
N GLY D 14 10.44 -18.09 -12.29
CA GLY D 14 11.48 -19.08 -12.26
C GLY D 14 11.28 -19.91 -11.01
N ARG D 15 11.30 -19.25 -9.87
CA ARG D 15 11.16 -19.91 -8.58
C ARG D 15 9.82 -20.62 -8.34
N MET D 16 8.73 -20.11 -8.91
CA MET D 16 7.42 -20.73 -8.71
C MET D 16 7.34 -22.01 -9.53
N VAL D 17 8.01 -22.03 -10.68
CA VAL D 17 8.02 -23.23 -11.51
C VAL D 17 8.78 -24.33 -10.77
N PHE D 18 9.98 -24.01 -10.30
CA PHE D 18 10.79 -24.98 -9.58
C PHE D 18 10.01 -25.49 -8.39
N GLN D 19 9.25 -24.60 -7.76
CA GLN D 19 8.46 -24.97 -6.59
C GLN D 19 7.33 -25.91 -6.96
N ALA D 20 6.66 -25.63 -8.08
CA ALA D 20 5.55 -26.47 -8.51
C ALA D 20 6.04 -27.88 -8.79
N ILE D 21 7.29 -27.97 -9.21
CA ILE D 21 7.89 -29.26 -9.50
C ILE D 21 8.21 -30.03 -8.21
N CYS D 22 8.75 -29.33 -7.21
CA CYS D 22 9.07 -30.00 -5.96
C CYS D 22 7.80 -30.33 -5.20
N ASP D 23 6.87 -29.38 -5.15
CA ASP D 23 5.62 -29.55 -4.42
C ASP D 23 4.69 -30.62 -4.97
N GLN D 24 4.72 -30.84 -6.29
CA GLN D 24 3.88 -31.88 -6.86
C GLN D 24 4.59 -33.24 -6.74
N GLY D 25 5.76 -33.24 -6.11
CA GLY D 25 6.51 -34.47 -5.90
C GLY D 25 7.29 -34.97 -7.10
N LEU D 26 7.22 -34.20 -8.20
CA LEU D 26 7.86 -34.48 -9.48
C LEU D 26 9.39 -34.43 -9.47
N ILE D 27 9.96 -33.59 -8.61
CA ILE D 27 11.42 -33.43 -8.49
C ILE D 27 12.15 -34.75 -8.26
N GLY D 28 13.29 -34.90 -8.94
CA GLY D 28 14.10 -36.11 -8.81
C GLY D 28 13.67 -37.28 -9.67
N THR D 29 12.40 -37.66 -9.58
CA THR D 29 11.88 -38.79 -10.33
C THR D 29 11.27 -38.42 -11.67
N GLU D 30 10.04 -37.92 -11.67
CA GLU D 30 9.37 -37.54 -12.92
C GLU D 30 10.18 -36.51 -13.69
N ILE D 31 10.50 -35.41 -13.03
CA ILE D 31 11.30 -34.34 -13.65
C ILE D 31 12.62 -34.22 -12.91
N ASP D 32 13.64 -33.79 -13.63
CA ASP D 32 14.96 -33.66 -13.06
C ASP D 32 15.54 -32.28 -13.35
N VAL D 33 15.63 -31.44 -12.33
CA VAL D 33 16.17 -30.09 -12.50
C VAL D 33 17.70 -30.14 -12.31
N VAL D 34 18.39 -29.99 -13.45
CA VAL D 34 19.85 -30.04 -13.50
C VAL D 34 20.57 -28.79 -12.98
N ALA D 35 20.16 -27.62 -13.47
CA ALA D 35 20.77 -26.37 -13.04
C ALA D 35 19.86 -25.16 -13.21
N VAL D 36 20.01 -24.21 -12.29
CA VAL D 36 19.25 -22.95 -12.29
C VAL D 36 20.23 -21.83 -12.65
N VAL D 37 19.76 -20.83 -13.41
CA VAL D 37 20.63 -19.75 -13.87
C VAL D 37 20.19 -18.33 -13.51
N ASP D 38 21.09 -17.58 -12.88
CA ASP D 38 20.80 -16.20 -12.56
C ASP D 38 22.07 -15.39 -12.38
N MET D 39 21.88 -14.09 -12.13
CA MET D 39 22.99 -13.14 -11.97
C MET D 39 24.14 -13.68 -11.14
N SER D 40 23.83 -14.20 -9.97
CA SER D 40 24.86 -14.76 -9.09
C SER D 40 24.81 -16.27 -9.16
N THR D 41 25.76 -16.90 -8.48
CA THR D 41 25.82 -18.36 -8.41
C THR D 41 25.98 -18.77 -6.94
N ASN D 42 25.59 -17.87 -6.04
CA ASN D 42 25.68 -18.15 -4.61
C ASN D 42 24.44 -18.93 -4.19
N ALA D 43 24.59 -20.24 -4.08
CA ALA D 43 23.47 -21.08 -3.70
C ALA D 43 22.90 -20.65 -2.35
N GLU D 44 23.70 -19.97 -1.54
CA GLU D 44 23.23 -19.50 -0.23
C GLU D 44 22.13 -18.48 -0.45
N TYR D 45 22.35 -17.55 -1.39
CA TYR D 45 21.36 -16.54 -1.72
C TYR D 45 20.12 -17.24 -2.30
N PHE D 46 20.34 -18.19 -3.21
CA PHE D 46 19.23 -18.92 -3.81
C PHE D 46 18.42 -19.60 -2.73
N ALA D 47 19.14 -20.22 -1.80
CA ALA D 47 18.54 -20.93 -0.69
C ALA D 47 17.55 -19.97 -0.01
N TYR D 48 18.06 -18.79 0.35
CA TYR D 48 17.26 -17.75 1.01
C TYR D 48 16.06 -17.28 0.17
N GLN D 49 16.29 -17.08 -1.13
CA GLN D 49 15.21 -16.68 -2.00
C GLN D 49 14.10 -17.73 -2.01
N MET D 50 14.49 -18.99 -1.84
CA MET D 50 13.55 -20.12 -1.88
C MET D 50 12.77 -20.40 -0.62
N LYS D 51 13.42 -20.23 0.52
CA LYS D 51 12.79 -20.51 1.80
C LYS D 51 11.81 -19.45 2.33
N HIS D 52 11.96 -18.21 1.88
CA HIS D 52 11.06 -17.16 2.33
C HIS D 52 10.54 -16.34 1.17
N ASP D 53 9.23 -16.42 0.93
CA ASP D 53 8.60 -15.66 -0.14
C ASP D 53 7.47 -14.82 0.43
N THR D 54 7.53 -13.51 0.19
CA THR D 54 6.52 -12.61 0.72
C THR D 54 5.05 -12.97 0.46
N VAL D 55 4.72 -13.42 -0.75
CA VAL D 55 3.34 -13.75 -1.12
C VAL D 55 2.92 -15.19 -1.05
N HIS D 56 3.85 -16.13 -1.19
CA HIS D 56 3.45 -17.53 -1.13
C HIS D 56 3.96 -18.28 0.08
N GLY D 57 4.67 -17.58 0.95
CA GLY D 57 5.21 -18.17 2.15
C GLY D 57 6.30 -19.19 1.86
N ARG D 58 6.63 -20.00 2.88
CA ARG D 58 7.64 -21.05 2.81
C ARG D 58 7.21 -22.29 1.98
N PRO D 59 8.08 -22.77 1.07
CA PRO D 59 7.81 -23.93 0.22
C PRO D 59 7.69 -25.20 1.04
N LYS D 60 7.08 -26.24 0.49
CA LYS D 60 6.97 -27.47 1.25
C LYS D 60 8.29 -28.25 1.33
N TYR D 61 9.11 -28.18 0.28
CA TYR D 61 10.40 -28.90 0.24
C TYR D 61 11.46 -28.38 1.20
N THR D 62 12.68 -28.90 1.06
CA THR D 62 13.83 -28.49 1.88
C THR D 62 15.02 -28.17 0.96
N VAL D 63 15.65 -27.02 1.17
CA VAL D 63 16.77 -26.61 0.32
C VAL D 63 18.05 -26.29 1.09
N GLU D 64 19.19 -26.72 0.55
CA GLU D 64 20.47 -26.48 1.20
C GLU D 64 21.51 -26.04 0.20
N ALA D 65 22.43 -25.21 0.67
CA ALA D 65 23.50 -24.71 -0.18
C ALA D 65 24.80 -25.40 0.21
N VAL D 66 25.42 -26.05 -0.77
CA VAL D 66 26.67 -26.76 -0.57
C VAL D 66 27.66 -26.42 -1.69
N LYS D 67 28.91 -26.17 -1.31
CA LYS D 67 29.98 -25.88 -2.27
C LYS D 67 30.55 -27.23 -2.66
N SER D 68 30.59 -27.50 -3.96
CA SER D 68 31.10 -28.77 -4.46
C SER D 68 32.53 -29.02 -3.96
N SER D 69 33.52 -28.56 -4.73
CA SER D 69 34.91 -28.71 -4.34
C SER D 69 35.22 -27.63 -3.31
N PRO D 70 35.72 -28.04 -2.14
CA PRO D 70 36.09 -27.14 -1.02
C PRO D 70 36.97 -25.96 -1.44
N SER D 71 37.40 -25.97 -2.69
CA SER D 71 38.23 -24.91 -3.27
C SER D 71 37.43 -23.64 -3.60
N VAL D 72 36.16 -23.82 -3.94
CA VAL D 72 35.26 -22.70 -4.24
C VAL D 72 34.79 -22.12 -2.88
N GLU D 73 34.82 -20.80 -2.77
CA GLU D 73 34.43 -20.13 -1.51
C GLU D 73 32.91 -20.10 -1.26
N THR D 74 32.14 -19.60 -2.24
CA THR D 74 30.69 -19.53 -2.13
C THR D 74 30.03 -20.82 -2.59
N ALA D 75 29.03 -21.26 -1.84
CA ALA D 75 28.32 -22.49 -2.20
C ALA D 75 27.84 -22.35 -3.65
N ASP D 76 27.66 -23.48 -4.34
CA ASP D 76 27.22 -23.42 -5.73
C ASP D 76 26.32 -24.58 -6.16
N VAL D 77 25.81 -25.29 -5.15
CA VAL D 77 24.95 -26.42 -5.39
C VAL D 77 23.76 -26.45 -4.42
N LEU D 78 22.55 -26.45 -4.97
CA LEU D 78 21.30 -26.52 -4.20
C LEU D 78 20.94 -27.98 -3.97
N VAL D 79 20.57 -28.32 -2.75
CA VAL D 79 20.22 -29.69 -2.47
C VAL D 79 18.78 -29.70 -2.00
N VAL D 80 17.89 -29.80 -2.97
CA VAL D 80 16.47 -29.80 -2.68
C VAL D 80 15.98 -31.24 -2.53
N ASN D 81 15.48 -31.60 -1.35
CA ASN D 81 14.94 -32.94 -1.07
C ASN D 81 15.82 -34.08 -1.61
N GLY D 82 17.12 -34.01 -1.31
CA GLY D 82 18.04 -35.03 -1.80
C GLY D 82 18.16 -35.00 -3.32
N HIS D 83 18.89 -33.99 -3.82
CA HIS D 83 19.09 -33.81 -5.25
C HIS D 83 20.01 -32.61 -5.46
N ARG D 84 21.10 -32.84 -6.17
CA ARG D 84 22.07 -31.80 -6.48
C ARG D 84 21.68 -31.03 -7.74
N ILE D 85 21.50 -29.72 -7.57
CA ILE D 85 21.15 -28.81 -8.65
C ILE D 85 22.31 -27.82 -8.71
N LYS D 86 22.80 -27.54 -9.90
CA LYS D 86 23.93 -26.63 -10.07
C LYS D 86 23.57 -25.17 -10.34
N CYS D 87 24.36 -24.27 -9.78
CA CYS D 87 24.13 -22.84 -9.95
C CYS D 87 25.03 -22.31 -11.06
N VAL D 88 24.46 -22.25 -12.26
CA VAL D 88 25.16 -21.76 -13.45
C VAL D 88 25.22 -20.24 -13.49
N LYS D 89 26.33 -19.71 -14.02
CA LYS D 89 26.48 -18.28 -14.14
C LYS D 89 25.71 -17.81 -15.37
N ALA D 90 25.05 -16.66 -15.21
CA ALA D 90 24.26 -16.05 -16.26
C ALA D 90 25.07 -15.61 -17.50
N GLN D 91 24.52 -15.84 -18.69
CA GLN D 91 25.17 -15.47 -19.94
C GLN D 91 24.32 -14.44 -20.67
N ARG D 92 25.00 -13.52 -21.36
CA ARG D 92 24.36 -12.47 -22.13
C ARG D 92 23.67 -13.07 -23.36
N ASN D 93 24.16 -14.23 -23.80
CA ASN D 93 23.59 -14.92 -24.94
C ASN D 93 23.26 -16.35 -24.51
N PRO D 94 22.04 -16.83 -24.87
CA PRO D 94 21.54 -18.18 -24.55
C PRO D 94 22.45 -19.29 -25.07
N ALA D 95 22.96 -19.11 -26.29
CA ALA D 95 23.83 -20.11 -26.91
C ALA D 95 25.16 -20.31 -26.18
N ASP D 96 25.44 -19.46 -25.20
CA ASP D 96 26.68 -19.59 -24.45
C ASP D 96 26.55 -20.54 -23.27
N LEU D 97 25.31 -20.86 -22.89
CA LEU D 97 25.03 -21.76 -21.77
C LEU D 97 25.43 -23.21 -22.04
N PRO D 98 26.04 -23.87 -21.04
CA PRO D 98 26.48 -25.26 -21.15
C PRO D 98 25.38 -26.31 -21.06
N TRP D 99 24.26 -26.08 -21.75
CA TRP D 99 23.13 -27.01 -21.70
C TRP D 99 23.50 -28.43 -22.13
N GLY D 100 23.97 -28.55 -23.38
CA GLY D 100 24.36 -29.83 -23.95
C GLY D 100 25.36 -30.59 -23.08
N LYS D 101 26.31 -29.87 -22.49
CA LYS D 101 27.28 -30.50 -21.61
C LYS D 101 26.55 -31.03 -20.37
N LEU D 102 25.93 -30.11 -19.62
CA LEU D 102 25.21 -30.44 -18.41
C LEU D 102 24.27 -31.63 -18.59
N GLY D 103 23.70 -31.75 -19.79
CA GLY D 103 22.80 -32.84 -20.06
C GLY D 103 21.39 -32.36 -19.86
N VAL D 104 21.11 -31.15 -20.35
CA VAL D 104 19.80 -30.53 -20.25
C VAL D 104 19.10 -30.64 -21.61
N ASP D 105 17.90 -31.21 -21.60
CA ASP D 105 17.13 -31.37 -22.83
C ASP D 105 16.11 -30.28 -22.97
N TYR D 106 15.41 -29.99 -21.87
CA TYR D 106 14.37 -28.98 -21.86
C TYR D 106 14.74 -27.72 -21.10
N VAL D 107 14.87 -26.62 -21.83
CA VAL D 107 15.21 -25.33 -21.25
C VAL D 107 13.95 -24.49 -21.00
N ILE D 108 13.86 -23.94 -19.79
CA ILE D 108 12.77 -23.06 -19.43
C ILE D 108 13.31 -21.63 -19.43
N GLU D 109 12.83 -20.86 -20.41
CA GLU D 109 13.22 -19.46 -20.60
C GLU D 109 12.36 -18.51 -19.78
N SER D 110 12.89 -18.07 -18.64
CA SER D 110 12.17 -17.15 -17.78
C SER D 110 12.97 -15.94 -17.23
N THR D 111 13.91 -15.43 -18.03
CA THR D 111 14.69 -14.22 -17.65
C THR D 111 13.88 -13.03 -18.17
N GLY D 112 13.03 -13.29 -19.17
CA GLY D 112 12.20 -12.25 -19.75
C GLY D 112 12.93 -11.50 -20.83
N LEU D 113 14.24 -11.75 -20.94
CA LEU D 113 15.12 -11.10 -21.90
C LEU D 113 15.13 -11.71 -23.30
N PHE D 114 14.61 -12.92 -23.44
CA PHE D 114 14.62 -13.60 -24.73
C PHE D 114 13.29 -14.11 -25.18
N THR D 115 12.31 -13.21 -25.30
CA THR D 115 10.99 -13.62 -25.74
C THR D 115 10.94 -13.93 -27.23
N ASP D 116 12.02 -13.61 -27.95
CA ASP D 116 12.08 -13.87 -29.40
C ASP D 116 12.48 -15.31 -29.72
N LYS D 117 11.79 -15.88 -30.69
CA LYS D 117 12.05 -17.26 -31.09
C LYS D 117 13.51 -17.47 -31.40
N LEU D 118 14.08 -16.55 -32.17
CA LEU D 118 15.47 -16.63 -32.60
C LEU D 118 16.47 -16.39 -31.48
N LYS D 119 16.14 -15.47 -30.58
CA LYS D 119 17.00 -15.19 -29.45
C LYS D 119 16.97 -16.40 -28.52
N ALA D 120 15.83 -17.11 -28.56
CA ALA D 120 15.58 -18.28 -27.73
C ALA D 120 16.16 -19.58 -28.31
N GLU D 121 16.36 -19.61 -29.63
CA GLU D 121 16.92 -20.79 -30.29
C GLU D 121 18.33 -21.06 -29.79
N GLY D 122 18.96 -20.00 -29.31
CA GLY D 122 20.33 -20.09 -28.80
C GLY D 122 20.52 -21.25 -27.86
N HIS D 123 19.48 -21.56 -27.08
CA HIS D 123 19.53 -22.65 -26.12
C HIS D 123 19.73 -23.98 -26.84
N ILE D 124 19.12 -24.10 -28.01
CA ILE D 124 19.27 -25.30 -28.82
C ILE D 124 20.72 -25.36 -29.30
N LYS D 125 21.23 -24.22 -29.73
CA LYS D 125 22.60 -24.11 -30.19
C LYS D 125 23.59 -24.30 -29.04
N GLY D 126 23.07 -24.19 -27.83
CA GLY D 126 23.90 -24.37 -26.65
C GLY D 126 23.92 -25.83 -26.22
N GLY D 127 23.12 -26.66 -26.90
CA GLY D 127 23.06 -28.07 -26.56
C GLY D 127 21.75 -28.62 -26.00
N ALA D 128 20.66 -27.85 -26.17
CA ALA D 128 19.33 -28.21 -25.68
C ALA D 128 18.34 -28.59 -26.79
N LYS D 129 17.48 -29.58 -26.51
CA LYS D 129 16.49 -30.07 -27.45
C LYS D 129 15.31 -29.10 -27.62
N LYS D 130 14.54 -28.91 -26.56
CA LYS D 130 13.37 -28.03 -26.60
C LYS D 130 13.46 -26.85 -25.61
N VAL D 131 12.71 -25.80 -25.91
CA VAL D 131 12.72 -24.61 -25.06
C VAL D 131 11.32 -24.05 -24.87
N VAL D 132 10.94 -23.83 -23.60
CA VAL D 132 9.62 -23.25 -23.27
C VAL D 132 9.78 -21.83 -22.72
N ILE D 133 9.29 -20.86 -23.51
CA ILE D 133 9.34 -19.44 -23.17
C ILE D 133 8.15 -19.07 -22.27
N SER D 134 8.46 -18.67 -21.03
CA SER D 134 7.47 -18.29 -20.01
C SER D 134 6.83 -16.93 -20.27
N ALA D 135 6.49 -16.66 -21.53
CA ALA D 135 5.89 -15.39 -21.92
C ALA D 135 5.55 -15.44 -23.38
N PRO D 136 4.78 -14.46 -23.87
CA PRO D 136 4.43 -14.45 -25.30
C PRO D 136 5.74 -14.30 -26.05
N ALA D 137 6.02 -15.26 -26.92
CA ALA D 137 7.24 -15.24 -27.72
C ALA D 137 7.00 -14.63 -29.07
N SER D 138 8.03 -13.94 -29.57
CA SER D 138 7.99 -13.30 -30.89
C SER D 138 8.81 -14.13 -31.88
N GLY D 139 8.77 -13.73 -33.15
CA GLY D 139 9.50 -14.45 -34.17
C GLY D 139 8.72 -15.68 -34.60
N GLY D 140 7.41 -15.65 -34.33
CA GLY D 140 6.57 -16.77 -34.68
C GLY D 140 6.94 -18.12 -34.06
N ALA D 141 6.89 -18.19 -32.72
CA ALA D 141 7.18 -19.45 -32.01
C ALA D 141 5.81 -20.10 -31.81
N LYS D 142 5.77 -21.34 -31.30
CA LYS D 142 4.49 -22.01 -31.09
C LYS D 142 3.81 -21.61 -29.76
N THR D 143 2.67 -20.92 -29.86
CA THR D 143 1.91 -20.47 -28.68
C THR D 143 0.88 -21.51 -28.25
N ILE D 144 1.11 -22.09 -27.08
CA ILE D 144 0.21 -23.13 -26.59
C ILE D 144 -0.35 -22.80 -25.21
N VAL D 145 -1.68 -22.94 -25.08
CA VAL D 145 -2.40 -22.72 -23.82
C VAL D 145 -3.03 -24.05 -23.34
N MET D 146 -2.38 -24.69 -22.37
CA MET D 146 -2.84 -25.97 -21.78
C MET D 146 -4.33 -25.97 -21.53
N GLY D 147 -5.00 -26.95 -22.09
CA GLY D 147 -6.44 -27.03 -21.94
C GLY D 147 -7.16 -26.44 -23.13
N VAL D 148 -6.41 -25.84 -24.05
CA VAL D 148 -7.03 -25.25 -25.24
C VAL D 148 -6.48 -25.78 -26.57
N ASN D 149 -5.16 -25.94 -26.67
CA ASN D 149 -4.57 -26.40 -27.91
C ASN D 149 -3.23 -27.13 -27.76
N GLN D 150 -2.96 -27.71 -26.59
CA GLN D 150 -1.69 -28.42 -26.37
C GLN D 150 -1.50 -29.57 -27.35
N HIS D 151 -2.62 -30.13 -27.80
CA HIS D 151 -2.61 -31.23 -28.76
C HIS D 151 -1.89 -30.80 -30.04
N GLU D 152 -2.06 -29.53 -30.39
CA GLU D 152 -1.44 -28.97 -31.59
C GLU D 152 0.08 -28.99 -31.57
N TYR D 153 0.69 -29.38 -30.45
CA TYR D 153 2.13 -29.43 -30.37
C TYR D 153 2.69 -30.43 -31.36
N SER D 154 3.82 -30.08 -31.96
CA SER D 154 4.47 -30.94 -32.94
C SER D 154 5.93 -31.18 -32.55
N PRO D 155 6.23 -32.40 -32.09
CA PRO D 155 7.59 -32.80 -31.66
C PRO D 155 8.63 -32.59 -32.77
N ALA D 156 8.18 -32.58 -34.01
CA ALA D 156 9.06 -32.41 -35.16
C ALA D 156 9.23 -30.96 -35.59
N SER D 157 8.13 -30.24 -35.74
CA SER D 157 8.21 -28.85 -36.18
C SER D 157 8.61 -27.93 -35.02
N HIS D 158 7.78 -27.92 -33.98
CA HIS D 158 7.94 -27.07 -32.81
C HIS D 158 9.06 -27.42 -31.81
N HIS D 159 10.03 -26.51 -31.70
CA HIS D 159 11.17 -26.69 -30.79
C HIS D 159 11.36 -25.55 -29.80
N VAL D 160 10.66 -24.45 -30.07
CA VAL D 160 10.66 -23.25 -29.20
C VAL D 160 9.18 -22.90 -28.98
N VAL D 161 8.61 -23.41 -27.88
CA VAL D 161 7.20 -23.20 -27.55
C VAL D 161 7.05 -22.07 -26.54
N SER D 162 5.91 -21.38 -26.63
CA SER D 162 5.56 -20.28 -25.74
C SER D 162 4.27 -20.60 -24.98
N ASN D 163 4.36 -20.52 -23.65
CA ASN D 163 3.23 -20.82 -22.79
C ASN D 163 2.28 -19.64 -22.62
N ALA D 164 2.28 -18.72 -23.59
CA ALA D 164 1.41 -17.56 -23.51
C ALA D 164 1.68 -16.79 -22.23
N SER D 165 0.75 -15.91 -21.85
CA SER D 165 0.91 -15.10 -20.65
C SER D 165 -0.09 -15.49 -19.60
N CYS D 166 0.09 -14.94 -18.41
CA CYS D 166 -0.81 -15.20 -17.31
C CYS D 166 -2.25 -14.78 -17.66
N THR D 167 -2.42 -13.59 -18.22
CA THR D 167 -3.76 -13.13 -18.58
C THR D 167 -4.31 -13.97 -19.73
N THR D 168 -3.41 -14.50 -20.57
CA THR D 168 -3.82 -15.37 -21.68
C THR D 168 -4.32 -16.71 -21.15
N ASN D 169 -3.58 -17.32 -20.23
CA ASN D 169 -3.99 -18.59 -19.63
C ASN D 169 -5.30 -18.49 -18.83
N CYS D 170 -5.79 -17.27 -18.64
CA CYS D 170 -7.04 -17.07 -17.94
C CYS D 170 -8.16 -16.79 -18.93
N LEU D 171 -7.89 -15.95 -19.92
CA LEU D 171 -8.92 -15.61 -20.87
C LEU D 171 -9.20 -16.73 -21.83
N ALA D 172 -8.13 -17.34 -22.36
CA ALA D 172 -8.24 -18.44 -23.33
C ALA D 172 -9.21 -19.55 -22.94
N PRO D 173 -9.09 -20.11 -21.72
CA PRO D 173 -9.97 -21.18 -21.27
C PRO D 173 -11.44 -20.79 -21.36
N ILE D 174 -11.75 -19.57 -20.93
CA ILE D 174 -13.12 -19.08 -20.97
C ILE D 174 -13.57 -18.94 -22.42
N VAL D 175 -12.70 -18.39 -23.28
CA VAL D 175 -13.02 -18.19 -24.69
C VAL D 175 -13.25 -19.54 -25.35
N HIS D 176 -12.53 -20.55 -24.86
CA HIS D 176 -12.67 -21.89 -25.41
C HIS D 176 -14.07 -22.45 -25.19
N VAL D 177 -14.51 -22.53 -23.94
CA VAL D 177 -15.83 -23.06 -23.66
C VAL D 177 -16.94 -22.19 -24.27
N LEU D 178 -16.70 -20.90 -24.39
CA LEU D 178 -17.73 -20.03 -24.98
C LEU D 178 -17.98 -20.45 -26.42
N THR D 179 -16.91 -20.79 -27.13
CA THR D 179 -17.01 -21.23 -28.51
C THR D 179 -17.49 -22.67 -28.59
N LYS D 180 -16.79 -23.55 -27.87
CA LYS D 180 -17.14 -24.96 -27.86
C LYS D 180 -18.58 -25.21 -27.41
N GLU D 181 -19.11 -24.37 -26.53
CA GLU D 181 -20.49 -24.51 -26.08
C GLU D 181 -21.46 -23.80 -27.00
N ASN D 182 -20.98 -23.41 -28.17
CA ASN D 182 -21.80 -22.76 -29.17
C ASN D 182 -22.51 -21.43 -28.81
N PHE D 183 -21.92 -20.66 -27.90
CA PHE D 183 -22.49 -19.35 -27.56
C PHE D 183 -21.95 -18.33 -28.57
N GLY D 184 -20.72 -18.60 -29.00
CA GLY D 184 -20.04 -17.76 -29.98
C GLY D 184 -19.78 -16.33 -29.56
N ILE D 185 -18.62 -15.83 -29.97
CA ILE D 185 -18.22 -14.47 -29.67
C ILE D 185 -18.04 -13.68 -30.95
N GLU D 186 -18.92 -12.71 -31.15
CA GLU D 186 -18.92 -11.85 -32.32
C GLU D 186 -17.77 -10.85 -32.25
N THR D 187 -17.87 -9.96 -31.27
CA THR D 187 -16.87 -8.92 -31.02
C THR D 187 -16.69 -8.84 -29.50
N GLY D 188 -15.45 -8.69 -29.05
CA GLY D 188 -15.18 -8.62 -27.62
C GLY D 188 -13.98 -7.78 -27.14
N LEU D 189 -14.21 -7.08 -26.04
CA LEU D 189 -13.22 -6.19 -25.43
C LEU D 189 -13.02 -6.60 -23.98
N MET D 190 -11.77 -6.68 -23.52
CA MET D 190 -11.53 -7.07 -22.14
C MET D 190 -10.50 -6.26 -21.37
N THR D 191 -10.69 -6.13 -20.06
CA THR D 191 -9.80 -5.39 -19.19
C THR D 191 -9.36 -6.36 -18.11
N THR D 192 -8.13 -6.22 -17.62
CA THR D 192 -7.68 -7.07 -16.54
C THR D 192 -7.10 -6.20 -15.45
N ILE D 193 -7.68 -6.22 -14.25
CA ILE D 193 -7.17 -5.43 -13.14
C ILE D 193 -6.05 -6.32 -12.65
N HIS D 194 -4.81 -5.92 -12.90
CA HIS D 194 -3.65 -6.74 -12.62
C HIS D 194 -2.77 -6.26 -11.50
N SER D 195 -2.17 -7.22 -10.80
CA SER D 195 -1.24 -6.86 -9.74
C SER D 195 0.01 -6.41 -10.46
N TYR D 196 0.86 -5.64 -9.79
CA TYR D 196 2.11 -5.18 -10.39
C TYR D 196 3.20 -6.25 -10.42
N THR D 197 4.22 -6.05 -11.26
CA THR D 197 5.27 -7.04 -11.40
C THR D 197 6.71 -6.54 -11.26
N ALA D 198 7.67 -7.44 -11.48
CA ALA D 198 9.06 -7.05 -11.34
C ALA D 198 9.42 -5.97 -12.29
N THR D 199 8.68 -5.86 -13.38
CA THR D 199 8.98 -4.84 -14.36
C THR D 199 8.51 -3.44 -14.00
N GLN D 200 7.76 -3.27 -12.91
CA GLN D 200 7.33 -1.93 -12.56
C GLN D 200 8.29 -1.32 -11.55
N LYS D 201 8.14 -0.02 -11.28
CA LYS D 201 9.03 0.68 -10.36
C LYS D 201 8.39 1.02 -9.03
N THR D 202 9.19 1.08 -7.98
CA THR D 202 8.64 1.43 -6.66
C THR D 202 8.31 2.89 -6.64
N VAL D 203 9.17 3.68 -7.29
CA VAL D 203 9.00 5.13 -7.40
C VAL D 203 9.09 5.52 -8.87
N ASP D 204 8.62 6.73 -9.19
CA ASP D 204 8.64 7.23 -10.58
C ASP D 204 10.05 7.22 -11.21
N GLY D 205 10.31 6.22 -12.02
CA GLY D 205 11.60 6.07 -12.67
C GLY D 205 11.48 5.90 -14.17
N VAL D 206 12.47 5.23 -14.76
CA VAL D 206 12.51 5.06 -16.21
C VAL D 206 11.82 3.81 -16.75
N SER D 207 11.03 4.02 -17.79
CA SER D 207 10.33 2.96 -18.53
C SER D 207 10.16 3.54 -19.93
N LEU D 208 11.24 3.52 -20.72
CA LEU D 208 11.25 4.08 -22.08
C LEU D 208 10.19 3.49 -23.04
N LYS D 209 9.83 2.23 -22.86
CA LYS D 209 8.83 1.55 -23.70
C LYS D 209 7.41 2.03 -23.39
N ASP D 210 6.96 1.82 -22.16
CA ASP D 210 5.62 2.23 -21.76
C ASP D 210 5.79 3.36 -20.76
N TRP D 211 5.39 4.57 -21.17
CA TRP D 211 5.53 5.73 -20.32
C TRP D 211 4.85 5.68 -18.97
N ARG D 212 3.59 5.24 -18.97
CA ARG D 212 2.82 5.14 -17.74
C ARG D 212 3.40 4.09 -16.80
N GLY D 213 3.85 2.99 -17.39
CA GLY D 213 4.39 1.87 -16.64
C GLY D 213 5.63 2.12 -15.82
N GLY D 214 6.14 3.34 -15.84
CA GLY D 214 7.32 3.66 -15.06
C GLY D 214 6.95 4.36 -13.77
N ARG D 215 5.68 4.67 -13.61
CA ARG D 215 5.21 5.38 -12.41
C ARG D 215 5.15 4.50 -11.18
N ALA D 216 5.09 5.15 -10.01
CA ALA D 216 5.05 4.48 -8.70
C ALA D 216 4.03 3.37 -8.80
N ALA D 217 4.50 2.13 -8.70
CA ALA D 217 3.67 0.95 -8.84
C ALA D 217 2.59 0.79 -7.80
N ALA D 218 3.02 0.80 -6.53
CA ALA D 218 2.11 0.61 -5.41
C ALA D 218 1.38 1.86 -4.94
N VAL D 219 1.30 2.87 -5.80
CA VAL D 219 0.65 4.09 -5.42
C VAL D 219 -0.30 4.66 -6.45
N ASN D 220 -0.43 3.98 -7.59
CA ASN D 220 -1.28 4.46 -8.67
C ASN D 220 -2.07 3.34 -9.34
N ILE D 221 -3.09 3.75 -10.10
CA ILE D 221 -3.87 2.83 -10.94
C ILE D 221 -3.18 3.25 -12.28
N ILE D 222 -2.39 2.34 -12.84
CA ILE D 222 -1.61 2.58 -14.05
C ILE D 222 -2.15 1.86 -15.28
N PRO D 223 -2.79 2.59 -16.24
CA PRO D 223 -3.34 1.95 -17.45
C PRO D 223 -2.13 1.43 -18.18
N SER D 224 -2.20 0.21 -18.69
CA SER D 224 -1.06 -0.38 -19.36
C SER D 224 -1.58 -1.33 -20.43
N THR D 225 -0.89 -2.42 -20.64
CA THR D 225 -1.33 -3.35 -21.64
C THR D 225 -1.11 -4.80 -21.24
N THR D 226 -1.80 -5.67 -21.96
CA THR D 226 -1.76 -7.11 -21.70
C THR D 226 -1.36 -7.97 -22.88
N GLY D 227 -0.54 -8.98 -22.58
CA GLY D 227 -0.08 -9.92 -23.59
C GLY D 227 -1.25 -10.65 -24.21
N ALA D 228 -2.19 -11.03 -23.36
CA ALA D 228 -3.38 -11.76 -23.76
C ALA D 228 -4.05 -11.11 -24.96
N ALA D 229 -3.84 -9.82 -25.12
CA ALA D 229 -4.42 -9.09 -26.25
C ALA D 229 -4.10 -9.81 -27.56
N LYS D 230 -2.82 -10.02 -27.82
CA LYS D 230 -2.41 -10.69 -29.03
C LYS D 230 -2.53 -12.20 -28.89
N ALA D 231 -1.74 -12.77 -27.97
CA ALA D 231 -1.68 -14.20 -27.71
C ALA D 231 -2.97 -15.02 -27.80
N VAL D 232 -4.10 -14.40 -27.47
CA VAL D 232 -5.38 -15.11 -27.52
C VAL D 232 -5.67 -15.66 -28.91
N GLY D 233 -5.50 -14.82 -29.93
CA GLY D 233 -5.75 -15.23 -31.30
C GLY D 233 -4.85 -16.32 -31.81
N MET D 234 -3.62 -16.36 -31.29
CA MET D 234 -2.64 -17.35 -31.69
C MET D 234 -2.91 -18.74 -31.14
N VAL D 235 -3.95 -18.86 -30.32
CA VAL D 235 -4.32 -20.14 -29.72
C VAL D 235 -5.70 -20.55 -30.24
N ILE D 236 -6.60 -19.57 -30.33
CA ILE D 236 -7.96 -19.78 -30.86
C ILE D 236 -8.02 -18.80 -32.04
N PRO D 237 -7.53 -19.23 -33.21
CA PRO D 237 -7.49 -18.43 -34.44
C PRO D 237 -8.86 -17.87 -34.80
N SER D 238 -9.88 -18.56 -34.36
CA SER D 238 -11.25 -18.17 -34.63
C SER D 238 -11.55 -16.75 -34.11
N THR D 239 -10.81 -16.34 -33.08
CA THR D 239 -10.99 -15.03 -32.44
C THR D 239 -10.08 -13.90 -32.93
N LYS D 240 -9.15 -14.22 -33.83
CA LYS D 240 -8.21 -13.24 -34.36
C LYS D 240 -8.95 -12.05 -34.98
N GLY D 241 -8.63 -10.86 -34.49
CA GLY D 241 -9.24 -9.65 -34.98
C GLY D 241 -10.63 -9.32 -34.45
N LYS D 242 -11.17 -10.23 -33.63
CA LYS D 242 -12.50 -10.04 -33.05
C LYS D 242 -12.42 -9.83 -31.53
N LEU D 243 -11.21 -9.74 -31.00
CA LEU D 243 -11.02 -9.58 -29.57
C LEU D 243 -9.77 -8.78 -29.31
N THR D 244 -9.86 -7.84 -28.36
CA THR D 244 -8.74 -6.98 -27.96
C THR D 244 -8.97 -6.53 -26.51
N GLY D 245 -7.91 -6.03 -25.86
CA GLY D 245 -8.03 -5.57 -24.47
C GLY D 245 -6.87 -4.81 -23.83
N MET D 246 -7.12 -4.26 -22.65
CA MET D 246 -6.14 -3.49 -21.90
C MET D 246 -6.06 -4.02 -20.49
N SER D 247 -5.11 -3.52 -19.71
CA SER D 247 -4.98 -3.94 -18.31
C SER D 247 -4.70 -2.74 -17.45
N PHE D 248 -5.27 -2.71 -16.24
CA PHE D 248 -5.00 -1.62 -15.32
C PHE D 248 -4.14 -2.22 -14.24
N ARG D 249 -2.92 -1.75 -14.05
CA ARG D 249 -2.05 -2.27 -13.01
C ARG D 249 -2.40 -1.59 -11.67
N VAL D 250 -2.71 -2.36 -10.62
CA VAL D 250 -3.08 -1.77 -9.33
C VAL D 250 -2.15 -2.24 -8.20
N PRO D 251 -2.11 -1.49 -7.09
CA PRO D 251 -1.29 -1.75 -5.91
C PRO D 251 -1.48 -3.08 -5.15
N THR D 252 -1.34 -4.22 -5.83
CA THR D 252 -1.44 -5.49 -5.12
C THR D 252 -0.30 -6.33 -5.64
N PRO D 253 0.44 -6.99 -4.75
CA PRO D 253 1.58 -7.82 -5.17
C PRO D 253 1.31 -9.08 -5.98
N ASP D 254 0.09 -9.61 -5.93
CA ASP D 254 -0.23 -10.83 -6.69
C ASP D 254 -1.75 -11.11 -6.78
N VAL D 255 -2.15 -11.83 -7.83
CA VAL D 255 -3.52 -12.20 -8.12
C VAL D 255 -4.22 -11.11 -8.93
N SER D 256 -4.78 -11.50 -10.06
CA SER D 256 -5.46 -10.54 -10.91
C SER D 256 -6.82 -11.04 -11.31
N VAL D 257 -7.59 -10.17 -11.94
CA VAL D 257 -8.93 -10.50 -12.38
C VAL D 257 -9.22 -10.00 -13.80
N VAL D 258 -9.78 -10.89 -14.62
CA VAL D 258 -10.16 -10.60 -16.00
C VAL D 258 -11.61 -10.18 -16.04
N ASP D 259 -11.90 -9.09 -16.73
CA ASP D 259 -13.24 -8.56 -16.82
C ASP D 259 -13.61 -8.46 -18.28
N LEU D 260 -14.05 -9.58 -18.85
CA LEU D 260 -14.45 -9.70 -20.27
C LEU D 260 -15.87 -9.26 -20.61
N THR D 261 -16.02 -8.48 -21.68
CA THR D 261 -17.33 -8.02 -22.15
C THR D 261 -17.41 -8.39 -23.62
N PHE D 262 -18.44 -9.12 -24.00
CA PHE D 262 -18.57 -9.56 -25.37
C PHE D 262 -19.99 -9.63 -25.85
N ARG D 263 -20.14 -9.92 -27.14
CA ARG D 263 -21.45 -10.06 -27.74
C ARG D 263 -21.53 -11.45 -28.33
N ALA D 264 -22.58 -12.18 -27.98
CA ALA D 264 -22.81 -13.55 -28.44
C ALA D 264 -23.31 -13.63 -29.87
N THR D 265 -23.03 -14.78 -30.51
CA THR D 265 -23.47 -15.02 -31.90
C THR D 265 -24.98 -15.23 -31.94
N ARG D 266 -25.48 -16.01 -30.99
CA ARG D 266 -26.91 -16.31 -30.89
C ARG D 266 -27.48 -15.75 -29.61
N ASP D 267 -28.82 -15.70 -29.54
CA ASP D 267 -29.50 -15.23 -28.34
C ASP D 267 -29.25 -16.27 -27.27
N THR D 268 -29.06 -15.81 -26.04
CA THR D 268 -28.78 -16.68 -24.91
C THR D 268 -28.95 -15.85 -23.64
N SER D 269 -28.62 -16.42 -22.49
CA SER D 269 -28.76 -15.70 -21.23
C SER D 269 -27.54 -15.88 -20.37
N ILE D 270 -27.45 -15.08 -19.31
CA ILE D 270 -26.31 -15.17 -18.42
C ILE D 270 -26.28 -16.47 -17.61
N GLN D 271 -27.46 -17.01 -17.32
CA GLN D 271 -27.59 -18.25 -16.57
C GLN D 271 -27.10 -19.41 -17.43
N GLU D 272 -27.45 -19.36 -18.70
CA GLU D 272 -27.05 -20.39 -19.66
C GLU D 272 -25.54 -20.51 -19.67
N ILE D 273 -24.89 -19.35 -19.72
CA ILE D 273 -23.44 -19.28 -19.73
C ILE D 273 -22.90 -19.73 -18.37
N ASP D 274 -23.50 -19.20 -17.31
CA ASP D 274 -23.08 -19.53 -15.95
C ASP D 274 -23.02 -21.04 -15.76
N LYS D 275 -24.08 -21.69 -16.25
CA LYS D 275 -24.24 -23.14 -16.17
C LYS D 275 -23.19 -23.90 -16.99
N ALA D 276 -22.94 -23.42 -18.22
CA ALA D 276 -21.97 -24.01 -19.15
C ALA D 276 -20.53 -23.90 -18.71
N ILE D 277 -20.21 -22.84 -17.98
CA ILE D 277 -18.85 -22.64 -17.50
C ILE D 277 -18.61 -23.54 -16.31
N LYS D 278 -19.66 -23.74 -15.49
CA LYS D 278 -19.57 -24.61 -14.30
C LYS D 278 -19.45 -26.05 -14.72
N LYS D 279 -20.22 -26.42 -15.72
CA LYS D 279 -20.24 -27.76 -16.27
C LYS D 279 -18.87 -28.03 -16.90
N ALA D 280 -18.41 -27.08 -17.71
CA ALA D 280 -17.12 -27.19 -18.37
C ALA D 280 -16.04 -27.36 -17.34
N ALA D 281 -16.16 -26.62 -16.25
CA ALA D 281 -15.20 -26.67 -15.17
C ALA D 281 -15.12 -28.05 -14.50
N GLN D 282 -16.25 -28.74 -14.45
CA GLN D 282 -16.32 -30.04 -13.83
C GLN D 282 -16.05 -31.18 -14.78
N THR D 283 -15.96 -30.86 -16.06
CA THR D 283 -15.74 -31.90 -17.06
C THR D 283 -14.43 -31.83 -17.83
N TYR D 284 -14.46 -31.20 -19.01
CA TYR D 284 -13.29 -31.11 -19.88
C TYR D 284 -12.23 -30.04 -19.58
N MET D 285 -12.56 -29.10 -18.70
CA MET D 285 -11.63 -28.03 -18.35
C MET D 285 -11.12 -28.21 -16.91
N LYS D 286 -11.52 -29.32 -16.29
CA LYS D 286 -11.11 -29.59 -14.91
C LYS D 286 -9.61 -29.41 -14.73
N GLY D 287 -9.24 -28.75 -13.64
CA GLY D 287 -7.82 -28.51 -13.37
C GLY D 287 -7.27 -27.26 -14.02
N ILE D 288 -7.98 -26.76 -15.03
CA ILE D 288 -7.59 -25.56 -15.77
C ILE D 288 -8.58 -24.44 -15.52
N LEU D 289 -9.84 -24.69 -15.78
CA LEU D 289 -10.84 -23.69 -15.50
C LEU D 289 -11.57 -24.19 -14.25
N GLY D 290 -11.75 -23.30 -13.28
CA GLY D 290 -12.46 -23.62 -12.06
C GLY D 290 -13.50 -22.55 -11.87
N PHE D 291 -14.25 -22.58 -10.78
CA PHE D 291 -15.23 -21.54 -10.57
C PHE D 291 -15.49 -21.35 -9.09
N THR D 292 -16.24 -20.30 -8.74
CA THR D 292 -16.57 -20.02 -7.35
C THR D 292 -17.94 -19.39 -7.23
N ASP D 293 -18.65 -19.79 -6.19
CA ASP D 293 -19.96 -19.24 -5.90
C ASP D 293 -19.88 -18.43 -4.63
N GLU D 294 -18.65 -18.29 -4.11
CA GLU D 294 -18.41 -17.53 -2.89
C GLU D 294 -18.14 -16.06 -3.14
N GLU D 295 -18.25 -15.27 -2.07
CA GLU D 295 -18.00 -13.84 -2.09
C GLU D 295 -16.52 -13.61 -1.77
N LEU D 296 -15.64 -13.96 -2.71
CA LEU D 296 -14.20 -13.85 -2.51
C LEU D 296 -13.58 -12.54 -3.02
N VAL D 297 -12.39 -12.21 -2.52
CA VAL D 297 -11.65 -11.02 -2.91
C VAL D 297 -10.26 -11.51 -3.28
N SER D 298 -9.46 -10.66 -3.90
CA SER D 298 -8.15 -11.08 -4.40
C SER D 298 -7.30 -12.02 -3.56
N ALA D 299 -7.13 -11.73 -2.28
CA ALA D 299 -6.29 -12.55 -1.41
C ALA D 299 -6.69 -14.01 -1.36
N ASP D 300 -7.98 -14.25 -1.51
CA ASP D 300 -8.49 -15.60 -1.46
C ASP D 300 -8.02 -16.51 -2.55
N PHE D 301 -7.42 -15.96 -3.61
CA PHE D 301 -6.96 -16.79 -4.71
C PHE D 301 -5.46 -17.08 -4.68
N ILE D 302 -4.74 -16.49 -3.74
CA ILE D 302 -3.31 -16.74 -3.68
C ILE D 302 -3.06 -18.25 -3.58
N ASN D 303 -2.06 -18.75 -4.29
CA ASN D 303 -1.72 -20.16 -4.30
C ASN D 303 -2.76 -21.09 -4.92
N ASP D 304 -3.66 -20.54 -5.72
CA ASP D 304 -4.68 -21.33 -6.43
C ASP D 304 -4.13 -21.63 -7.85
N ASN D 305 -3.81 -22.91 -8.09
CA ASN D 305 -3.26 -23.35 -9.37
C ASN D 305 -4.15 -23.45 -10.61
N ARG D 306 -5.43 -23.08 -10.52
CA ARG D 306 -6.31 -23.12 -11.70
C ARG D 306 -5.99 -21.95 -12.62
N SER D 307 -5.79 -22.24 -13.90
CA SER D 307 -5.47 -21.21 -14.89
C SER D 307 -6.45 -20.05 -14.82
N SER D 308 -7.70 -20.35 -14.49
CA SER D 308 -8.74 -19.33 -14.41
C SER D 308 -9.90 -19.81 -13.57
N VAL D 309 -10.32 -18.98 -12.61
CA VAL D 309 -11.43 -19.36 -11.75
C VAL D 309 -12.58 -18.36 -11.85
N TYR D 310 -13.57 -18.76 -12.63
CA TYR D 310 -14.79 -18.01 -12.89
C TYR D 310 -15.47 -17.54 -11.61
N ASP D 311 -15.96 -16.31 -11.59
CA ASP D 311 -16.62 -15.76 -10.41
C ASP D 311 -18.13 -15.73 -10.68
N SER D 312 -18.84 -16.77 -10.24
CA SER D 312 -20.28 -16.89 -10.45
C SER D 312 -21.12 -15.72 -9.96
N LYS D 313 -20.95 -15.34 -8.69
CA LYS D 313 -21.71 -14.23 -8.13
C LYS D 313 -21.43 -12.89 -8.81
N ALA D 314 -20.17 -12.51 -8.95
CA ALA D 314 -19.85 -11.23 -9.57
C ALA D 314 -20.44 -11.13 -10.98
N THR D 315 -20.43 -12.23 -11.71
CA THR D 315 -20.99 -12.22 -13.05
C THR D 315 -22.50 -12.15 -13.06
N LEU D 316 -23.15 -13.15 -12.44
CA LEU D 316 -24.60 -13.19 -12.39
C LEU D 316 -25.21 -11.87 -11.91
N GLN D 317 -24.64 -11.29 -10.88
CA GLN D 317 -25.18 -10.04 -10.33
C GLN D 317 -24.91 -8.79 -11.13
N ASN D 318 -23.92 -8.82 -12.02
CA ASN D 318 -23.57 -7.64 -12.79
C ASN D 318 -23.80 -7.66 -14.28
N ASN D 319 -24.94 -8.23 -14.69
CA ASN D 319 -25.30 -8.31 -16.09
C ASN D 319 -26.72 -7.78 -16.25
N LEU D 320 -27.05 -7.31 -17.46
CA LEU D 320 -28.38 -6.78 -17.72
C LEU D 320 -29.42 -7.88 -17.52
N PRO D 321 -30.57 -7.53 -16.93
CA PRO D 321 -31.66 -8.47 -16.66
C PRO D 321 -32.27 -8.98 -17.96
N GLY D 322 -32.67 -8.05 -18.82
CA GLY D 322 -33.25 -8.43 -20.08
C GLY D 322 -32.13 -8.38 -21.09
N GLU D 323 -31.45 -9.50 -21.28
CA GLU D 323 -30.34 -9.53 -22.23
C GLU D 323 -30.02 -10.90 -22.76
N LYS D 324 -29.81 -10.96 -24.07
CA LYS D 324 -29.50 -12.20 -24.74
C LYS D 324 -28.21 -12.17 -25.52
N ARG D 325 -27.54 -11.01 -25.54
CA ARG D 325 -26.31 -10.85 -26.31
C ARG D 325 -25.12 -10.22 -25.61
N PHE D 326 -25.31 -9.00 -25.11
CA PHE D 326 -24.27 -8.21 -24.42
C PHE D 326 -23.94 -8.70 -22.97
N PHE D 327 -22.84 -9.43 -22.81
CA PHE D 327 -22.51 -9.95 -21.50
C PHE D 327 -21.15 -9.59 -20.93
N LYS D 328 -20.99 -9.92 -19.64
CA LYS D 328 -19.78 -9.69 -18.87
C LYS D 328 -19.50 -10.97 -18.10
N VAL D 329 -18.23 -11.36 -18.02
CA VAL D 329 -17.83 -12.55 -17.30
C VAL D 329 -16.54 -12.22 -16.56
N VAL D 330 -16.59 -12.23 -15.22
CA VAL D 330 -15.43 -11.92 -14.38
C VAL D 330 -14.73 -13.22 -14.02
N SER D 331 -13.41 -13.21 -13.92
CA SER D 331 -12.68 -14.41 -13.55
C SER D 331 -11.31 -14.05 -12.99
N TRP D 332 -10.89 -14.75 -11.93
CA TRP D 332 -9.61 -14.48 -11.25
C TRP D 332 -8.53 -15.44 -11.65
N TYR D 333 -7.30 -15.13 -11.23
CA TYR D 333 -6.16 -15.99 -11.45
C TYR D 333 -4.97 -15.51 -10.67
N ASP D 334 -4.22 -16.45 -10.10
CA ASP D 334 -3.04 -16.07 -9.38
C ASP D 334 -1.98 -16.13 -10.47
N ASN D 335 -1.64 -14.96 -11.01
CA ASN D 335 -0.67 -14.84 -12.10
C ASN D 335 0.72 -15.46 -11.94
N GLU D 336 1.20 -15.66 -10.72
CA GLU D 336 2.52 -16.25 -10.58
C GLU D 336 2.44 -17.74 -10.39
N TRP D 337 1.38 -18.15 -9.66
CA TRP D 337 1.15 -19.56 -9.32
C TRP D 337 0.58 -20.42 -10.41
N ALA D 338 -0.69 -20.20 -10.75
CA ALA D 338 -1.33 -20.99 -11.78
C ALA D 338 -0.47 -21.11 -13.04
N TYR D 339 -0.05 -19.96 -13.58
CA TYR D 339 0.78 -19.91 -14.78
C TYR D 339 2.02 -20.81 -14.63
N SER D 340 2.70 -20.71 -13.49
CA SER D 340 3.87 -21.54 -13.24
C SER D 340 3.49 -23.01 -13.33
N HIS D 341 2.32 -23.35 -12.80
CA HIS D 341 1.88 -24.74 -12.80
C HIS D 341 1.57 -25.18 -14.22
N ARG D 342 1.12 -24.26 -15.06
CA ARG D 342 0.86 -24.60 -16.44
C ARG D 342 2.19 -24.87 -17.19
N VAL D 343 3.24 -24.13 -16.84
CA VAL D 343 4.55 -24.30 -17.48
C VAL D 343 5.01 -25.73 -17.30
N VAL D 344 4.95 -26.21 -16.06
CA VAL D 344 5.36 -27.58 -15.77
C VAL D 344 4.53 -28.57 -16.55
N ASP D 345 3.22 -28.31 -16.65
CA ASP D 345 2.33 -29.19 -17.41
C ASP D 345 2.80 -29.26 -18.84
N LEU D 346 3.05 -28.10 -19.45
CA LEU D 346 3.49 -28.05 -20.85
C LEU D 346 4.76 -28.88 -21.07
N VAL D 347 5.73 -28.69 -20.19
CA VAL D 347 6.99 -29.43 -20.27
C VAL D 347 6.68 -30.92 -20.27
N ARG D 348 6.08 -31.43 -19.19
CA ARG D 348 5.74 -32.85 -19.07
C ARG D 348 4.95 -33.40 -20.26
N TYR D 349 4.03 -32.60 -20.77
CA TYR D 349 3.21 -33.00 -21.92
C TYR D 349 4.07 -33.04 -23.15
N MET D 350 4.94 -32.04 -23.27
CA MET D 350 5.83 -31.97 -24.41
C MET D 350 6.75 -33.19 -24.38
N ALA D 351 7.22 -33.54 -23.19
CA ALA D 351 8.12 -34.67 -23.03
C ALA D 351 7.44 -35.97 -23.41
N ALA D 352 6.12 -35.99 -23.29
CA ALA D 352 5.36 -37.19 -23.63
C ALA D 352 5.31 -37.37 -25.13
N LYS D 353 4.99 -36.29 -25.84
CA LYS D 353 4.91 -36.34 -27.31
C LYS D 353 6.30 -36.53 -27.94
N ASP D 354 7.33 -36.09 -27.22
CA ASP D 354 8.70 -36.21 -27.68
C ASP D 354 9.24 -37.61 -27.52
N ALA D 355 8.60 -38.37 -26.63
CA ALA D 355 8.97 -39.76 -26.37
C ALA D 355 8.32 -40.63 -27.45
N ALA D 356 7.18 -40.17 -27.95
CA ALA D 356 6.50 -40.87 -29.01
C ALA D 356 7.39 -40.64 -30.23
N SER D 357 7.57 -39.38 -30.59
CA SER D 357 8.39 -39.01 -31.73
C SER D 357 9.80 -38.56 -31.35
N SER D 358 10.06 -37.25 -31.51
CA SER D 358 11.36 -36.65 -31.21
C SER D 358 11.24 -35.15 -30.86
P PO4 E . -19.92 4.73 -6.62
O1 PO4 E . -19.25 3.36 -6.72
O2 PO4 E . -20.94 4.81 -5.51
O3 PO4 E . -18.79 5.69 -6.39
O4 PO4 E . -20.68 5.16 -7.81
P PO4 F . -18.76 5.21 -0.23
O1 PO4 F . -18.17 5.31 1.15
O2 PO4 F . -18.15 6.21 -1.18
O3 PO4 F . -18.53 3.88 -0.90
O4 PO4 F . -20.22 5.45 -0.10
PA NAD G . -16.97 10.25 5.85
O1A NAD G . -17.17 9.04 6.67
O2A NAD G . -15.57 10.82 5.86
O5B NAD G . -18.09 11.37 6.24
C5B NAD G . -19.13 11.02 7.15
C4B NAD G . -19.03 11.92 8.37
O4B NAD G . -20.36 12.09 8.87
C3B NAD G . -18.24 11.46 9.60
O3B NAD G . -17.50 12.60 10.10
C2B NAD G . -19.30 11.15 10.64
O2B NAD G . -18.99 11.41 11.99
C1B NAD G . -20.26 12.18 10.29
N9A NAD G . -21.53 11.86 10.84
C8A NAD G . -22.08 10.64 10.93
N7A NAD G . -23.27 10.76 11.54
C5A NAD G . -23.42 12.06 11.78
C6A NAD G . -24.49 12.69 12.43
N6A NAD G . -25.55 12.05 12.93
N1A NAD G . -24.42 14.03 12.53
C2A NAD G . -23.37 14.71 12.05
N3A NAD G . -22.31 14.10 11.48
C4A NAD G . -22.32 12.77 11.34
O3 NAD G . -17.61 9.86 4.42
PN NAD G . -17.68 10.45 2.94
O1N NAD G . -16.99 9.47 2.08
O2N NAD G . -17.30 11.87 3.04
O5D NAD G . -19.21 10.45 2.52
C5D NAD G . -20.07 11.58 2.60
C4D NAD G . -21.20 11.05 1.75
O4D NAD G . -20.82 11.33 0.41
C3D NAD G . -21.50 9.56 1.71
O3D NAD G . -22.90 9.35 1.59
C2D NAD G . -20.86 9.05 0.43
O2D NAD G . -21.52 7.94 -0.18
C1D NAD G . -21.01 10.23 -0.44
N1N NAD G . -19.91 10.34 -1.39
C2N NAD G . -18.59 10.06 -1.01
C3N NAD G . -17.60 10.12 -1.98
C7N NAD G . -16.19 9.67 -1.70
O7N NAD G . -15.72 8.85 -2.47
N7N NAD G . -15.58 10.18 -0.65
C4N NAD G . -17.90 10.56 -3.27
C5N NAD G . -19.21 10.82 -3.65
C6N NAD G . -20.23 10.70 -2.70
P PO4 H . 0.60 -2.04 21.72
O1 PO4 H . 1.13 -0.78 21.02
O2 PO4 H . -0.79 -1.77 22.36
O3 PO4 H . 0.50 -3.27 20.76
O4 PO4 H . 1.62 -2.30 22.83
P PO4 I . -5.97 -2.06 18.62
O1 PO4 I . -7.00 -2.67 17.64
O2 PO4 I . -4.59 -2.74 18.60
O3 PO4 I . -5.76 -0.59 18.36
O4 PO4 I . -6.50 -2.13 20.03
PA NAD J . -11.84 -6.04 15.98
O1A NAD J . -12.52 -4.69 15.96
O2A NAD J . -11.47 -6.75 14.72
O5B NAD J . -12.54 -7.06 17.01
C5B NAD J . -13.35 -6.44 18.01
C4B NAD J . -14.72 -6.99 17.62
O4B NAD J . -15.67 -6.76 18.71
C3B NAD J . -15.37 -6.56 16.29
O3B NAD J . -15.65 -7.68 15.47
C2B NAD J . -16.71 -6.02 16.77
O2B NAD J . -17.80 -6.26 15.92
C1B NAD J . -16.96 -6.75 18.07
N9A NAD J . -17.71 -5.92 19.02
C8A NAD J . -17.65 -4.58 19.18
N7A NAD J . -18.46 -4.16 20.16
C5A NAD J . -19.02 -5.29 20.59
C6A NAD J . -19.95 -5.34 21.61
N6A NAD J . -20.40 -4.26 22.27
N1A NAD J . -20.36 -6.60 21.88
C2A NAD J . -19.92 -7.69 21.23
N3A NAD J . -19.03 -7.63 20.23
C4A NAD J . -18.57 -6.41 19.91
O3 NAD J . -10.48 -5.64 16.71
PN NAD J . -9.35 -6.54 17.40
O1N NAD J . -7.98 -6.25 16.76
O2N NAD J . -10.00 -7.92 17.58
O5D NAD J . -9.32 -5.72 18.82
C5D NAD J . -10.02 -6.10 20.02
C4D NAD J . -9.01 -6.00 21.17
O4D NAD J . -8.00 -7.01 20.88
C3D NAD J . -8.33 -4.61 21.21
O3D NAD J . -8.33 -4.03 22.51
C2D NAD J . -6.89 -4.90 20.92
O2D NAD J . -5.91 -4.08 21.62
C1D NAD J . -6.89 -6.31 21.44
N1N NAD J . -5.67 -6.88 20.92
C2N NAD J . -5.48 -6.77 19.54
C3N NAD J . -4.20 -6.78 19.01
C7N NAD J . -4.02 -6.47 17.53
O7N NAD J . -2.87 -6.26 17.16
N7N NAD J . -5.14 -6.44 16.78
C4N NAD J . -3.08 -7.02 19.81
C5N NAD J . -3.30 -7.09 21.21
C6N NAD J . -4.58 -7.00 21.78
P PO4 K . 19.80 7.17 4.34
O1 PO4 K . 18.76 6.41 5.16
O2 PO4 K . 20.44 6.23 3.36
O3 PO4 K . 19.25 8.31 3.52
O4 PO4 K . 20.86 7.73 5.26
P PO4 L . 18.88 5.34 -1.89
O1 PO4 L . 18.02 5.65 -3.08
O2 PO4 L . 18.87 6.47 -0.90
O3 PO4 L . 18.34 4.14 -1.19
O4 PO4 L . 20.27 5.00 -2.36
PA NAD M . 17.04 7.28 -9.41
O1A NAD M . 17.07 5.92 -10.00
O2A NAD M . 15.75 8.01 -9.52
O5B NAD M . 18.21 8.22 -10.00
C5B NAD M . 19.24 7.66 -10.82
C4B NAD M . 19.09 8.15 -12.23
O4B NAD M . 20.37 7.85 -12.82
C3B NAD M . 18.07 7.31 -12.96
O3B NAD M . 17.07 8.07 -13.68
C2B NAD M . 18.93 6.42 -13.85
O2B NAD M . 18.11 6.11 -15.00
C1B NAD M . 20.15 7.31 -14.11
N9A NAD M . 21.44 6.76 -14.58
C8A NAD M . 21.93 5.52 -14.49
N7A NAD M . 23.13 5.38 -15.04
C5A NAD M . 23.38 6.60 -15.48
C6A NAD M . 24.54 6.99 -16.15
N6A NAD M . 25.55 6.17 -16.43
N1A NAD M . 24.58 8.28 -16.50
C2A NAD M . 23.57 9.12 -16.23
N3A NAD M . 22.45 8.75 -15.60
C4A NAD M . 22.34 7.48 -15.21
O3 NAD M . 17.49 7.10 -7.89
PN NAD M . 17.67 8.17 -6.71
O1N NAD M . 17.04 7.56 -5.48
O2N NAD M . 17.39 9.51 -7.32
O5D NAD M . 19.30 8.13 -6.56
C5D NAD M . 20.17 9.32 -6.57
C4D NAD M . 21.38 9.11 -5.61
O4D NAD M . 21.35 10.09 -4.53
C3D NAD M . 21.34 7.71 -4.96
O3D NAD M . 22.65 7.20 -4.71
C2D NAD M . 20.58 7.98 -3.69
O2D NAD M . 21.00 7.19 -2.58
C1D NAD M . 20.94 9.39 -3.34
N1N NAD M . 19.79 10.03 -2.69
C2N NAD M . 18.44 9.54 -2.78
C3N NAD M . 17.45 10.11 -1.97
C7N NAD M . 15.98 9.67 -1.91
O7N NAD M . 15.34 9.79 -0.85
N7N NAD M . 15.42 9.19 -3.02
C4N NAD M . 17.82 11.16 -1.12
C5N NAD M . 19.14 11.64 -1.03
C6N NAD M . 20.14 11.07 -1.83
P PO4 N . -0.18 -10.36 -19.39
O1 PO4 N . -1.09 -9.25 -18.91
O2 PO4 N . 0.81 -9.88 -20.46
O3 PO4 N . 0.64 -10.93 -18.22
O4 PO4 N . -1.11 -11.37 -20.02
P PO4 O . 5.43 -8.56 -16.70
O1 PO4 O . 6.67 -8.68 -15.84
O2 PO4 O . 4.44 -9.62 -16.28
O3 PO4 O . 4.87 -7.19 -16.45
O4 PO4 O . 5.61 -8.71 -18.19
PA NAD P . 11.71 -11.57 -12.74
O1A NAD P . 12.34 -10.20 -12.71
O2A NAD P . 11.23 -12.14 -11.43
O5B NAD P . 12.61 -12.61 -13.64
C5B NAD P . 13.86 -12.14 -14.24
C4B NAD P . 14.92 -12.94 -13.47
O4B NAD P . 15.93 -13.42 -14.41
C3B NAD P . 15.75 -12.18 -12.42
O3B NAD P . 16.29 -13.15 -11.50
C2B NAD P . 16.92 -11.60 -13.23
O2B NAD P . 18.01 -11.33 -12.38
C1B NAD P . 17.19 -12.84 -14.01
N9A NAD P . 17.90 -12.58 -15.23
C8A NAD P . 17.92 -11.46 -15.97
N7A NAD P . 18.74 -11.67 -17.01
C5A NAD P . 19.19 -12.92 -16.87
C6A NAD P . 20.07 -13.57 -17.72
N6A NAD P . 20.57 -13.00 -18.82
N1A NAD P . 20.38 -14.85 -17.34
C2A NAD P . 19.89 -15.43 -16.23
N3A NAD P . 19.02 -14.79 -15.44
C4A NAD P . 18.68 -13.53 -15.74
O3 NAD P . 10.43 -11.61 -13.75
PN NAD P . 9.21 -12.69 -13.66
O1N NAD P . 8.14 -12.14 -12.77
O2N NAD P . 9.95 -13.99 -13.36
O5D NAD P . 8.65 -12.70 -15.20
C5D NAD P . 9.69 -13.21 -16.08
C4D NAD P . 9.13 -13.58 -17.45
O4D NAD P . 8.02 -14.53 -17.33
C3D NAD P . 8.62 -12.43 -18.27
O3D NAD P . 8.79 -12.87 -19.62
C2D NAD P . 7.18 -12.40 -17.81
O2D NAD P . 6.19 -11.88 -18.71
C1D NAD P . 6.78 -13.85 -17.64
N1N NAD P . 5.67 -14.10 -16.69
C2N NAD P . 5.54 -13.48 -15.43
C3N NAD P . 4.32 -13.57 -14.73
C7N NAD P . 4.04 -12.95 -13.36
O7N NAD P . 2.94 -12.43 -13.13
N7N NAD P . 4.99 -12.99 -12.44
C4N NAD P . 3.29 -14.26 -15.32
C5N NAD P . 3.42 -14.88 -16.56
C6N NAD P . 4.62 -14.80 -17.24
#